data_4BDX
# 
_entry.id   4BDX 
# 
_audit_conform.dict_name       mmcif_pdbx.dic 
_audit_conform.dict_version    5.398 
_audit_conform.dict_location   http://mmcif.pdb.org/dictionaries/ascii/mmcif_pdbx.dic 
# 
loop_
_database_2.database_id 
_database_2.database_code 
_database_2.pdbx_database_accession 
_database_2.pdbx_DOI 
PDB   4BDX         pdb_00004bdx 10.2210/pdb4bdx/pdb 
PDBE  EBI-54393    ?            ?                   
WWPDB D_1290054393 ?            ?                   
# 
loop_
_pdbx_audit_revision_history.ordinal 
_pdbx_audit_revision_history.data_content_type 
_pdbx_audit_revision_history.major_revision 
_pdbx_audit_revision_history.minor_revision 
_pdbx_audit_revision_history.revision_date 
1 'Structure model' 1 0 2013-02-13 
2 'Structure model' 1 1 2013-02-20 
3 'Structure model' 1 2 2013-04-17 
4 'Structure model' 1 3 2016-12-28 
5 'Structure model' 1 4 2017-07-12 
6 'Structure model' 1 5 2024-11-06 
# 
_pdbx_audit_revision_details.ordinal             1 
_pdbx_audit_revision_details.revision_ordinal    1 
_pdbx_audit_revision_details.data_content_type   'Structure model' 
_pdbx_audit_revision_details.provider            repository 
_pdbx_audit_revision_details.type                'Initial release' 
_pdbx_audit_revision_details.description         ? 
_pdbx_audit_revision_details.details             ? 
# 
loop_
_pdbx_audit_revision_group.ordinal 
_pdbx_audit_revision_group.revision_ordinal 
_pdbx_audit_revision_group.data_content_type 
_pdbx_audit_revision_group.group 
1  2 'Structure model' 'Database references'    
2  3 'Structure model' Other                    
3  3 'Structure model' 'Structure summary'      
4  4 'Structure model' 'Database references'    
5  5 'Structure model' 'Refinement description' 
6  6 'Structure model' 'Data collection'        
7  6 'Structure model' 'Database references'    
8  6 'Structure model' 'Derived calculations'   
9  6 'Structure model' Other                    
10 6 'Structure model' 'Structure summary'      
# 
loop_
_pdbx_audit_revision_category.ordinal 
_pdbx_audit_revision_category.revision_ordinal 
_pdbx_audit_revision_category.data_content_type 
_pdbx_audit_revision_category.category 
1 5 'Structure model' software                  
2 6 'Structure model' chem_comp_atom            
3 6 'Structure model' chem_comp_bond            
4 6 'Structure model' database_2                
5 6 'Structure model' pdbx_database_status      
6 6 'Structure model' pdbx_entry_details        
7 6 'Structure model' pdbx_modification_feature 
8 6 'Structure model' struct_site               
# 
loop_
_pdbx_audit_revision_item.ordinal 
_pdbx_audit_revision_item.revision_ordinal 
_pdbx_audit_revision_item.data_content_type 
_pdbx_audit_revision_item.item 
1 5 'Structure model' '_software.name'                       
2 6 'Structure model' '_database_2.pdbx_DOI'                 
3 6 'Structure model' '_database_2.pdbx_database_accession'  
4 6 'Structure model' '_pdbx_database_status.status_code_sf' 
5 6 'Structure model' '_struct_site.pdbx_auth_asym_id'       
6 6 'Structure model' '_struct_site.pdbx_auth_comp_id'       
7 6 'Structure model' '_struct_site.pdbx_auth_seq_id'        
# 
_pdbx_database_status.status_code                     REL 
_pdbx_database_status.entry_id                        4BDX 
_pdbx_database_status.deposit_site                    PDBE 
_pdbx_database_status.process_site                    PDBE 
_pdbx_database_status.SG_entry                        . 
_pdbx_database_status.recvd_initial_deposition_date   2012-10-08 
_pdbx_database_status.pdb_format_compatible           Y 
_pdbx_database_status.status_code_sf                  REL 
_pdbx_database_status.status_code_mr                  ? 
_pdbx_database_status.status_code_cs                  ? 
_pdbx_database_status.methods_development_category    ? 
_pdbx_database_status.status_code_nmr_data            ? 
# 
_pdbx_database_related.db_name        PDB 
_pdbx_database_related.db_id          4BDW 
_pdbx_database_related.content_type   unspecified 
_pdbx_database_related.details        
'THE STRUCTURE OF THE FNI-EGF TANDEM DOMAIN OF COAGULATION FACTOR XII IN COMPLEX WITH HOLMIUM' 
# 
loop_
_audit_author.name 
_audit_author.pdbx_ordinal 
'Beringer, D.X.'          1 
'Kroon-Batenburg, L.M.J.' 2 
# 
_citation.id                        primary 
_citation.title                     'The Structure of the Fni-Egf-Like Tandem Domain of Coagulation Factor Xii Solved Using Siras.' 
_citation.journal_abbrev            'Acta Crystallogr.,Sect.F' 
_citation.journal_volume            69 
_citation.page_first                94 
_citation.page_last                 ? 
_citation.year                      2013 
_citation.journal_id_ASTM           ? 
_citation.country                   DK 
_citation.journal_id_ISSN           1744-3091 
_citation.journal_id_CSD            ? 
_citation.book_publisher            ? 
_citation.pdbx_database_id_PubMed   23385745 
_citation.pdbx_database_id_DOI      10.1107/S1744309113000286 
# 
loop_
_citation_author.citation_id 
_citation_author.name 
_citation_author.ordinal 
_citation_author.identifier_ORCID 
primary 'Beringer, D.X.'          1 ? 
primary 'Kroon-Batenburg, L.M.J.' 2 ? 
# 
loop_
_entity.id 
_entity.type 
_entity.src_method 
_entity.pdbx_description 
_entity.formula_weight 
_entity.pdbx_number_of_molecules 
_entity.pdbx_ec 
_entity.pdbx_mutation 
_entity.pdbx_fragment 
_entity.details 
1 polymer     man 'COAGULATION FACTOR XIIA HEAVY CHAIN' 9538.882 1  3.4.21.38 ? 'FNI-EGF, RESIDUES 133-215' ? 
2 non-polymer syn 'ACETATE ION'                         59.044   1  ?         ? ?                           ? 
3 water       nat water                                 18.015   67 ?         ? ?                           ? 
# 
_entity_name_com.entity_id   1 
_entity_name_com.name        'COAGULATION FACTOR XII, HAGEMAN FACTOR, HAF' 
# 
_entity_poly.entity_id                      1 
_entity_poly.type                           'polypeptide(L)' 
_entity_poly.nstd_linkage                   no 
_entity_poly.nstd_monomer                   no 
_entity_poly.pdbx_seq_one_letter_code       
;GSEKCFEPQLLRFFHKNEIWYRTEQAAVARCQCKGPDAHCQRLASQACRTNPCLHGGRCLEVEGHRLCHCPVGYTGPFCD
VDTAA
;
_entity_poly.pdbx_seq_one_letter_code_can   
;GSEKCFEPQLLRFFHKNEIWYRTEQAAVARCQCKGPDAHCQRLASQACRTNPCLHGGRCLEVEGHRLCHCPVGYTGPFCD
VDTAA
;
_entity_poly.pdbx_strand_id                 A 
_entity_poly.pdbx_target_identifier         ? 
# 
loop_
_pdbx_entity_nonpoly.entity_id 
_pdbx_entity_nonpoly.name 
_pdbx_entity_nonpoly.comp_id 
2 'ACETATE ION' ACT 
3 water         HOH 
# 
loop_
_entity_poly_seq.entity_id 
_entity_poly_seq.num 
_entity_poly_seq.mon_id 
_entity_poly_seq.hetero 
1 1  GLY n 
1 2  SER n 
1 3  GLU n 
1 4  LYS n 
1 5  CYS n 
1 6  PHE n 
1 7  GLU n 
1 8  PRO n 
1 9  GLN n 
1 10 LEU n 
1 11 LEU n 
1 12 ARG n 
1 13 PHE n 
1 14 PHE n 
1 15 HIS n 
1 16 LYS n 
1 17 ASN n 
1 18 GLU n 
1 19 ILE n 
1 20 TRP n 
1 21 TYR n 
1 22 ARG n 
1 23 THR n 
1 24 GLU n 
1 25 GLN n 
1 26 ALA n 
1 27 ALA n 
1 28 VAL n 
1 29 ALA n 
1 30 ARG n 
1 31 CYS n 
1 32 GLN n 
1 33 CYS n 
1 34 LYS n 
1 35 GLY n 
1 36 PRO n 
1 37 ASP n 
1 38 ALA n 
1 39 HIS n 
1 40 CYS n 
1 41 GLN n 
1 42 ARG n 
1 43 LEU n 
1 44 ALA n 
1 45 SER n 
1 46 GLN n 
1 47 ALA n 
1 48 CYS n 
1 49 ARG n 
1 50 THR n 
1 51 ASN n 
1 52 PRO n 
1 53 CYS n 
1 54 LEU n 
1 55 HIS n 
1 56 GLY n 
1 57 GLY n 
1 58 ARG n 
1 59 CYS n 
1 60 LEU n 
1 61 GLU n 
1 62 VAL n 
1 63 GLU n 
1 64 GLY n 
1 65 HIS n 
1 66 ARG n 
1 67 LEU n 
1 68 CYS n 
1 69 HIS n 
1 70 CYS n 
1 71 PRO n 
1 72 VAL n 
1 73 GLY n 
1 74 TYR n 
1 75 THR n 
1 76 GLY n 
1 77 PRO n 
1 78 PHE n 
1 79 CYS n 
1 80 ASP n 
1 81 VAL n 
1 82 ASP n 
1 83 THR n 
1 84 ALA n 
1 85 ALA n 
# 
_entity_src_gen.entity_id                          1 
_entity_src_gen.pdbx_src_id                        1 
_entity_src_gen.pdbx_alt_source_flag               sample 
_entity_src_gen.pdbx_seq_type                      ? 
_entity_src_gen.pdbx_beg_seq_num                   ? 
_entity_src_gen.pdbx_end_seq_num                   ? 
_entity_src_gen.gene_src_common_name               ? 
_entity_src_gen.gene_src_genus                     ? 
_entity_src_gen.pdbx_gene_src_gene                 ? 
_entity_src_gen.gene_src_species                   ? 
_entity_src_gen.gene_src_strain                    ? 
_entity_src_gen.gene_src_tissue                    ? 
_entity_src_gen.gene_src_tissue_fraction           ? 
_entity_src_gen.gene_src_details                   ? 
_entity_src_gen.pdbx_gene_src_fragment             ? 
_entity_src_gen.pdbx_gene_src_scientific_name      'HOMO SAPIENS' 
_entity_src_gen.pdbx_gene_src_ncbi_taxonomy_id     9606 
_entity_src_gen.pdbx_gene_src_variant              ? 
_entity_src_gen.pdbx_gene_src_cell_line            ? 
_entity_src_gen.pdbx_gene_src_atcc                 ? 
_entity_src_gen.pdbx_gene_src_organ                ? 
_entity_src_gen.pdbx_gene_src_organelle            ? 
_entity_src_gen.pdbx_gene_src_cell                 ? 
_entity_src_gen.pdbx_gene_src_cellular_location    ? 
_entity_src_gen.host_org_common_name               ? 
_entity_src_gen.pdbx_host_org_scientific_name      'KOMAGATAELLA PASTORIS' 
_entity_src_gen.pdbx_host_org_ncbi_taxonomy_id     4922 
_entity_src_gen.host_org_genus                     ? 
_entity_src_gen.pdbx_host_org_gene                 ? 
_entity_src_gen.pdbx_host_org_organ                ? 
_entity_src_gen.host_org_species                   ? 
_entity_src_gen.pdbx_host_org_tissue               ? 
_entity_src_gen.pdbx_host_org_tissue_fraction      ? 
_entity_src_gen.pdbx_host_org_strain               X-33 
_entity_src_gen.pdbx_host_org_variant              ? 
_entity_src_gen.pdbx_host_org_cell_line            ? 
_entity_src_gen.pdbx_host_org_atcc                 ? 
_entity_src_gen.pdbx_host_org_culture_collection   ? 
_entity_src_gen.pdbx_host_org_cell                 ? 
_entity_src_gen.pdbx_host_org_organelle            ? 
_entity_src_gen.pdbx_host_org_cellular_location    ? 
_entity_src_gen.pdbx_host_org_vector_type          PLASMID 
_entity_src_gen.pdbx_host_org_vector               ? 
_entity_src_gen.host_org_details                   ? 
_entity_src_gen.expression_system_id               ? 
_entity_src_gen.plasmid_name                       PPICZALPHA 
_entity_src_gen.plasmid_details                    ? 
_entity_src_gen.pdbx_description                   ? 
# 
loop_
_chem_comp.id 
_chem_comp.type 
_chem_comp.mon_nstd_flag 
_chem_comp.name 
_chem_comp.pdbx_synonyms 
_chem_comp.formula 
_chem_comp.formula_weight 
ACT non-polymer         . 'ACETATE ION'   ? 'C2 H3 O2 -1'    59.044  
ALA 'L-peptide linking' y ALANINE         ? 'C3 H7 N O2'     89.093  
ARG 'L-peptide linking' y ARGININE        ? 'C6 H15 N4 O2 1' 175.209 
ASN 'L-peptide linking' y ASPARAGINE      ? 'C4 H8 N2 O3'    132.118 
ASP 'L-peptide linking' y 'ASPARTIC ACID' ? 'C4 H7 N O4'     133.103 
CYS 'L-peptide linking' y CYSTEINE        ? 'C3 H7 N O2 S'   121.158 
GLN 'L-peptide linking' y GLUTAMINE       ? 'C5 H10 N2 O3'   146.144 
GLU 'L-peptide linking' y 'GLUTAMIC ACID' ? 'C5 H9 N O4'     147.129 
GLY 'peptide linking'   y GLYCINE         ? 'C2 H5 N O2'     75.067  
HIS 'L-peptide linking' y HISTIDINE       ? 'C6 H10 N3 O2 1' 156.162 
HOH non-polymer         . WATER           ? 'H2 O'           18.015  
ILE 'L-peptide linking' y ISOLEUCINE      ? 'C6 H13 N O2'    131.173 
LEU 'L-peptide linking' y LEUCINE         ? 'C6 H13 N O2'    131.173 
LYS 'L-peptide linking' y LYSINE          ? 'C6 H15 N2 O2 1' 147.195 
PHE 'L-peptide linking' y PHENYLALANINE   ? 'C9 H11 N O2'    165.189 
PRO 'L-peptide linking' y PROLINE         ? 'C5 H9 N O2'     115.130 
SER 'L-peptide linking' y SERINE          ? 'C3 H7 N O3'     105.093 
THR 'L-peptide linking' y THREONINE       ? 'C4 H9 N O3'     119.119 
TRP 'L-peptide linking' y TRYPTOPHAN      ? 'C11 H12 N2 O2'  204.225 
TYR 'L-peptide linking' y TYROSINE        ? 'C9 H11 N O3'    181.189 
VAL 'L-peptide linking' y VALINE          ? 'C5 H11 N O2'    117.146 
# 
loop_
_pdbx_poly_seq_scheme.asym_id 
_pdbx_poly_seq_scheme.entity_id 
_pdbx_poly_seq_scheme.seq_id 
_pdbx_poly_seq_scheme.mon_id 
_pdbx_poly_seq_scheme.ndb_seq_num 
_pdbx_poly_seq_scheme.pdb_seq_num 
_pdbx_poly_seq_scheme.auth_seq_num 
_pdbx_poly_seq_scheme.pdb_mon_id 
_pdbx_poly_seq_scheme.auth_mon_id 
_pdbx_poly_seq_scheme.pdb_strand_id 
_pdbx_poly_seq_scheme.pdb_ins_code 
_pdbx_poly_seq_scheme.hetero 
A 1 1  GLY 1  1  ?  ?   ?   A . n 
A 1 2  SER 2  2  2  SER SER A . n 
A 1 3  GLU 3  3  3  GLU GLU A . n 
A 1 4  LYS 4  4  4  LYS LYS A . n 
A 1 5  CYS 5  5  5  CYS CYS A . n 
A 1 6  PHE 6  6  6  PHE PHE A . n 
A 1 7  GLU 7  7  7  GLU GLU A . n 
A 1 8  PRO 8  8  8  PRO PRO A . n 
A 1 9  GLN 9  9  9  GLN GLN A . n 
A 1 10 LEU 10 10 10 LEU LEU A . n 
A 1 11 LEU 11 11 11 LEU LEU A . n 
A 1 12 ARG 12 12 12 ARG ARG A . n 
A 1 13 PHE 13 13 13 PHE PHE A . n 
A 1 14 PHE 14 14 14 PHE PHE A . n 
A 1 15 HIS 15 15 15 HIS HIS A . n 
A 1 16 LYS 16 16 16 LYS LYS A . n 
A 1 17 ASN 17 17 17 ASN ASN A . n 
A 1 18 GLU 18 18 18 GLU GLU A . n 
A 1 19 ILE 19 19 19 ILE ILE A . n 
A 1 20 TRP 20 20 20 TRP TRP A . n 
A 1 21 TYR 21 21 21 TYR TYR A . n 
A 1 22 ARG 22 22 22 ARG ARG A . n 
A 1 23 THR 23 23 23 THR THR A . n 
A 1 24 GLU 24 24 24 GLU GLU A . n 
A 1 25 GLN 25 25 25 GLN GLN A . n 
A 1 26 ALA 26 26 26 ALA ALA A . n 
A 1 27 ALA 27 27 27 ALA ALA A . n 
A 1 28 VAL 28 28 28 VAL VAL A . n 
A 1 29 ALA 29 29 29 ALA ALA A . n 
A 1 30 ARG 30 30 30 ARG ARG A . n 
A 1 31 CYS 31 31 31 CYS CYS A . n 
A 1 32 GLN 32 32 32 GLN GLN A . n 
A 1 33 CYS 33 33 33 CYS CYS A . n 
A 1 34 LYS 34 34 34 LYS LYS A . n 
A 1 35 GLY 35 35 35 GLY GLY A . n 
A 1 36 PRO 36 36 36 PRO PRO A . n 
A 1 37 ASP 37 37 37 ASP ASP A . n 
A 1 38 ALA 38 38 38 ALA ALA A . n 
A 1 39 HIS 39 39 39 HIS HIS A . n 
A 1 40 CYS 40 40 40 CYS CYS A . n 
A 1 41 GLN 41 41 41 GLN GLN A . n 
A 1 42 ARG 42 42 42 ARG ARG A . n 
A 1 43 LEU 43 43 43 LEU LEU A . n 
A 1 44 ALA 44 44 44 ALA ALA A . n 
A 1 45 SER 45 45 45 SER SER A . n 
A 1 46 GLN 46 46 46 GLN GLN A . n 
A 1 47 ALA 47 47 47 ALA ALA A . n 
A 1 48 CYS 48 48 48 CYS CYS A . n 
A 1 49 ARG 49 49 49 ARG ARG A . n 
A 1 50 THR 50 50 50 THR THR A . n 
A 1 51 ASN 51 51 51 ASN ASN A . n 
A 1 52 PRO 52 52 52 PRO PRO A . n 
A 1 53 CYS 53 53 53 CYS CYS A . n 
A 1 54 LEU 54 54 54 LEU LEU A . n 
A 1 55 HIS 55 55 55 HIS HIS A . n 
A 1 56 GLY 56 56 56 GLY GLY A . n 
A 1 57 GLY 57 57 57 GLY GLY A . n 
A 1 58 ARG 58 58 58 ARG ARG A . n 
A 1 59 CYS 59 59 59 CYS CYS A . n 
A 1 60 LEU 60 60 60 LEU LEU A . n 
A 1 61 GLU 61 61 61 GLU GLU A . n 
A 1 62 VAL 62 62 62 VAL VAL A . n 
A 1 63 GLU 63 63 63 GLU GLU A . n 
A 1 64 GLY 64 64 64 GLY GLY A . n 
A 1 65 HIS 65 65 65 HIS HIS A . n 
A 1 66 ARG 66 66 66 ARG ARG A . n 
A 1 67 LEU 67 67 67 LEU LEU A . n 
A 1 68 CYS 68 68 68 CYS CYS A . n 
A 1 69 HIS 69 69 69 HIS HIS A . n 
A 1 70 CYS 70 70 70 CYS CYS A . n 
A 1 71 PRO 71 71 71 PRO PRO A . n 
A 1 72 VAL 72 72 72 VAL VAL A . n 
A 1 73 GLY 73 73 73 GLY GLY A . n 
A 1 74 TYR 74 74 74 TYR TYR A . n 
A 1 75 THR 75 75 75 THR THR A . n 
A 1 76 GLY 76 76 76 GLY GLY A . n 
A 1 77 PRO 77 77 77 PRO PRO A . n 
A 1 78 PHE 78 78 78 PHE PHE A . n 
A 1 79 CYS 79 79 79 CYS CYS A . n 
A 1 80 ASP 80 80 80 ASP ASP A . n 
A 1 81 VAL 81 81 81 VAL VAL A . n 
A 1 82 ASP 82 82 82 ASP ASP A . n 
A 1 83 THR 83 83 83 THR THR A . n 
A 1 84 ALA 84 84 84 ALA ALA A . n 
A 1 85 ALA 85 85 ?  ?   ?   A . n 
# 
loop_
_pdbx_nonpoly_scheme.asym_id 
_pdbx_nonpoly_scheme.entity_id 
_pdbx_nonpoly_scheme.mon_id 
_pdbx_nonpoly_scheme.ndb_seq_num 
_pdbx_nonpoly_scheme.pdb_seq_num 
_pdbx_nonpoly_scheme.auth_seq_num 
_pdbx_nonpoly_scheme.pdb_mon_id 
_pdbx_nonpoly_scheme.auth_mon_id 
_pdbx_nonpoly_scheme.pdb_strand_id 
_pdbx_nonpoly_scheme.pdb_ins_code 
B 2 ACT 1  1085 1085 ACT ACT A . 
C 3 HOH 1  2001 2001 HOH HOH A . 
C 3 HOH 2  2002 2002 HOH HOH A . 
C 3 HOH 3  2003 2003 HOH HOH A . 
C 3 HOH 4  2004 2004 HOH HOH A . 
C 3 HOH 5  2005 2005 HOH HOH A . 
C 3 HOH 6  2006 2006 HOH HOH A . 
C 3 HOH 7  2007 2007 HOH HOH A . 
C 3 HOH 8  2008 2008 HOH HOH A . 
C 3 HOH 9  2009 2009 HOH HOH A . 
C 3 HOH 10 2010 2010 HOH HOH A . 
C 3 HOH 11 2011 2011 HOH HOH A . 
C 3 HOH 12 2012 2012 HOH HOH A . 
C 3 HOH 13 2013 2013 HOH HOH A . 
C 3 HOH 14 2014 2014 HOH HOH A . 
C 3 HOH 15 2015 2015 HOH HOH A . 
C 3 HOH 16 2016 2016 HOH HOH A . 
C 3 HOH 17 2017 2017 HOH HOH A . 
C 3 HOH 18 2018 2018 HOH HOH A . 
C 3 HOH 19 2019 2019 HOH HOH A . 
C 3 HOH 20 2020 2020 HOH HOH A . 
C 3 HOH 21 2021 2021 HOH HOH A . 
C 3 HOH 22 2022 2022 HOH HOH A . 
C 3 HOH 23 2023 2023 HOH HOH A . 
C 3 HOH 24 2024 2024 HOH HOH A . 
C 3 HOH 25 2025 2025 HOH HOH A . 
C 3 HOH 26 2026 2026 HOH HOH A . 
C 3 HOH 27 2027 2027 HOH HOH A . 
C 3 HOH 28 2028 2028 HOH HOH A . 
C 3 HOH 29 2029 2029 HOH HOH A . 
C 3 HOH 30 2030 2030 HOH HOH A . 
C 3 HOH 31 2031 2031 HOH HOH A . 
C 3 HOH 32 2032 2032 HOH HOH A . 
C 3 HOH 33 2033 2033 HOH HOH A . 
C 3 HOH 34 2034 2034 HOH HOH A . 
C 3 HOH 35 2035 2035 HOH HOH A . 
C 3 HOH 36 2036 2036 HOH HOH A . 
C 3 HOH 37 2037 2037 HOH HOH A . 
C 3 HOH 38 2038 2038 HOH HOH A . 
C 3 HOH 39 2039 2039 HOH HOH A . 
C 3 HOH 40 2040 2040 HOH HOH A . 
C 3 HOH 41 2041 2041 HOH HOH A . 
C 3 HOH 42 2042 2042 HOH HOH A . 
C 3 HOH 43 2043 2043 HOH HOH A . 
C 3 HOH 44 2044 2044 HOH HOH A . 
C 3 HOH 45 2045 2045 HOH HOH A . 
C 3 HOH 46 2046 2046 HOH HOH A . 
C 3 HOH 47 2047 2047 HOH HOH A . 
C 3 HOH 48 2048 2048 HOH HOH A . 
C 3 HOH 49 2049 2049 HOH HOH A . 
C 3 HOH 50 2050 2050 HOH HOH A . 
C 3 HOH 51 2051 2051 HOH HOH A . 
C 3 HOH 52 2052 2052 HOH HOH A . 
C 3 HOH 53 2053 2053 HOH HOH A . 
C 3 HOH 54 2054 2054 HOH HOH A . 
C 3 HOH 55 2055 2055 HOH HOH A . 
C 3 HOH 56 2056 2056 HOH HOH A . 
C 3 HOH 57 2057 2057 HOH HOH A . 
C 3 HOH 58 2058 2058 HOH HOH A . 
C 3 HOH 59 2059 2059 HOH HOH A . 
C 3 HOH 60 2060 2060 HOH HOH A . 
C 3 HOH 61 2061 2061 HOH HOH A . 
C 3 HOH 62 2062 2062 HOH HOH A . 
C 3 HOH 63 2063 2063 HOH HOH A . 
C 3 HOH 64 2064 2064 HOH HOH A . 
C 3 HOH 65 2065 2065 HOH HOH A . 
C 3 HOH 66 2066 2066 HOH HOH A . 
C 3 HOH 67 2067 2067 HOH HOH A . 
# 
loop_
_software.name 
_software.classification 
_software.version 
_software.citation_id 
_software.pdbx_ordinal 
PHENIX  refinement       '(PHENIX.REFINE)' ? 1 
XDS     'data reduction' .                 ? 2 
Aimless 'data scaling'   .                 ? 3 
PHENIX  phasing          .                 ? 4 
# 
_cell.entry_id           4BDX 
_cell.length_a           96.788 
_cell.length_b           96.788 
_cell.length_c           47.477 
_cell.angle_alpha        90.00 
_cell.angle_beta         90.00 
_cell.angle_gamma        90.00 
_cell.Z_PDB              16 
_cell.pdbx_unique_axis   ? 
# 
_symmetry.entry_id                         4BDX 
_symmetry.space_group_name_H-M             'I 41 2 2' 
_symmetry.pdbx_full_space_group_name_H-M   ? 
_symmetry.cell_setting                     ? 
_symmetry.Int_Tables_number                98 
# 
_exptl.entry_id          4BDX 
_exptl.method            'X-RAY DIFFRACTION' 
_exptl.crystals_number   1 
# 
_exptl_crystal.id                    1 
_exptl_crystal.density_meas          ? 
_exptl_crystal.density_Matthews      2.93 
_exptl_crystal.density_percent_sol   58 
_exptl_crystal.description           NONE 
# 
_exptl_crystal_grow.crystal_id      1 
_exptl_crystal_grow.method          ? 
_exptl_crystal_grow.temp            ? 
_exptl_crystal_grow.temp_details    ? 
_exptl_crystal_grow.pH              8.5 
_exptl_crystal_grow.pdbx_pH_range   ? 
_exptl_crystal_grow.pdbx_details    '0.1 M TRIS PH 8.5 16-18% PEG4, 0.2 M POTASSIUM ACETATE' 
# 
_diffrn.id                     1 
_diffrn.ambient_temp           100 
_diffrn.ambient_temp_details   ? 
_diffrn.crystal_id             1 
# 
_diffrn_detector.diffrn_id              1 
_diffrn_detector.detector               PIXEL 
_diffrn_detector.type                   'DECTRIS PILATUS 6M' 
_diffrn_detector.pdbx_collection_date   2010-05-15 
_diffrn_detector.details                'DYNAMICALLY BENDABLE MIRROR' 
# 
_diffrn_radiation.diffrn_id                        1 
_diffrn_radiation.wavelength_id                    1 
_diffrn_radiation.pdbx_monochromatic_or_laue_m_l   M 
_diffrn_radiation.monochromator                    'LN2 COOLED FIXED-EXIT SI(111) MONOCHROMATOR' 
_diffrn_radiation.pdbx_diffrn_protocol             'SINGLE WAVELENGTH' 
_diffrn_radiation.pdbx_scattering_type             x-ray 
# 
_diffrn_radiation_wavelength.id           1 
_diffrn_radiation_wavelength.wavelength   1.03961 
_diffrn_radiation_wavelength.wt           1.0 
# 
_diffrn_source.diffrn_id                   1 
_diffrn_source.source                      SYNCHROTRON 
_diffrn_source.type                        'SLS BEAMLINE X06SA' 
_diffrn_source.pdbx_synchrotron_site       SLS 
_diffrn_source.pdbx_synchrotron_beamline   X06SA 
_diffrn_source.pdbx_wavelength             1.03961 
_diffrn_source.pdbx_wavelength_list        ? 
# 
_reflns.pdbx_diffrn_id               1 
_reflns.pdbx_ordinal                 1 
_reflns.entry_id                     4BDX 
_reflns.observed_criterion_sigma_I   3.5 
_reflns.observed_criterion_sigma_F   ? 
_reflns.d_resolution_low             48.39 
_reflns.d_resolution_high            1.62 
_reflns.number_obs                   14626 
_reflns.number_all                   ? 
_reflns.percent_possible_obs         99.7 
_reflns.pdbx_Rmerge_I_obs            0.08 
_reflns.pdbx_Rsym_value              ? 
_reflns.pdbx_netI_over_sigmaI        27.60 
_reflns.B_iso_Wilson_estimate        21.03 
_reflns.pdbx_redundancy              23.5 
# 
_reflns_shell.pdbx_diffrn_id         1 
_reflns_shell.pdbx_ordinal           1 
_reflns_shell.d_res_high             1.62 
_reflns_shell.d_res_low              1.65 
_reflns_shell.percent_possible_all   96.0 
_reflns_shell.Rmerge_I_obs           0.65 
_reflns_shell.pdbx_Rsym_value        ? 
_reflns_shell.meanI_over_sigI_obs    3.50 
_reflns_shell.pdbx_redundancy        10.7 
# 
_refine.pdbx_refine_id                           'X-RAY DIFFRACTION' 
_refine.entry_id                                 4BDX 
_refine.pdbx_diffrn_id                           1 
_refine.pdbx_TLS_residual_ADP_flag               ? 
_refine.ls_number_reflns_obs                     14618 
_refine.ls_number_reflns_all                     ? 
_refine.pdbx_ls_sigma_I                          ? 
_refine.pdbx_ls_sigma_F                          1.53 
_refine.pdbx_data_cutoff_high_absF               ? 
_refine.pdbx_data_cutoff_low_absF                ? 
_refine.pdbx_data_cutoff_high_rms_absF           ? 
_refine.ls_d_res_low                             48.394 
_refine.ls_d_res_high                            1.620 
_refine.ls_percent_reflns_obs                    99.73 
_refine.ls_R_factor_obs                          0.2171 
_refine.ls_R_factor_all                          ? 
_refine.ls_R_factor_R_work                       0.2156 
_refine.ls_R_factor_R_free                       0.2474 
_refine.ls_R_factor_R_free_error                 ? 
_refine.ls_R_factor_R_free_error_details         ? 
_refine.ls_percent_reflns_R_free                 5.1 
_refine.ls_number_reflns_R_free                  1389 
_refine.ls_number_parameters                     ? 
_refine.ls_number_restraints                     ? 
_refine.occupancy_min                            ? 
_refine.occupancy_max                            ? 
_refine.correlation_coeff_Fo_to_Fc               ? 
_refine.correlation_coeff_Fo_to_Fc_free          ? 
_refine.B_iso_mean                               ? 
_refine.aniso_B[1][1]                            ? 
_refine.aniso_B[2][2]                            ? 
_refine.aniso_B[3][3]                            ? 
_refine.aniso_B[1][2]                            ? 
_refine.aniso_B[1][3]                            ? 
_refine.aniso_B[2][3]                            ? 
_refine.solvent_model_details                    'FLAT BULK SOLVENT MODEL' 
_refine.solvent_model_param_ksol                 ? 
_refine.solvent_model_param_bsol                 ? 
_refine.pdbx_solvent_vdw_probe_radii             1.11 
_refine.pdbx_solvent_ion_probe_radii             ? 
_refine.pdbx_solvent_shrinkage_radii             0.90 
_refine.pdbx_ls_cross_valid_method               ? 
_refine.details                                  ? 
_refine.pdbx_starting_model                      NONE 
_refine.pdbx_method_to_determine_struct          SIRAS 
_refine.pdbx_isotropic_thermal_model             ? 
_refine.pdbx_stereochemistry_target_values       ML 
_refine.pdbx_stereochem_target_val_spec_case     ? 
_refine.pdbx_R_Free_selection_details            ? 
_refine.pdbx_overall_ESU_R                       ? 
_refine.pdbx_overall_ESU_R_Free                  ? 
_refine.overall_SU_ML                            0.18 
_refine.pdbx_overall_phase_error                 21.58 
_refine.overall_SU_B                             ? 
_refine.overall_SU_R_Cruickshank_DPI             ? 
_refine.pdbx_overall_SU_R_free_Cruickshank_DPI   ? 
_refine.pdbx_overall_SU_R_Blow_DPI               ? 
_refine.pdbx_overall_SU_R_free_Blow_DPI          ? 
# 
_refine_hist.pdbx_refine_id                   'X-RAY DIFFRACTION' 
_refine_hist.cycle_id                         LAST 
_refine_hist.pdbx_number_atoms_protein        653 
_refine_hist.pdbx_number_atoms_nucleic_acid   0 
_refine_hist.pdbx_number_atoms_ligand         4 
_refine_hist.number_atoms_solvent             67 
_refine_hist.number_atoms_total               724 
_refine_hist.d_res_high                       1.620 
_refine_hist.d_res_low                        48.394 
# 
loop_
_refine_ls_restr.type 
_refine_ls_restr.dev_ideal 
_refine_ls_restr.dev_ideal_target 
_refine_ls_restr.weight 
_refine_ls_restr.number 
_refine_ls_restr.pdbx_refine_id 
_refine_ls_restr.pdbx_restraint_function 
f_bond_d           0.008  ? ? 709 'X-RAY DIFFRACTION' ? 
f_angle_d          1.128  ? ? 953 'X-RAY DIFFRACTION' ? 
f_dihedral_angle_d 14.871 ? ? 264 'X-RAY DIFFRACTION' ? 
f_chiral_restr     0.081  ? ? 95  'X-RAY DIFFRACTION' ? 
f_plane_restr      0.005  ? ? 131 'X-RAY DIFFRACTION' ? 
# 
loop_
_refine_ls_shell.pdbx_refine_id 
_refine_ls_shell.pdbx_total_number_of_bins_used 
_refine_ls_shell.d_res_high 
_refine_ls_shell.d_res_low 
_refine_ls_shell.number_reflns_R_work 
_refine_ls_shell.R_factor_R_work 
_refine_ls_shell.percent_reflns_obs 
_refine_ls_shell.R_factor_R_free 
_refine_ls_shell.R_factor_R_free_error 
_refine_ls_shell.percent_reflns_R_free 
_refine_ls_shell.number_reflns_R_free 
_refine_ls_shell.number_reflns_all 
_refine_ls_shell.R_factor_all 
'X-RAY DIFFRACTION' . 1.6201 1.6780  2506 0.2778 97.00  0.2592 . . 161 . . 
'X-RAY DIFFRACTION' . 1.6780 1.7451  2585 0.2525 100.00 0.2517 . . 163 . . 
'X-RAY DIFFRACTION' . 1.7451 1.8246  2607 0.2177 100.00 0.2277 . . 150 . . 
'X-RAY DIFFRACTION' . 1.8246 1.9208  2566 0.2059 100.00 0.2142 . . 145 . . 
'X-RAY DIFFRACTION' . 1.9208 2.0411  2597 0.2186 100.00 0.2343 . . 150 . . 
'X-RAY DIFFRACTION' . 2.0411 2.1987  2631 0.2019 100.00 0.2264 . . 133 . . 
'X-RAY DIFFRACTION' . 2.1987 2.4200  2625 0.2177 100.00 0.2296 . . 109 . . 
'X-RAY DIFFRACTION' . 2.4200 2.7701  2622 0.2336 100.00 0.2423 . . 127 . . 
'X-RAY DIFFRACTION' . 2.7701 3.4899  2599 0.2144 100.00 0.2573 . . 123 . . 
'X-RAY DIFFRACTION' . 3.4899 48.4156 2638 0.2048 100.00 0.2665 . . 128 . . 
# 
_struct.entry_id                  4BDX 
_struct.title                     'The structure of the FnI-EGF tandem domain of coagulation factor XII' 
_struct.pdbx_model_details        ? 
_struct.pdbx_CASP_flag            ? 
_struct.pdbx_model_type_details   ? 
# 
_struct_keywords.entry_id        4BDX 
_struct_keywords.pdbx_keywords   HYDROLASE 
_struct_keywords.text            'HYDROLASE, FNI DOMAIN, EGF DOMAIN' 
# 
loop_
_struct_asym.id 
_struct_asym.pdbx_blank_PDB_chainid_flag 
_struct_asym.pdbx_modified 
_struct_asym.entity_id 
_struct_asym.details 
A N N 1 ? 
B N N 2 ? 
C N N 3 ? 
# 
_struct_ref.id                         1 
_struct_ref.db_name                    UNP 
_struct_ref.db_code                    FA12_HUMAN 
_struct_ref.entity_id                  1 
_struct_ref.pdbx_seq_one_letter_code   ? 
_struct_ref.pdbx_align_begin           ? 
_struct_ref.pdbx_db_accession          P00748 
_struct_ref.pdbx_db_isoform            ? 
# 
_struct_ref_seq.align_id                      1 
_struct_ref_seq.ref_id                        1 
_struct_ref_seq.pdbx_PDB_id_code              4BDX 
_struct_ref_seq.pdbx_strand_id                A 
_struct_ref_seq.seq_align_beg                 3 
_struct_ref_seq.pdbx_seq_align_beg_ins_code   ? 
_struct_ref_seq.seq_align_end                 83 
_struct_ref_seq.pdbx_seq_align_end_ins_code   ? 
_struct_ref_seq.pdbx_db_accession             P00748 
_struct_ref_seq.db_align_beg                  133 
_struct_ref_seq.pdbx_db_align_beg_ins_code    ? 
_struct_ref_seq.db_align_end                  213 
_struct_ref_seq.pdbx_db_align_end_ins_code    ? 
_struct_ref_seq.pdbx_auth_seq_align_beg       3 
_struct_ref_seq.pdbx_auth_seq_align_end       83 
# 
loop_
_struct_ref_seq_dif.align_id 
_struct_ref_seq_dif.pdbx_pdb_id_code 
_struct_ref_seq_dif.mon_id 
_struct_ref_seq_dif.pdbx_pdb_strand_id 
_struct_ref_seq_dif.seq_num 
_struct_ref_seq_dif.pdbx_pdb_ins_code 
_struct_ref_seq_dif.pdbx_seq_db_name 
_struct_ref_seq_dif.pdbx_seq_db_accession_code 
_struct_ref_seq_dif.db_mon_id 
_struct_ref_seq_dif.pdbx_seq_db_seq_num 
_struct_ref_seq_dif.details 
_struct_ref_seq_dif.pdbx_auth_seq_num 
_struct_ref_seq_dif.pdbx_ordinal 
1 4BDX GLY A 1  ? UNP P00748 ?   ?   'expression tag'   1  1 
1 4BDX SER A 2  ? UNP P00748 ?   ?   'expression tag'   2  2 
1 4BDX PRO A 77 ? UNP P00748 ALA 207 variant            77 3 
1 4BDX ALA A 84 ? UNP P00748 LYS 214 'cloning artifact' 84 4 
# 
_pdbx_struct_assembly.id                   1 
_pdbx_struct_assembly.details              author_and_software_defined_assembly 
_pdbx_struct_assembly.method_details       PISA 
_pdbx_struct_assembly.oligomeric_details   monomeric 
_pdbx_struct_assembly.oligomeric_count     1 
# 
_pdbx_struct_assembly_gen.assembly_id       1 
_pdbx_struct_assembly_gen.oper_expression   1 
_pdbx_struct_assembly_gen.asym_id_list      A,B,C 
# 
_pdbx_struct_oper_list.id                   1 
_pdbx_struct_oper_list.type                 'identity operation' 
_pdbx_struct_oper_list.name                 1_555 
_pdbx_struct_oper_list.symmetry_operation   x,y,z 
_pdbx_struct_oper_list.matrix[1][1]         1.0000000000 
_pdbx_struct_oper_list.matrix[1][2]         0.0000000000 
_pdbx_struct_oper_list.matrix[1][3]         0.0000000000 
_pdbx_struct_oper_list.vector[1]            0.0000000000 
_pdbx_struct_oper_list.matrix[2][1]         0.0000000000 
_pdbx_struct_oper_list.matrix[2][2]         1.0000000000 
_pdbx_struct_oper_list.matrix[2][3]         0.0000000000 
_pdbx_struct_oper_list.vector[2]            0.0000000000 
_pdbx_struct_oper_list.matrix[3][1]         0.0000000000 
_pdbx_struct_oper_list.matrix[3][2]         0.0000000000 
_pdbx_struct_oper_list.matrix[3][3]         1.0000000000 
_pdbx_struct_oper_list.vector[3]            0.0000000000 
# 
_struct_biol.id   1 
# 
loop_
_struct_conn.id 
_struct_conn.conn_type_id 
_struct_conn.pdbx_leaving_atom_flag 
_struct_conn.pdbx_PDB_id 
_struct_conn.ptnr1_label_asym_id 
_struct_conn.ptnr1_label_comp_id 
_struct_conn.ptnr1_label_seq_id 
_struct_conn.ptnr1_label_atom_id 
_struct_conn.pdbx_ptnr1_label_alt_id 
_struct_conn.pdbx_ptnr1_PDB_ins_code 
_struct_conn.pdbx_ptnr1_standard_comp_id 
_struct_conn.ptnr1_symmetry 
_struct_conn.ptnr2_label_asym_id 
_struct_conn.ptnr2_label_comp_id 
_struct_conn.ptnr2_label_seq_id 
_struct_conn.ptnr2_label_atom_id 
_struct_conn.pdbx_ptnr2_label_alt_id 
_struct_conn.pdbx_ptnr2_PDB_ins_code 
_struct_conn.ptnr1_auth_asym_id 
_struct_conn.ptnr1_auth_comp_id 
_struct_conn.ptnr1_auth_seq_id 
_struct_conn.ptnr2_auth_asym_id 
_struct_conn.ptnr2_auth_comp_id 
_struct_conn.ptnr2_auth_seq_id 
_struct_conn.ptnr2_symmetry 
_struct_conn.pdbx_ptnr3_label_atom_id 
_struct_conn.pdbx_ptnr3_label_seq_id 
_struct_conn.pdbx_ptnr3_label_comp_id 
_struct_conn.pdbx_ptnr3_label_asym_id 
_struct_conn.pdbx_ptnr3_label_alt_id 
_struct_conn.pdbx_ptnr3_PDB_ins_code 
_struct_conn.details 
_struct_conn.pdbx_dist_value 
_struct_conn.pdbx_value_order 
_struct_conn.pdbx_role 
disulf1 disulf ? ? A CYS 5  SG A ? ? 1_555 A CYS 33 SG ? ? A CYS 5  A CYS 33 1_555 ? ? ? ? ? ? ? 2.111 ? ? 
disulf2 disulf ? ? A CYS 31 SG ? ? ? 1_555 A CYS 40 SG ? ? A CYS 31 A CYS 40 1_555 ? ? ? ? ? ? ? 2.048 ? ? 
disulf3 disulf ? ? A CYS 48 SG ? ? ? 1_555 A CYS 59 SG ? ? A CYS 48 A CYS 59 1_555 ? ? ? ? ? ? ? 2.031 ? ? 
disulf4 disulf ? ? A CYS 53 SG ? ? ? 1_555 A CYS 68 SG ? ? A CYS 53 A CYS 68 1_555 ? ? ? ? ? ? ? 2.029 ? ? 
disulf5 disulf ? ? A CYS 70 SG ? ? ? 1_555 A CYS 79 SG ? ? A CYS 70 A CYS 79 1_555 ? ? ? ? ? ? ? 2.050 ? ? 
# 
_struct_conn_type.id          disulf 
_struct_conn_type.criteria    ? 
_struct_conn_type.reference   ? 
# 
loop_
_pdbx_modification_feature.ordinal 
_pdbx_modification_feature.label_comp_id 
_pdbx_modification_feature.label_asym_id 
_pdbx_modification_feature.label_seq_id 
_pdbx_modification_feature.label_alt_id 
_pdbx_modification_feature.modified_residue_label_comp_id 
_pdbx_modification_feature.modified_residue_label_asym_id 
_pdbx_modification_feature.modified_residue_label_seq_id 
_pdbx_modification_feature.modified_residue_label_alt_id 
_pdbx_modification_feature.auth_comp_id 
_pdbx_modification_feature.auth_asym_id 
_pdbx_modification_feature.auth_seq_id 
_pdbx_modification_feature.PDB_ins_code 
_pdbx_modification_feature.symmetry 
_pdbx_modification_feature.modified_residue_auth_comp_id 
_pdbx_modification_feature.modified_residue_auth_asym_id 
_pdbx_modification_feature.modified_residue_auth_seq_id 
_pdbx_modification_feature.modified_residue_PDB_ins_code 
_pdbx_modification_feature.modified_residue_symmetry 
_pdbx_modification_feature.comp_id_linking_atom 
_pdbx_modification_feature.modified_residue_id_linking_atom 
_pdbx_modification_feature.modified_residue_id 
_pdbx_modification_feature.ref_pcm_id 
_pdbx_modification_feature.ref_comp_id 
_pdbx_modification_feature.type 
_pdbx_modification_feature.category 
1 CYS A 5  A CYS A 33 ? CYS A 5  ? 1_555 CYS A 33 ? 1_555 SG SG . . . None 'Disulfide bridge' 
2 CYS A 31 ? CYS A 40 ? CYS A 31 ? 1_555 CYS A 40 ? 1_555 SG SG . . . None 'Disulfide bridge' 
3 CYS A 48 ? CYS A 59 ? CYS A 48 ? 1_555 CYS A 59 ? 1_555 SG SG . . . None 'Disulfide bridge' 
4 CYS A 53 ? CYS A 68 ? CYS A 53 ? 1_555 CYS A 68 ? 1_555 SG SG . . . None 'Disulfide bridge' 
5 CYS A 70 ? CYS A 79 ? CYS A 70 ? 1_555 CYS A 79 ? 1_555 SG SG . . . None 'Disulfide bridge' 
# 
loop_
_struct_mon_prot_cis.pdbx_id 
_struct_mon_prot_cis.label_comp_id 
_struct_mon_prot_cis.label_seq_id 
_struct_mon_prot_cis.label_asym_id 
_struct_mon_prot_cis.label_alt_id 
_struct_mon_prot_cis.pdbx_PDB_ins_code 
_struct_mon_prot_cis.auth_comp_id 
_struct_mon_prot_cis.auth_seq_id 
_struct_mon_prot_cis.auth_asym_id 
_struct_mon_prot_cis.pdbx_label_comp_id_2 
_struct_mon_prot_cis.pdbx_label_seq_id_2 
_struct_mon_prot_cis.pdbx_label_asym_id_2 
_struct_mon_prot_cis.pdbx_PDB_ins_code_2 
_struct_mon_prot_cis.pdbx_auth_comp_id_2 
_struct_mon_prot_cis.pdbx_auth_seq_id_2 
_struct_mon_prot_cis.pdbx_auth_asym_id_2 
_struct_mon_prot_cis.pdbx_PDB_model_num 
_struct_mon_prot_cis.pdbx_omega_angle 
1 ALA 26 A . ? ALA 26 A ALA 27 A ? ALA 27 A 1 5.76 
2 GLY 35 A . ? GLY 35 A PRO 36 A ? PRO 36 A 1 5.96 
# 
loop_
_struct_sheet.id 
_struct_sheet.type 
_struct_sheet.number_strands 
_struct_sheet.details 
AA ? 2 ? 
AB ? 3 ? 
AC ? 3 ? 
AD ? 2 ? 
# 
loop_
_struct_sheet_order.sheet_id 
_struct_sheet_order.range_id_1 
_struct_sheet_order.range_id_2 
_struct_sheet_order.offset 
_struct_sheet_order.sense 
AA 1 2 ? anti-parallel 
AB 1 2 ? anti-parallel 
AB 2 3 ? anti-parallel 
AC 1 2 ? anti-parallel 
AC 2 3 ? anti-parallel 
AD 1 2 ? anti-parallel 
# 
loop_
_struct_sheet_range.sheet_id 
_struct_sheet_range.id 
_struct_sheet_range.beg_label_comp_id 
_struct_sheet_range.beg_label_asym_id 
_struct_sheet_range.beg_label_seq_id 
_struct_sheet_range.pdbx_beg_PDB_ins_code 
_struct_sheet_range.end_label_comp_id 
_struct_sheet_range.end_label_asym_id 
_struct_sheet_range.end_label_seq_id 
_struct_sheet_range.pdbx_end_PDB_ins_code 
_struct_sheet_range.beg_auth_comp_id 
_struct_sheet_range.beg_auth_asym_id 
_struct_sheet_range.beg_auth_seq_id 
_struct_sheet_range.end_auth_comp_id 
_struct_sheet_range.end_auth_asym_id 
_struct_sheet_range.end_auth_seq_id 
AA 1 CYS A 5  ? GLU A 7  ? CYS A 5  GLU A 7  
AA 2 ARG A 12 ? PHE A 14 ? ARG A 12 PHE A 14 
AB 1 ILE A 19 ? THR A 23 ? ILE A 19 THR A 23 
AB 2 VAL A 28 ? CYS A 33 ? VAL A 28 CYS A 33 
AB 3 ALA A 38 ? LEU A 43 ? ALA A 38 LEU A 43 
AC 1 GLN A 46 ? ALA A 47 ? GLN A 46 ALA A 47 
AC 2 ARG A 58 ? VAL A 62 ? ARG A 58 VAL A 62 
AC 3 HIS A 65 ? HIS A 69 ? HIS A 65 HIS A 69 
AD 1 TYR A 74 ? THR A 75 ? TYR A 74 THR A 75 
AD 2 VAL A 81 ? ASP A 82 ? VAL A 81 ASP A 82 
# 
loop_
_pdbx_struct_sheet_hbond.sheet_id 
_pdbx_struct_sheet_hbond.range_id_1 
_pdbx_struct_sheet_hbond.range_id_2 
_pdbx_struct_sheet_hbond.range_1_label_atom_id 
_pdbx_struct_sheet_hbond.range_1_label_comp_id 
_pdbx_struct_sheet_hbond.range_1_label_asym_id 
_pdbx_struct_sheet_hbond.range_1_label_seq_id 
_pdbx_struct_sheet_hbond.range_1_PDB_ins_code 
_pdbx_struct_sheet_hbond.range_1_auth_atom_id 
_pdbx_struct_sheet_hbond.range_1_auth_comp_id 
_pdbx_struct_sheet_hbond.range_1_auth_asym_id 
_pdbx_struct_sheet_hbond.range_1_auth_seq_id 
_pdbx_struct_sheet_hbond.range_2_label_atom_id 
_pdbx_struct_sheet_hbond.range_2_label_comp_id 
_pdbx_struct_sheet_hbond.range_2_label_asym_id 
_pdbx_struct_sheet_hbond.range_2_label_seq_id 
_pdbx_struct_sheet_hbond.range_2_PDB_ins_code 
_pdbx_struct_sheet_hbond.range_2_auth_atom_id 
_pdbx_struct_sheet_hbond.range_2_auth_comp_id 
_pdbx_struct_sheet_hbond.range_2_auth_asym_id 
_pdbx_struct_sheet_hbond.range_2_auth_seq_id 
AA 1 2 N GLU A 7  ? N GLU A 7  O ARG A 12 ? O ARG A 12 
AB 1 2 N ARG A 22 ? N ARG A 22 O ALA A 29 ? O ALA A 29 
AB 2 3 N GLN A 32 ? N GLN A 32 O HIS A 39 ? O HIS A 39 
AC 1 2 N GLN A 46 ? N GLN A 46 O GLU A 61 ? O GLU A 61 
AC 2 3 N VAL A 62 ? N VAL A 62 O HIS A 65 ? O HIS A 65 
AD 1 2 N THR A 75 ? N THR A 75 O VAL A 81 ? O VAL A 81 
# 
_struct_site.id                   AC1 
_struct_site.pdbx_evidence_code   Software 
_struct_site.pdbx_auth_asym_id    A 
_struct_site.pdbx_auth_comp_id    ACT 
_struct_site.pdbx_auth_seq_id     1085 
_struct_site.pdbx_auth_ins_code   ? 
_struct_site.pdbx_num_residues    3 
_struct_site.details              'BINDING SITE FOR RESIDUE ACT A 1085' 
# 
loop_
_struct_site_gen.id 
_struct_site_gen.site_id 
_struct_site_gen.pdbx_num_res 
_struct_site_gen.label_comp_id 
_struct_site_gen.label_asym_id 
_struct_site_gen.label_seq_id 
_struct_site_gen.pdbx_auth_ins_code 
_struct_site_gen.auth_comp_id 
_struct_site_gen.auth_asym_id 
_struct_site_gen.auth_seq_id 
_struct_site_gen.label_atom_id 
_struct_site_gen.label_alt_id 
_struct_site_gen.symmetry 
_struct_site_gen.details 
1 AC1 3 LYS A 4 ? LYS A 4    . ? 1_555  ? 
2 AC1 3 LYS A 4 ? LYS A 4    . ? 10_555 ? 
3 AC1 3 HOH C . ? HOH A 2009 . ? 1_555  ? 
# 
_pdbx_entry_details.entry_id                   4BDX 
_pdbx_entry_details.compound_details           ? 
_pdbx_entry_details.source_details             ? 
_pdbx_entry_details.nonpolymer_details         ? 
_pdbx_entry_details.sequence_details           ? 
_pdbx_entry_details.has_ligand_of_interest     ? 
_pdbx_entry_details.has_protein_modification   Y 
# 
_pdbx_validate_close_contact.id               1 
_pdbx_validate_close_contact.PDB_model_num    1 
_pdbx_validate_close_contact.auth_atom_id_1   O 
_pdbx_validate_close_contact.auth_asym_id_1   A 
_pdbx_validate_close_contact.auth_comp_id_1   HOH 
_pdbx_validate_close_contact.auth_seq_id_1    2010 
_pdbx_validate_close_contact.PDB_ins_code_1   ? 
_pdbx_validate_close_contact.label_alt_id_1   ? 
_pdbx_validate_close_contact.auth_atom_id_2   O 
_pdbx_validate_close_contact.auth_asym_id_2   A 
_pdbx_validate_close_contact.auth_comp_id_2   HOH 
_pdbx_validate_close_contact.auth_seq_id_2    2011 
_pdbx_validate_close_contact.PDB_ins_code_2   ? 
_pdbx_validate_close_contact.label_alt_id_2   ? 
_pdbx_validate_close_contact.dist             2.09 
# 
_pdbx_validate_symm_contact.id                1 
_pdbx_validate_symm_contact.PDB_model_num     1 
_pdbx_validate_symm_contact.auth_atom_id_1    O 
_pdbx_validate_symm_contact.auth_asym_id_1    A 
_pdbx_validate_symm_contact.auth_comp_id_1    HOH 
_pdbx_validate_symm_contact.auth_seq_id_1     2031 
_pdbx_validate_symm_contact.PDB_ins_code_1    ? 
_pdbx_validate_symm_contact.label_alt_id_1    ? 
_pdbx_validate_symm_contact.site_symmetry_1   1_555 
_pdbx_validate_symm_contact.auth_atom_id_2    O 
_pdbx_validate_symm_contact.auth_asym_id_2    A 
_pdbx_validate_symm_contact.auth_comp_id_2    HOH 
_pdbx_validate_symm_contact.auth_seq_id_2     2061 
_pdbx_validate_symm_contact.PDB_ins_code_2    ? 
_pdbx_validate_symm_contact.label_alt_id_2    ? 
_pdbx_validate_symm_contact.site_symmetry_2   5_553 
_pdbx_validate_symm_contact.dist              2.17 
# 
loop_
_pdbx_validate_torsion.id 
_pdbx_validate_torsion.PDB_model_num 
_pdbx_validate_torsion.auth_comp_id 
_pdbx_validate_torsion.auth_asym_id 
_pdbx_validate_torsion.auth_seq_id 
_pdbx_validate_torsion.PDB_ins_code 
_pdbx_validate_torsion.label_alt_id 
_pdbx_validate_torsion.phi 
_pdbx_validate_torsion.psi 
1 1 ASN A 17 ? ? 84.16   -10.74  
2 1 ALA A 27 ? ? -133.24 -109.34 
# 
_pdbx_struct_special_symmetry.id              1 
_pdbx_struct_special_symmetry.PDB_model_num   1 
_pdbx_struct_special_symmetry.auth_asym_id    A 
_pdbx_struct_special_symmetry.auth_comp_id    HOH 
_pdbx_struct_special_symmetry.auth_seq_id     2027 
_pdbx_struct_special_symmetry.PDB_ins_code    ? 
_pdbx_struct_special_symmetry.label_asym_id   C 
_pdbx_struct_special_symmetry.label_comp_id   HOH 
_pdbx_struct_special_symmetry.label_seq_id    . 
# 
loop_
_pdbx_refine_tls.pdbx_refine_id 
_pdbx_refine_tls.id 
_pdbx_refine_tls.details 
_pdbx_refine_tls.method 
_pdbx_refine_tls.origin_x 
_pdbx_refine_tls.origin_y 
_pdbx_refine_tls.origin_z 
_pdbx_refine_tls.T[1][1] 
_pdbx_refine_tls.T[2][2] 
_pdbx_refine_tls.T[3][3] 
_pdbx_refine_tls.T[1][2] 
_pdbx_refine_tls.T[1][3] 
_pdbx_refine_tls.T[2][3] 
_pdbx_refine_tls.L[1][1] 
_pdbx_refine_tls.L[2][2] 
_pdbx_refine_tls.L[3][3] 
_pdbx_refine_tls.L[1][2] 
_pdbx_refine_tls.L[1][3] 
_pdbx_refine_tls.L[2][3] 
_pdbx_refine_tls.S[1][1] 
_pdbx_refine_tls.S[1][2] 
_pdbx_refine_tls.S[1][3] 
_pdbx_refine_tls.S[2][1] 
_pdbx_refine_tls.S[2][2] 
_pdbx_refine_tls.S[2][3] 
_pdbx_refine_tls.S[3][1] 
_pdbx_refine_tls.S[3][2] 
_pdbx_refine_tls.S[3][3] 
'X-RAY DIFFRACTION' 1 ? refined 7.8128  -8.9037 0.4139  0.0676 0.1831 0.1005 0.0144  0.0214  -0.0137 7.1868 7.1194 5.7695 2.8048  0.0893  -1.6043 -0.1365 0.2042  -0.2445 -0.1339 0.0220  -0.1758 0.3694  0.2350  0.0625  
'X-RAY DIFFRACTION' 2 ? refined -2.3223 -1.6059 -3.0304 0.2547 0.3857 0.5561 -0.0452 -0.1290 0.1435  5.2311 8.8212 5.6612 -6.5983 1.0154  0.3560  -0.2270 0.7520  0.9406  -0.8665 0.0905  0.8500  -0.4629 -0.7917 0.1067  
'X-RAY DIFFRACTION' 3 ? refined -1.6503 -9.6333 -4.7156 0.1604 0.3639 0.3687 -0.0714 -0.0524 -0.0240 6.1340 7.5108 2.3124 -6.3868 -1.3866 0.8144  0.0680  1.0267  -0.2952 -0.6643 -0.2268 0.8170  0.0817  -0.3871 0.1029  
'X-RAY DIFFRACTION' 4 ? refined -7.6044 7.1908  2.9090  0.2985 0.3169 0.8486 0.0500  -0.0161 0.2244  5.3911 8.8812 5.1026 2.7412  0.6354  3.3626  0.0432  -0.2962 0.2943  0.9545  0.1905  0.4938  0.3498  -0.6298 -0.3059 
'X-RAY DIFFRACTION' 5 ? refined 5.7956  10.5700 3.0938  0.3607 0.3603 1.4880 0.1361  -0.1336 -0.1266 2.2165 0.7716 0.5524 -1.3064 -0.2574 0.1164  -0.0416 -0.4335 1.0069  0.3139  0.4595  -1.1566 -0.2106 0.4028  -0.5596  
# 
loop_
_pdbx_refine_tls_group.pdbx_refine_id 
_pdbx_refine_tls_group.id 
_pdbx_refine_tls_group.refine_tls_id 
_pdbx_refine_tls_group.beg_auth_asym_id 
_pdbx_refine_tls_group.beg_auth_seq_id 
_pdbx_refine_tls_group.beg_label_asym_id 
_pdbx_refine_tls_group.beg_label_seq_id 
_pdbx_refine_tls_group.end_auth_asym_id 
_pdbx_refine_tls_group.end_auth_seq_id 
_pdbx_refine_tls_group.end_label_asym_id 
_pdbx_refine_tls_group.end_label_seq_id 
_pdbx_refine_tls_group.selection 
_pdbx_refine_tls_group.selection_details 
'X-RAY DIFFRACTION' 1 1 ? ? ? ? ? ? ? ? ? 'CHAIN A AND (RESSEQ 2:18 )'  
'X-RAY DIFFRACTION' 2 2 ? ? ? ? ? ? ? ? ? 'CHAIN A AND (RESSEQ 19:27 )' 
'X-RAY DIFFRACTION' 3 3 ? ? ? ? ? ? ? ? ? 'CHAIN A AND (RESSEQ 28:43 )' 
'X-RAY DIFFRACTION' 4 4 ? ? ? ? ? ? ? ? ? 'CHAIN A AND (RESSEQ 44:69 )' 
'X-RAY DIFFRACTION' 5 5 ? ? ? ? ? ? ? ? ? 'CHAIN A AND (RESSEQ 70:84 )' 
# 
loop_
_pdbx_unobs_or_zero_occ_residues.id 
_pdbx_unobs_or_zero_occ_residues.PDB_model_num 
_pdbx_unobs_or_zero_occ_residues.polymer_flag 
_pdbx_unobs_or_zero_occ_residues.occupancy_flag 
_pdbx_unobs_or_zero_occ_residues.auth_asym_id 
_pdbx_unobs_or_zero_occ_residues.auth_comp_id 
_pdbx_unobs_or_zero_occ_residues.auth_seq_id 
_pdbx_unobs_or_zero_occ_residues.PDB_ins_code 
_pdbx_unobs_or_zero_occ_residues.label_asym_id 
_pdbx_unobs_or_zero_occ_residues.label_comp_id 
_pdbx_unobs_or_zero_occ_residues.label_seq_id 
1 1 Y 1 A GLY 1  ? A GLY 1  
2 1 Y 1 A ALA 85 ? A ALA 85 
# 
loop_
_chem_comp_atom.comp_id 
_chem_comp_atom.atom_id 
_chem_comp_atom.type_symbol 
_chem_comp_atom.pdbx_aromatic_flag 
_chem_comp_atom.pdbx_stereo_config 
_chem_comp_atom.pdbx_ordinal 
ACT C    C N N 1   
ACT O    O N N 2   
ACT OXT  O N N 3   
ACT CH3  C N N 4   
ACT H1   H N N 5   
ACT H2   H N N 6   
ACT H3   H N N 7   
ALA N    N N N 8   
ALA CA   C N S 9   
ALA C    C N N 10  
ALA O    O N N 11  
ALA CB   C N N 12  
ALA OXT  O N N 13  
ALA H    H N N 14  
ALA H2   H N N 15  
ALA HA   H N N 16  
ALA HB1  H N N 17  
ALA HB2  H N N 18  
ALA HB3  H N N 19  
ALA HXT  H N N 20  
ARG N    N N N 21  
ARG CA   C N S 22  
ARG C    C N N 23  
ARG O    O N N 24  
ARG CB   C N N 25  
ARG CG   C N N 26  
ARG CD   C N N 27  
ARG NE   N N N 28  
ARG CZ   C N N 29  
ARG NH1  N N N 30  
ARG NH2  N N N 31  
ARG OXT  O N N 32  
ARG H    H N N 33  
ARG H2   H N N 34  
ARG HA   H N N 35  
ARG HB2  H N N 36  
ARG HB3  H N N 37  
ARG HG2  H N N 38  
ARG HG3  H N N 39  
ARG HD2  H N N 40  
ARG HD3  H N N 41  
ARG HE   H N N 42  
ARG HH11 H N N 43  
ARG HH12 H N N 44  
ARG HH21 H N N 45  
ARG HH22 H N N 46  
ARG HXT  H N N 47  
ASN N    N N N 48  
ASN CA   C N S 49  
ASN C    C N N 50  
ASN O    O N N 51  
ASN CB   C N N 52  
ASN CG   C N N 53  
ASN OD1  O N N 54  
ASN ND2  N N N 55  
ASN OXT  O N N 56  
ASN H    H N N 57  
ASN H2   H N N 58  
ASN HA   H N N 59  
ASN HB2  H N N 60  
ASN HB3  H N N 61  
ASN HD21 H N N 62  
ASN HD22 H N N 63  
ASN HXT  H N N 64  
ASP N    N N N 65  
ASP CA   C N S 66  
ASP C    C N N 67  
ASP O    O N N 68  
ASP CB   C N N 69  
ASP CG   C N N 70  
ASP OD1  O N N 71  
ASP OD2  O N N 72  
ASP OXT  O N N 73  
ASP H    H N N 74  
ASP H2   H N N 75  
ASP HA   H N N 76  
ASP HB2  H N N 77  
ASP HB3  H N N 78  
ASP HD2  H N N 79  
ASP HXT  H N N 80  
CYS N    N N N 81  
CYS CA   C N R 82  
CYS C    C N N 83  
CYS O    O N N 84  
CYS CB   C N N 85  
CYS SG   S N N 86  
CYS OXT  O N N 87  
CYS H    H N N 88  
CYS H2   H N N 89  
CYS HA   H N N 90  
CYS HB2  H N N 91  
CYS HB3  H N N 92  
CYS HG   H N N 93  
CYS HXT  H N N 94  
GLN N    N N N 95  
GLN CA   C N S 96  
GLN C    C N N 97  
GLN O    O N N 98  
GLN CB   C N N 99  
GLN CG   C N N 100 
GLN CD   C N N 101 
GLN OE1  O N N 102 
GLN NE2  N N N 103 
GLN OXT  O N N 104 
GLN H    H N N 105 
GLN H2   H N N 106 
GLN HA   H N N 107 
GLN HB2  H N N 108 
GLN HB3  H N N 109 
GLN HG2  H N N 110 
GLN HG3  H N N 111 
GLN HE21 H N N 112 
GLN HE22 H N N 113 
GLN HXT  H N N 114 
GLU N    N N N 115 
GLU CA   C N S 116 
GLU C    C N N 117 
GLU O    O N N 118 
GLU CB   C N N 119 
GLU CG   C N N 120 
GLU CD   C N N 121 
GLU OE1  O N N 122 
GLU OE2  O N N 123 
GLU OXT  O N N 124 
GLU H    H N N 125 
GLU H2   H N N 126 
GLU HA   H N N 127 
GLU HB2  H N N 128 
GLU HB3  H N N 129 
GLU HG2  H N N 130 
GLU HG3  H N N 131 
GLU HE2  H N N 132 
GLU HXT  H N N 133 
GLY N    N N N 134 
GLY CA   C N N 135 
GLY C    C N N 136 
GLY O    O N N 137 
GLY OXT  O N N 138 
GLY H    H N N 139 
GLY H2   H N N 140 
GLY HA2  H N N 141 
GLY HA3  H N N 142 
GLY HXT  H N N 143 
HIS N    N N N 144 
HIS CA   C N S 145 
HIS C    C N N 146 
HIS O    O N N 147 
HIS CB   C N N 148 
HIS CG   C Y N 149 
HIS ND1  N Y N 150 
HIS CD2  C Y N 151 
HIS CE1  C Y N 152 
HIS NE2  N Y N 153 
HIS OXT  O N N 154 
HIS H    H N N 155 
HIS H2   H N N 156 
HIS HA   H N N 157 
HIS HB2  H N N 158 
HIS HB3  H N N 159 
HIS HD1  H N N 160 
HIS HD2  H N N 161 
HIS HE1  H N N 162 
HIS HE2  H N N 163 
HIS HXT  H N N 164 
HOH O    O N N 165 
HOH H1   H N N 166 
HOH H2   H N N 167 
ILE N    N N N 168 
ILE CA   C N S 169 
ILE C    C N N 170 
ILE O    O N N 171 
ILE CB   C N S 172 
ILE CG1  C N N 173 
ILE CG2  C N N 174 
ILE CD1  C N N 175 
ILE OXT  O N N 176 
ILE H    H N N 177 
ILE H2   H N N 178 
ILE HA   H N N 179 
ILE HB   H N N 180 
ILE HG12 H N N 181 
ILE HG13 H N N 182 
ILE HG21 H N N 183 
ILE HG22 H N N 184 
ILE HG23 H N N 185 
ILE HD11 H N N 186 
ILE HD12 H N N 187 
ILE HD13 H N N 188 
ILE HXT  H N N 189 
LEU N    N N N 190 
LEU CA   C N S 191 
LEU C    C N N 192 
LEU O    O N N 193 
LEU CB   C N N 194 
LEU CG   C N N 195 
LEU CD1  C N N 196 
LEU CD2  C N N 197 
LEU OXT  O N N 198 
LEU H    H N N 199 
LEU H2   H N N 200 
LEU HA   H N N 201 
LEU HB2  H N N 202 
LEU HB3  H N N 203 
LEU HG   H N N 204 
LEU HD11 H N N 205 
LEU HD12 H N N 206 
LEU HD13 H N N 207 
LEU HD21 H N N 208 
LEU HD22 H N N 209 
LEU HD23 H N N 210 
LEU HXT  H N N 211 
LYS N    N N N 212 
LYS CA   C N S 213 
LYS C    C N N 214 
LYS O    O N N 215 
LYS CB   C N N 216 
LYS CG   C N N 217 
LYS CD   C N N 218 
LYS CE   C N N 219 
LYS NZ   N N N 220 
LYS OXT  O N N 221 
LYS H    H N N 222 
LYS H2   H N N 223 
LYS HA   H N N 224 
LYS HB2  H N N 225 
LYS HB3  H N N 226 
LYS HG2  H N N 227 
LYS HG3  H N N 228 
LYS HD2  H N N 229 
LYS HD3  H N N 230 
LYS HE2  H N N 231 
LYS HE3  H N N 232 
LYS HZ1  H N N 233 
LYS HZ2  H N N 234 
LYS HZ3  H N N 235 
LYS HXT  H N N 236 
PHE N    N N N 237 
PHE CA   C N S 238 
PHE C    C N N 239 
PHE O    O N N 240 
PHE CB   C N N 241 
PHE CG   C Y N 242 
PHE CD1  C Y N 243 
PHE CD2  C Y N 244 
PHE CE1  C Y N 245 
PHE CE2  C Y N 246 
PHE CZ   C Y N 247 
PHE OXT  O N N 248 
PHE H    H N N 249 
PHE H2   H N N 250 
PHE HA   H N N 251 
PHE HB2  H N N 252 
PHE HB3  H N N 253 
PHE HD1  H N N 254 
PHE HD2  H N N 255 
PHE HE1  H N N 256 
PHE HE2  H N N 257 
PHE HZ   H N N 258 
PHE HXT  H N N 259 
PRO N    N N N 260 
PRO CA   C N S 261 
PRO C    C N N 262 
PRO O    O N N 263 
PRO CB   C N N 264 
PRO CG   C N N 265 
PRO CD   C N N 266 
PRO OXT  O N N 267 
PRO H    H N N 268 
PRO HA   H N N 269 
PRO HB2  H N N 270 
PRO HB3  H N N 271 
PRO HG2  H N N 272 
PRO HG3  H N N 273 
PRO HD2  H N N 274 
PRO HD3  H N N 275 
PRO HXT  H N N 276 
SER N    N N N 277 
SER CA   C N S 278 
SER C    C N N 279 
SER O    O N N 280 
SER CB   C N N 281 
SER OG   O N N 282 
SER OXT  O N N 283 
SER H    H N N 284 
SER H2   H N N 285 
SER HA   H N N 286 
SER HB2  H N N 287 
SER HB3  H N N 288 
SER HG   H N N 289 
SER HXT  H N N 290 
THR N    N N N 291 
THR CA   C N S 292 
THR C    C N N 293 
THR O    O N N 294 
THR CB   C N R 295 
THR OG1  O N N 296 
THR CG2  C N N 297 
THR OXT  O N N 298 
THR H    H N N 299 
THR H2   H N N 300 
THR HA   H N N 301 
THR HB   H N N 302 
THR HG1  H N N 303 
THR HG21 H N N 304 
THR HG22 H N N 305 
THR HG23 H N N 306 
THR HXT  H N N 307 
TRP N    N N N 308 
TRP CA   C N S 309 
TRP C    C N N 310 
TRP O    O N N 311 
TRP CB   C N N 312 
TRP CG   C Y N 313 
TRP CD1  C Y N 314 
TRP CD2  C Y N 315 
TRP NE1  N Y N 316 
TRP CE2  C Y N 317 
TRP CE3  C Y N 318 
TRP CZ2  C Y N 319 
TRP CZ3  C Y N 320 
TRP CH2  C Y N 321 
TRP OXT  O N N 322 
TRP H    H N N 323 
TRP H2   H N N 324 
TRP HA   H N N 325 
TRP HB2  H N N 326 
TRP HB3  H N N 327 
TRP HD1  H N N 328 
TRP HE1  H N N 329 
TRP HE3  H N N 330 
TRP HZ2  H N N 331 
TRP HZ3  H N N 332 
TRP HH2  H N N 333 
TRP HXT  H N N 334 
TYR N    N N N 335 
TYR CA   C N S 336 
TYR C    C N N 337 
TYR O    O N N 338 
TYR CB   C N N 339 
TYR CG   C Y N 340 
TYR CD1  C Y N 341 
TYR CD2  C Y N 342 
TYR CE1  C Y N 343 
TYR CE2  C Y N 344 
TYR CZ   C Y N 345 
TYR OH   O N N 346 
TYR OXT  O N N 347 
TYR H    H N N 348 
TYR H2   H N N 349 
TYR HA   H N N 350 
TYR HB2  H N N 351 
TYR HB3  H N N 352 
TYR HD1  H N N 353 
TYR HD2  H N N 354 
TYR HE1  H N N 355 
TYR HE2  H N N 356 
TYR HH   H N N 357 
TYR HXT  H N N 358 
VAL N    N N N 359 
VAL CA   C N S 360 
VAL C    C N N 361 
VAL O    O N N 362 
VAL CB   C N N 363 
VAL CG1  C N N 364 
VAL CG2  C N N 365 
VAL OXT  O N N 366 
VAL H    H N N 367 
VAL H2   H N N 368 
VAL HA   H N N 369 
VAL HB   H N N 370 
VAL HG11 H N N 371 
VAL HG12 H N N 372 
VAL HG13 H N N 373 
VAL HG21 H N N 374 
VAL HG22 H N N 375 
VAL HG23 H N N 376 
VAL HXT  H N N 377 
# 
loop_
_chem_comp_bond.comp_id 
_chem_comp_bond.atom_id_1 
_chem_comp_bond.atom_id_2 
_chem_comp_bond.value_order 
_chem_comp_bond.pdbx_aromatic_flag 
_chem_comp_bond.pdbx_stereo_config 
_chem_comp_bond.pdbx_ordinal 
ACT C   O    doub N N 1   
ACT C   OXT  sing N N 2   
ACT C   CH3  sing N N 3   
ACT CH3 H1   sing N N 4   
ACT CH3 H2   sing N N 5   
ACT CH3 H3   sing N N 6   
ALA N   CA   sing N N 7   
ALA N   H    sing N N 8   
ALA N   H2   sing N N 9   
ALA CA  C    sing N N 10  
ALA CA  CB   sing N N 11  
ALA CA  HA   sing N N 12  
ALA C   O    doub N N 13  
ALA C   OXT  sing N N 14  
ALA CB  HB1  sing N N 15  
ALA CB  HB2  sing N N 16  
ALA CB  HB3  sing N N 17  
ALA OXT HXT  sing N N 18  
ARG N   CA   sing N N 19  
ARG N   H    sing N N 20  
ARG N   H2   sing N N 21  
ARG CA  C    sing N N 22  
ARG CA  CB   sing N N 23  
ARG CA  HA   sing N N 24  
ARG C   O    doub N N 25  
ARG C   OXT  sing N N 26  
ARG CB  CG   sing N N 27  
ARG CB  HB2  sing N N 28  
ARG CB  HB3  sing N N 29  
ARG CG  CD   sing N N 30  
ARG CG  HG2  sing N N 31  
ARG CG  HG3  sing N N 32  
ARG CD  NE   sing N N 33  
ARG CD  HD2  sing N N 34  
ARG CD  HD3  sing N N 35  
ARG NE  CZ   sing N N 36  
ARG NE  HE   sing N N 37  
ARG CZ  NH1  sing N N 38  
ARG CZ  NH2  doub N N 39  
ARG NH1 HH11 sing N N 40  
ARG NH1 HH12 sing N N 41  
ARG NH2 HH21 sing N N 42  
ARG NH2 HH22 sing N N 43  
ARG OXT HXT  sing N N 44  
ASN N   CA   sing N N 45  
ASN N   H    sing N N 46  
ASN N   H2   sing N N 47  
ASN CA  C    sing N N 48  
ASN CA  CB   sing N N 49  
ASN CA  HA   sing N N 50  
ASN C   O    doub N N 51  
ASN C   OXT  sing N N 52  
ASN CB  CG   sing N N 53  
ASN CB  HB2  sing N N 54  
ASN CB  HB3  sing N N 55  
ASN CG  OD1  doub N N 56  
ASN CG  ND2  sing N N 57  
ASN ND2 HD21 sing N N 58  
ASN ND2 HD22 sing N N 59  
ASN OXT HXT  sing N N 60  
ASP N   CA   sing N N 61  
ASP N   H    sing N N 62  
ASP N   H2   sing N N 63  
ASP CA  C    sing N N 64  
ASP CA  CB   sing N N 65  
ASP CA  HA   sing N N 66  
ASP C   O    doub N N 67  
ASP C   OXT  sing N N 68  
ASP CB  CG   sing N N 69  
ASP CB  HB2  sing N N 70  
ASP CB  HB3  sing N N 71  
ASP CG  OD1  doub N N 72  
ASP CG  OD2  sing N N 73  
ASP OD2 HD2  sing N N 74  
ASP OXT HXT  sing N N 75  
CYS N   CA   sing N N 76  
CYS N   H    sing N N 77  
CYS N   H2   sing N N 78  
CYS CA  C    sing N N 79  
CYS CA  CB   sing N N 80  
CYS CA  HA   sing N N 81  
CYS C   O    doub N N 82  
CYS C   OXT  sing N N 83  
CYS CB  SG   sing N N 84  
CYS CB  HB2  sing N N 85  
CYS CB  HB3  sing N N 86  
CYS SG  HG   sing N N 87  
CYS OXT HXT  sing N N 88  
GLN N   CA   sing N N 89  
GLN N   H    sing N N 90  
GLN N   H2   sing N N 91  
GLN CA  C    sing N N 92  
GLN CA  CB   sing N N 93  
GLN CA  HA   sing N N 94  
GLN C   O    doub N N 95  
GLN C   OXT  sing N N 96  
GLN CB  CG   sing N N 97  
GLN CB  HB2  sing N N 98  
GLN CB  HB3  sing N N 99  
GLN CG  CD   sing N N 100 
GLN CG  HG2  sing N N 101 
GLN CG  HG3  sing N N 102 
GLN CD  OE1  doub N N 103 
GLN CD  NE2  sing N N 104 
GLN NE2 HE21 sing N N 105 
GLN NE2 HE22 sing N N 106 
GLN OXT HXT  sing N N 107 
GLU N   CA   sing N N 108 
GLU N   H    sing N N 109 
GLU N   H2   sing N N 110 
GLU CA  C    sing N N 111 
GLU CA  CB   sing N N 112 
GLU CA  HA   sing N N 113 
GLU C   O    doub N N 114 
GLU C   OXT  sing N N 115 
GLU CB  CG   sing N N 116 
GLU CB  HB2  sing N N 117 
GLU CB  HB3  sing N N 118 
GLU CG  CD   sing N N 119 
GLU CG  HG2  sing N N 120 
GLU CG  HG3  sing N N 121 
GLU CD  OE1  doub N N 122 
GLU CD  OE2  sing N N 123 
GLU OE2 HE2  sing N N 124 
GLU OXT HXT  sing N N 125 
GLY N   CA   sing N N 126 
GLY N   H    sing N N 127 
GLY N   H2   sing N N 128 
GLY CA  C    sing N N 129 
GLY CA  HA2  sing N N 130 
GLY CA  HA3  sing N N 131 
GLY C   O    doub N N 132 
GLY C   OXT  sing N N 133 
GLY OXT HXT  sing N N 134 
HIS N   CA   sing N N 135 
HIS N   H    sing N N 136 
HIS N   H2   sing N N 137 
HIS CA  C    sing N N 138 
HIS CA  CB   sing N N 139 
HIS CA  HA   sing N N 140 
HIS C   O    doub N N 141 
HIS C   OXT  sing N N 142 
HIS CB  CG   sing N N 143 
HIS CB  HB2  sing N N 144 
HIS CB  HB3  sing N N 145 
HIS CG  ND1  sing Y N 146 
HIS CG  CD2  doub Y N 147 
HIS ND1 CE1  doub Y N 148 
HIS ND1 HD1  sing N N 149 
HIS CD2 NE2  sing Y N 150 
HIS CD2 HD2  sing N N 151 
HIS CE1 NE2  sing Y N 152 
HIS CE1 HE1  sing N N 153 
HIS NE2 HE2  sing N N 154 
HIS OXT HXT  sing N N 155 
HOH O   H1   sing N N 156 
HOH O   H2   sing N N 157 
ILE N   CA   sing N N 158 
ILE N   H    sing N N 159 
ILE N   H2   sing N N 160 
ILE CA  C    sing N N 161 
ILE CA  CB   sing N N 162 
ILE CA  HA   sing N N 163 
ILE C   O    doub N N 164 
ILE C   OXT  sing N N 165 
ILE CB  CG1  sing N N 166 
ILE CB  CG2  sing N N 167 
ILE CB  HB   sing N N 168 
ILE CG1 CD1  sing N N 169 
ILE CG1 HG12 sing N N 170 
ILE CG1 HG13 sing N N 171 
ILE CG2 HG21 sing N N 172 
ILE CG2 HG22 sing N N 173 
ILE CG2 HG23 sing N N 174 
ILE CD1 HD11 sing N N 175 
ILE CD1 HD12 sing N N 176 
ILE CD1 HD13 sing N N 177 
ILE OXT HXT  sing N N 178 
LEU N   CA   sing N N 179 
LEU N   H    sing N N 180 
LEU N   H2   sing N N 181 
LEU CA  C    sing N N 182 
LEU CA  CB   sing N N 183 
LEU CA  HA   sing N N 184 
LEU C   O    doub N N 185 
LEU C   OXT  sing N N 186 
LEU CB  CG   sing N N 187 
LEU CB  HB2  sing N N 188 
LEU CB  HB3  sing N N 189 
LEU CG  CD1  sing N N 190 
LEU CG  CD2  sing N N 191 
LEU CG  HG   sing N N 192 
LEU CD1 HD11 sing N N 193 
LEU CD1 HD12 sing N N 194 
LEU CD1 HD13 sing N N 195 
LEU CD2 HD21 sing N N 196 
LEU CD2 HD22 sing N N 197 
LEU CD2 HD23 sing N N 198 
LEU OXT HXT  sing N N 199 
LYS N   CA   sing N N 200 
LYS N   H    sing N N 201 
LYS N   H2   sing N N 202 
LYS CA  C    sing N N 203 
LYS CA  CB   sing N N 204 
LYS CA  HA   sing N N 205 
LYS C   O    doub N N 206 
LYS C   OXT  sing N N 207 
LYS CB  CG   sing N N 208 
LYS CB  HB2  sing N N 209 
LYS CB  HB3  sing N N 210 
LYS CG  CD   sing N N 211 
LYS CG  HG2  sing N N 212 
LYS CG  HG3  sing N N 213 
LYS CD  CE   sing N N 214 
LYS CD  HD2  sing N N 215 
LYS CD  HD3  sing N N 216 
LYS CE  NZ   sing N N 217 
LYS CE  HE2  sing N N 218 
LYS CE  HE3  sing N N 219 
LYS NZ  HZ1  sing N N 220 
LYS NZ  HZ2  sing N N 221 
LYS NZ  HZ3  sing N N 222 
LYS OXT HXT  sing N N 223 
PHE N   CA   sing N N 224 
PHE N   H    sing N N 225 
PHE N   H2   sing N N 226 
PHE CA  C    sing N N 227 
PHE CA  CB   sing N N 228 
PHE CA  HA   sing N N 229 
PHE C   O    doub N N 230 
PHE C   OXT  sing N N 231 
PHE CB  CG   sing N N 232 
PHE CB  HB2  sing N N 233 
PHE CB  HB3  sing N N 234 
PHE CG  CD1  doub Y N 235 
PHE CG  CD2  sing Y N 236 
PHE CD1 CE1  sing Y N 237 
PHE CD1 HD1  sing N N 238 
PHE CD2 CE2  doub Y N 239 
PHE CD2 HD2  sing N N 240 
PHE CE1 CZ   doub Y N 241 
PHE CE1 HE1  sing N N 242 
PHE CE2 CZ   sing Y N 243 
PHE CE2 HE2  sing N N 244 
PHE CZ  HZ   sing N N 245 
PHE OXT HXT  sing N N 246 
PRO N   CA   sing N N 247 
PRO N   CD   sing N N 248 
PRO N   H    sing N N 249 
PRO CA  C    sing N N 250 
PRO CA  CB   sing N N 251 
PRO CA  HA   sing N N 252 
PRO C   O    doub N N 253 
PRO C   OXT  sing N N 254 
PRO CB  CG   sing N N 255 
PRO CB  HB2  sing N N 256 
PRO CB  HB3  sing N N 257 
PRO CG  CD   sing N N 258 
PRO CG  HG2  sing N N 259 
PRO CG  HG3  sing N N 260 
PRO CD  HD2  sing N N 261 
PRO CD  HD3  sing N N 262 
PRO OXT HXT  sing N N 263 
SER N   CA   sing N N 264 
SER N   H    sing N N 265 
SER N   H2   sing N N 266 
SER CA  C    sing N N 267 
SER CA  CB   sing N N 268 
SER CA  HA   sing N N 269 
SER C   O    doub N N 270 
SER C   OXT  sing N N 271 
SER CB  OG   sing N N 272 
SER CB  HB2  sing N N 273 
SER CB  HB3  sing N N 274 
SER OG  HG   sing N N 275 
SER OXT HXT  sing N N 276 
THR N   CA   sing N N 277 
THR N   H    sing N N 278 
THR N   H2   sing N N 279 
THR CA  C    sing N N 280 
THR CA  CB   sing N N 281 
THR CA  HA   sing N N 282 
THR C   O    doub N N 283 
THR C   OXT  sing N N 284 
THR CB  OG1  sing N N 285 
THR CB  CG2  sing N N 286 
THR CB  HB   sing N N 287 
THR OG1 HG1  sing N N 288 
THR CG2 HG21 sing N N 289 
THR CG2 HG22 sing N N 290 
THR CG2 HG23 sing N N 291 
THR OXT HXT  sing N N 292 
TRP N   CA   sing N N 293 
TRP N   H    sing N N 294 
TRP N   H2   sing N N 295 
TRP CA  C    sing N N 296 
TRP CA  CB   sing N N 297 
TRP CA  HA   sing N N 298 
TRP C   O    doub N N 299 
TRP C   OXT  sing N N 300 
TRP CB  CG   sing N N 301 
TRP CB  HB2  sing N N 302 
TRP CB  HB3  sing N N 303 
TRP CG  CD1  doub Y N 304 
TRP CG  CD2  sing Y N 305 
TRP CD1 NE1  sing Y N 306 
TRP CD1 HD1  sing N N 307 
TRP CD2 CE2  doub Y N 308 
TRP CD2 CE3  sing Y N 309 
TRP NE1 CE2  sing Y N 310 
TRP NE1 HE1  sing N N 311 
TRP CE2 CZ2  sing Y N 312 
TRP CE3 CZ3  doub Y N 313 
TRP CE3 HE3  sing N N 314 
TRP CZ2 CH2  doub Y N 315 
TRP CZ2 HZ2  sing N N 316 
TRP CZ3 CH2  sing Y N 317 
TRP CZ3 HZ3  sing N N 318 
TRP CH2 HH2  sing N N 319 
TRP OXT HXT  sing N N 320 
TYR N   CA   sing N N 321 
TYR N   H    sing N N 322 
TYR N   H2   sing N N 323 
TYR CA  C    sing N N 324 
TYR CA  CB   sing N N 325 
TYR CA  HA   sing N N 326 
TYR C   O    doub N N 327 
TYR C   OXT  sing N N 328 
TYR CB  CG   sing N N 329 
TYR CB  HB2  sing N N 330 
TYR CB  HB3  sing N N 331 
TYR CG  CD1  doub Y N 332 
TYR CG  CD2  sing Y N 333 
TYR CD1 CE1  sing Y N 334 
TYR CD1 HD1  sing N N 335 
TYR CD2 CE2  doub Y N 336 
TYR CD2 HD2  sing N N 337 
TYR CE1 CZ   doub Y N 338 
TYR CE1 HE1  sing N N 339 
TYR CE2 CZ   sing Y N 340 
TYR CE2 HE2  sing N N 341 
TYR CZ  OH   sing N N 342 
TYR OH  HH   sing N N 343 
TYR OXT HXT  sing N N 344 
VAL N   CA   sing N N 345 
VAL N   H    sing N N 346 
VAL N   H2   sing N N 347 
VAL CA  C    sing N N 348 
VAL CA  CB   sing N N 349 
VAL CA  HA   sing N N 350 
VAL C   O    doub N N 351 
VAL C   OXT  sing N N 352 
VAL CB  CG1  sing N N 353 
VAL CB  CG2  sing N N 354 
VAL CB  HB   sing N N 355 
VAL CG1 HG11 sing N N 356 
VAL CG1 HG12 sing N N 357 
VAL CG1 HG13 sing N N 358 
VAL CG2 HG21 sing N N 359 
VAL CG2 HG22 sing N N 360 
VAL CG2 HG23 sing N N 361 
VAL OXT HXT  sing N N 362 
# 
_atom_sites.entry_id                    4BDX 
_atom_sites.fract_transf_matrix[1][1]   -0.01030418 
_atom_sites.fract_transf_matrix[1][2]   0.00053984 
_atom_sites.fract_transf_matrix[1][3]   -0.00053174 
_atom_sites.fract_transf_matrix[2][1]   -0.00041798 
_atom_sites.fract_transf_matrix[2][2]   0.00199823 
_atom_sites.fract_transf_matrix[2][3]   0.01012831 
_atom_sites.fract_transf_matrix[3][1]   0.00128847 
_atom_sites.fract_transf_matrix[3][2]   0.02063600 
_atom_sites.fract_transf_matrix[3][3]   -0.00401813 
_atom_sites.fract_transf_vector[1]      0.171297 
_atom_sites.fract_transf_vector[2]      0.022419 
_atom_sites.fract_transf_vector[3]      -0.412202 
# 
loop_
_atom_type.symbol 
C 
N 
O 
S 
# 
loop_
_atom_site.group_PDB 
_atom_site.id 
_atom_site.type_symbol 
_atom_site.label_atom_id 
_atom_site.label_alt_id 
_atom_site.label_comp_id 
_atom_site.label_asym_id 
_atom_site.label_entity_id 
_atom_site.label_seq_id 
_atom_site.pdbx_PDB_ins_code 
_atom_site.Cartn_x 
_atom_site.Cartn_y 
_atom_site.Cartn_z 
_atom_site.occupancy 
_atom_site.B_iso_or_equiv 
_atom_site.pdbx_formal_charge 
_atom_site.auth_seq_id 
_atom_site.auth_comp_id 
_atom_site.auth_asym_id 
_atom_site.auth_atom_id 
_atom_site.pdbx_PDB_model_num 
ATOM   1   N N   . SER A 1 2  ? 11.048  -20.766 -2.343  1.00 53.23 ? 2    SER A N   1 
ATOM   2   C CA  . SER A 1 2  ? 10.914  -20.027 -1.095  1.00 37.91 ? 2    SER A CA  1 
ATOM   3   C C   . SER A 1 2  ? 11.405  -18.599 -1.239  1.00 41.36 ? 2    SER A C   1 
ATOM   4   O O   . SER A 1 2  ? 11.676  -17.936 -0.235  1.00 41.76 ? 2    SER A O   1 
ATOM   5   C CB  . SER A 1 2  ? 11.673  -20.714 0.038   1.00 42.12 ? 2    SER A CB  1 
ATOM   6   O OG  . SER A 1 2  ? 12.960  -21.151 -0.390  1.00 47.91 ? 2    SER A OG  1 
ATOM   7   N N   . GLU A 1 3  ? 11.521  -18.131 -2.482  1.00 40.63 ? 3    GLU A N   1 
ATOM   8   C CA  . GLU A 1 3  ? 11.883  -16.740 -2.744  1.00 32.99 ? 3    GLU A CA  1 
ATOM   9   C C   . GLU A 1 3  ? 10.863  -15.805 -2.118  1.00 33.42 ? 3    GLU A C   1 
ATOM   10  O O   . GLU A 1 3  ? 9.689   -16.145 -1.989  1.00 30.81 ? 3    GLU A O   1 
ATOM   11  C CB  . GLU A 1 3  ? 11.963  -16.458 -4.248  1.00 34.36 ? 3    GLU A CB  1 
ATOM   12  C CG  . GLU A 1 3  ? 13.022  -17.231 -4.996  1.00 39.86 ? 3    GLU A CG  1 
ATOM   13  C CD  . GLU A 1 3  ? 13.158  -16.747 -6.426  1.00 49.51 ? 3    GLU A CD  1 
ATOM   14  O OE1 . GLU A 1 3  ? 13.307  -15.519 -6.628  1.00 46.35 ? 3    GLU A OE1 1 
ATOM   15  O OE2 . GLU A 1 3  ? 13.102  -17.588 -7.347  1.00 57.31 ? 3    GLU A OE2 1 
ATOM   16  N N   . LYS A 1 4  ? 11.313  -14.620 -1.731  1.00 22.13 ? 4    LYS A N   1 
ATOM   17  C CA  . LYS A 1 4  ? 10.431  -13.679 -1.109  1.00 18.92 ? 4    LYS A CA  1 
ATOM   18  C C   . LYS A 1 4  ? 9.961   -12.710 -2.169  1.00 16.38 ? 4    LYS A C   1 
ATOM   19  O O   . LYS A 1 4  ? 10.496  -12.693 -3.287  1.00 23.47 ? 4    LYS A O   1 
ATOM   20  C CB  . LYS A 1 4  ? 11.182  -12.927 -0.004  1.00 19.05 ? 4    LYS A CB  1 
ATOM   21  C CG  . LYS A 1 4  ? 11.675  -13.843 1.111   1.00 22.89 ? 4    LYS A CG  1 
ATOM   22  C CD  . LYS A 1 4  ? 12.289  -13.037 2.242   1.00 29.93 ? 4    LYS A CD  1 
ATOM   23  C CE  . LYS A 1 4  ? 13.019  -13.943 3.233   1.00 27.04 ? 4    LYS A CE  1 
ATOM   24  N NZ  . LYS A 1 4  ? 14.212  -14.608 2.627   1.00 31.78 ? 4    LYS A NZ  1 
ATOM   25  N N   A CYS A 1 5  ? 8.962   -11.905 -1.816  0.88 16.86 ? 5    CYS A N   1 
ATOM   26  N N   B CYS A 1 5  ? 8.952   -11.928 -1.821  0.12 16.24 ? 5    CYS A N   1 
ATOM   27  C CA  A CYS A 1 5  ? 8.456   -10.853 -2.696  0.88 15.57 ? 5    CYS A CA  1 
ATOM   28  C CA  B CYS A 1 5  ? 8.498   -10.850 -2.668  0.12 15.52 ? 5    CYS A CA  1 
ATOM   29  C C   A CYS A 1 5  ? 8.813   -9.484  -2.156  0.88 11.71 ? 5    CYS A C   1 
ATOM   30  C C   B CYS A 1 5  ? 9.175   -9.598  -2.165  0.12 14.18 ? 5    CYS A C   1 
ATOM   31  O O   A CYS A 1 5  ? 8.577   -9.188  -0.991  0.88 14.03 ? 5    CYS A O   1 
ATOM   32  O O   B CYS A 1 5  ? 9.592   -9.543  -1.018  0.12 11.40 ? 5    CYS A O   1 
ATOM   33  C CB  A CYS A 1 5  ? 6.936   -10.923 -2.789  0.88 15.87 ? 5    CYS A CB  1 
ATOM   34  C CB  B CYS A 1 5  ? 6.991   -10.689 -2.530  0.12 13.99 ? 5    CYS A CB  1 
ATOM   35  S SG  A CYS A 1 5  ? 6.323   -12.498 -3.405  0.88 20.20 ? 5    CYS A SG  1 
ATOM   36  S SG  B CYS A 1 5  ? 6.263   -9.515  -3.646  0.12 22.05 ? 5    CYS A SG  1 
ATOM   37  N N   . PHE A 1 6  ? 9.312   -8.606  -3.031  1.00 15.50 ? 6    PHE A N   1 
ATOM   38  C CA  . PHE A 1 6  ? 9.626   -7.254  -2.582  1.00 13.82 ? 6    PHE A CA  1 
ATOM   39  C C   . PHE A 1 6  ? 8.466   -6.321  -2.934  1.00 13.39 ? 6    PHE A C   1 
ATOM   40  O O   . PHE A 1 6  ? 8.030   -6.291  -4.086  1.00 18.18 ? 6    PHE A O   1 
ATOM   41  C CB  . PHE A 1 6  ? 10.890  -6.747  -3.261  1.00 14.78 ? 6    PHE A CB  1 
ATOM   42  C CG  . PHE A 1 6  ? 11.341  -5.375  -2.762  1.00 16.14 ? 6    PHE A CG  1 
ATOM   43  C CD1 . PHE A 1 6  ? 11.730  -5.222  -1.445  1.00 18.32 ? 6    PHE A CD1 1 
ATOM   44  C CD2 . PHE A 1 6  ? 11.329  -4.276  -3.601  1.00 20.78 ? 6    PHE A CD2 1 
ATOM   45  C CE1 . PHE A 1 6  ? 12.119  -3.976  -0.961  1.00 18.17 ? 6    PHE A CE1 1 
ATOM   46  C CE2 . PHE A 1 6  ? 11.726  -3.036  -3.130  1.00 16.53 ? 6    PHE A CE2 1 
ATOM   47  C CZ  . PHE A 1 6  ? 12.104  -2.891  -1.807  1.00 16.84 ? 6    PHE A CZ  1 
ATOM   48  N N   . GLU A 1 7  ? 8.016   -5.536  -1.956  1.00 12.46 ? 7    GLU A N   1 
ATOM   49  C CA  . GLU A 1 7  ? 7.011   -4.489  -2.201  1.00 13.73 ? 7    GLU A CA  1 
ATOM   50  C C   . GLU A 1 7  ? 7.672   -3.107  -2.101  1.00 15.39 ? 7    GLU A C   1 
ATOM   51  O O   . GLU A 1 7  ? 7.938   -2.640  -1.008  1.00 14.24 ? 7    GLU A O   1 
ATOM   52  C CB  . GLU A 1 7  ? 5.878   -4.580  -1.184  1.00 14.77 ? 7    GLU A CB  1 
ATOM   53  C CG  . GLU A 1 7  ? 4.864   -3.427  -1.303  1.00 14.40 ? 7    GLU A CG  1 
ATOM   54  C CD  . GLU A 1 7  ? 4.361   -3.252  -2.706  1.00 17.09 ? 7    GLU A CD  1 
ATOM   55  O OE1 . GLU A 1 7  ? 3.638   -4.148  -3.216  1.00 18.57 ? 7    GLU A OE1 1 
ATOM   56  O OE2 . GLU A 1 7  ? 4.669   -2.206  -3.330  1.00 18.31 ? 7    GLU A OE2 1 
ATOM   57  N N   . PRO A 1 8  ? 7.884   -2.433  -3.240  1.00 14.64 ? 8    PRO A N   1 
ATOM   58  C CA  . PRO A 1 8  ? 8.572   -1.140  -3.189  1.00 15.14 ? 8    PRO A CA  1 
ATOM   59  C C   . PRO A 1 8  ? 7.826   -0.090  -2.391  1.00 14.67 ? 8    PRO A C   1 
ATOM   60  O O   . PRO A 1 8  ? 8.497   0.836   -1.877  1.00 16.99 ? 8    PRO A O   1 
ATOM   61  C CB  . PRO A 1 8  ? 8.659   -0.703  -4.653  1.00 20.84 ? 8    PRO A CB  1 
ATOM   62  C CG  . PRO A 1 8  ? 8.314   -1.890  -5.471  1.00 22.91 ? 8    PRO A CG  1 
ATOM   63  C CD  . PRO A 1 8  ? 7.708   -2.939  -4.612  1.00 14.48 ? 8    PRO A CD  1 
ATOM   64  N N   . GLN A 1 9  ? 6.500   -0.178  -2.312  1.00 14.41 ? 9    GLN A N   1 
ATOM   65  C CA  . GLN A 1 9  ? 5.757   0.874   -1.609  1.00 15.24 ? 9    GLN A CA  1 
ATOM   66  C C   . GLN A 1 9  ? 6.039   0.847   -0.128  1.00 15.92 ? 9    GLN A C   1 
ATOM   67  O O   . GLN A 1 9  ? 5.885   1.871   0.576   1.00 16.88 ? 9    GLN A O   1 
ATOM   68  C CB  . GLN A 1 9  ? 4.264   0.699   -1.815  1.00 20.12 ? 9    GLN A CB  1 
ATOM   69  C CG  . GLN A 1 9  ? 3.788   1.224   -3.105  1.00 26.96 ? 9    GLN A CG  1 
ATOM   70  C CD  . GLN A 1 9  ? 2.270   1.299   -3.178  1.00 28.64 ? 9    GLN A CD  1 
ATOM   71  O OE1 . GLN A 1 9  ? 1.536   0.772   -2.315  1.00 25.87 ? 9    GLN A OE1 1 
ATOM   72  N NE2 . GLN A 1 9  ? 1.790   1.960   -4.211  1.00 32.84 ? 9    GLN A NE2 1 
ATOM   73  N N   . LEU A 1 10 ? 6.418   -0.336  0.351   1.00 15.13 ? 10   LEU A N   1 
ATOM   74  C CA  . LEU A 1 10 ? 6.620   -0.537  1.778   1.00 14.45 ? 10   LEU A CA  1 
ATOM   75  C C   . LEU A 1 10 ? 8.099   -0.753  2.107   1.00 16.15 ? 10   LEU A C   1 
ATOM   76  O O   . LEU A 1 10 ? 8.460   -0.866  3.276   1.00 18.50 ? 10   LEU A O   1 
ATOM   77  C CB  . LEU A 1 10 ? 5.797   -1.747  2.241   1.00 14.58 ? 10   LEU A CB  1 
ATOM   78  C CG  . LEU A 1 10 ? 4.287   -1.571  2.126   1.00 17.24 ? 10   LEU A CG  1 
ATOM   79  C CD1 . LEU A 1 10 ? 3.588   -2.885  2.485   1.00 19.38 ? 10   LEU A CD1 1 
ATOM   80  C CD2 . LEU A 1 10 ? 3.811   -0.446  3.049   1.00 18.83 ? 10   LEU A CD2 1 
ATOM   81  N N   . LEU A 1 11 ? 8.938   -0.759  1.071   1.00 14.63 ? 11   LEU A N   1 
ATOM   82  C CA  . LEU A 1 11 ? 10.363  -1.095  1.205   1.00 13.50 ? 11   LEU A CA  1 
ATOM   83  C C   . LEU A 1 11 ? 10.560  -2.363  2.032   1.00 15.05 ? 11   LEU A C   1 
ATOM   84  O O   . LEU A 1 11 ? 11.463  -2.445  2.876   1.00 15.61 ? 11   LEU A O   1 
ATOM   85  C CB  . LEU A 1 11 ? 11.162  0.066   1.804   1.00 18.88 ? 11   LEU A CB  1 
ATOM   86  C CG  . LEU A 1 11 ? 11.214  1.305   0.913   1.00 21.80 ? 11   LEU A CG  1 
ATOM   87  C CD1 . LEU A 1 11 ? 11.939  2.416   1.664   1.00 27.24 ? 11   LEU A CD1 1 
ATOM   88  C CD2 . LEU A 1 11 ? 11.892  0.981   -0.401  1.00 22.17 ? 11   LEU A CD2 1 
ATOM   89  N N   A ARG A 1 12 ? 9.743   -3.370  1.767   0.55 15.06 ? 12   ARG A N   1 
ATOM   90  N N   B ARG A 1 12 ? 9.700   -3.344  1.772   0.45 14.67 ? 12   ARG A N   1 
ATOM   91  C CA  A ARG A 1 12 ? 9.712   -4.545  2.631   0.55 15.00 ? 12   ARG A CA  1 
ATOM   92  C CA  B ARG A 1 12 ? 9.652   -4.573  2.557   0.45 14.89 ? 12   ARG A CA  1 
ATOM   93  C C   A ARG A 1 12 ? 9.583   -5.819  1.817   0.55 12.25 ? 12   ARG A C   1 
ATOM   94  C C   B ARG A 1 12 ? 9.777   -5.800  1.673   0.45 11.04 ? 12   ARG A C   1 
ATOM   95  O O   A ARG A 1 12 ? 8.866   -5.835  0.810   0.55 9.34  ? 12   ARG A O   1 
ATOM   96  O O   B ARG A 1 12 ? 9.418   -5.783  0.506   0.45 14.76 ? 12   ARG A O   1 
ATOM   97  C CB  A ARG A 1 12 ? 8.530   -4.393  3.579   0.55 20.07 ? 12   ARG A CB  1 
ATOM   98  C CB  B ARG A 1 12 ? 8.322   -4.641  3.310   0.45 16.59 ? 12   ARG A CB  1 
ATOM   99  C CG  A ARG A 1 12 ? 7.988   -5.656  4.123   0.55 18.57 ? 12   ARG A CG  1 
ATOM   100 C CG  B ARG A 1 12 ? 8.469   -4.949  4.776   0.45 24.18 ? 12   ARG A CG  1 
ATOM   101 C CD  A ARG A 1 12 ? 7.069   -5.324  5.272   0.55 18.72 ? 12   ARG A CD  1 
ATOM   102 C CD  B ARG A 1 12 ? 7.329   -4.329  5.551   0.45 22.80 ? 12   ARG A CD  1 
ATOM   103 N NE  A ARG A 1 12 ? 6.676   -6.539  5.920   0.55 23.06 ? 12   ARG A NE  1 
ATOM   104 N NE  B ARG A 1 12 ? 7.368   -2.889  5.378   0.45 33.64 ? 12   ARG A NE  1 
ATOM   105 C CZ  A ARG A 1 12 ? 5.616   -6.637  6.696   0.55 16.10 ? 12   ARG A CZ  1 
ATOM   106 C CZ  B ARG A 1 12 ? 6.481   -2.044  5.880   0.45 30.19 ? 12   ARG A CZ  1 
ATOM   107 N NH1 A ARG A 1 12 ? 4.862   -5.565  6.917   0.55 17.28 ? 12   ARG A NH1 1 
ATOM   108 N NH1 B ARG A 1 12 ? 5.456   -2.487  6.607   0.45 25.01 ? 12   ARG A NH1 1 
ATOM   109 N NH2 A ARG A 1 12 ? 5.325   -7.804  7.235   0.55 18.59 ? 12   ARG A NH2 1 
ATOM   110 N NH2 B ARG A 1 12 ? 6.633   -0.754  5.648   0.45 14.30 ? 12   ARG A NH2 1 
ATOM   111 N N   . PHE A 1 13 ? 10.288  -6.873  2.256   1.00 13.73 ? 13   PHE A N   1 
ATOM   112 C CA  . PHE A 1 13 ? 10.165  -8.203  1.652   1.00 12.58 ? 13   PHE A CA  1 
ATOM   113 C C   . PHE A 1 13 ? 9.103   -8.982  2.417   1.00 18.65 ? 13   PHE A C   1 
ATOM   114 O O   . PHE A 1 13 ? 9.010   -8.888  3.647   1.00 17.33 ? 13   PHE A O   1 
ATOM   115 C CB  . PHE A 1 13 ? 11.490  -8.963  1.719   1.00 12.38 ? 13   PHE A CB  1 
ATOM   116 C CG  . PHE A 1 13 ? 12.516  -8.447  0.787   1.00 14.19 ? 13   PHE A CG  1 
ATOM   117 C CD1 . PHE A 1 13 ? 12.615  -8.952  -0.507  1.00 16.73 ? 13   PHE A CD1 1 
ATOM   118 C CD2 . PHE A 1 13 ? 13.407  -7.464  1.184   1.00 16.15 ? 13   PHE A CD2 1 
ATOM   119 C CE1 . PHE A 1 13 ? 13.580  -8.493  -1.382  1.00 16.63 ? 13   PHE A CE1 1 
ATOM   120 C CE2 . PHE A 1 13 ? 14.389  -6.989  0.305   1.00 19.46 ? 13   PHE A CE2 1 
ATOM   121 C CZ  . PHE A 1 13 ? 14.478  -7.513  -0.992  1.00 20.13 ? 13   PHE A CZ  1 
ATOM   122 N N   . PHE A 1 14 ? 8.323   -9.758  1.677   1.00 13.58 ? 14   PHE A N   1 
ATOM   123 C CA  . PHE A 1 14 ? 7.289   -10.606 2.262   1.00 15.46 ? 14   PHE A CA  1 
ATOM   124 C C   . PHE A 1 14 ? 7.620   -12.054 1.994   1.00 15.48 ? 14   PHE A C   1 
ATOM   125 O O   . PHE A 1 14 ? 8.190   -12.394 0.973   1.00 15.54 ? 14   PHE A O   1 
ATOM   126 C CB  . PHE A 1 14 ? 5.931   -10.245 1.663   1.00 13.92 ? 14   PHE A CB  1 
ATOM   127 C CG  . PHE A 1 14 ? 5.391   -8.943  2.164   1.00 13.91 ? 14   PHE A CG  1 
ATOM   128 C CD1 . PHE A 1 14 ? 4.716   -8.877  3.362   1.00 15.54 ? 14   PHE A CD1 1 
ATOM   129 C CD2 . PHE A 1 14 ? 5.585   -7.754  1.435   1.00 14.34 ? 14   PHE A CD2 1 
ATOM   130 C CE1 . PHE A 1 14 ? 4.211   -7.670  3.844   1.00 15.96 ? 14   PHE A CE1 1 
ATOM   131 C CE2 . PHE A 1 14 ? 5.107   -6.542  1.929   1.00 14.55 ? 14   PHE A CE2 1 
ATOM   132 C CZ  . PHE A 1 14 ? 4.419   -6.489  3.114   1.00 14.96 ? 14   PHE A CZ  1 
ATOM   133 N N   . HIS A 1 15 ? 7.272   -12.916 2.948   1.00 15.49 ? 15   HIS A N   1 
ATOM   134 C CA  . HIS A 1 15 ? 7.446   -14.344 2.786   1.00 18.33 ? 15   HIS A CA  1 
ATOM   135 C C   . HIS A 1 15 ? 6.306   -14.916 1.990   1.00 16.23 ? 15   HIS A C   1 
ATOM   136 O O   . HIS A 1 15 ? 5.237   -14.315 1.903   1.00 17.76 ? 15   HIS A O   1 
ATOM   137 C CB  . HIS A 1 15 ? 7.474   -15.019 4.162   1.00 18.34 ? 15   HIS A CB  1 
ATOM   138 C CG  . HIS A 1 15 ? 8.655   -14.626 4.983   1.00 19.63 ? 15   HIS A CG  1 
ATOM   139 N ND1 . HIS A 1 15 ? 8.610   -13.614 5.921   1.00 25.76 ? 15   HIS A ND1 1 
ATOM   140 C CD2 . HIS A 1 15 ? 9.926   -15.077 4.979   1.00 20.44 ? 15   HIS A CD2 1 
ATOM   141 C CE1 . HIS A 1 15 ? 9.804   -13.474 6.465   1.00 23.63 ? 15   HIS A CE1 1 
ATOM   142 N NE2 . HIS A 1 15 ? 10.620  -14.355 5.918   1.00 29.60 ? 15   HIS A NE2 1 
ATOM   143 N N   . LYS A 1 16 ? 6.543   -16.084 1.399   1.00 19.34 ? 16   LYS A N   1 
ATOM   144 C CA  . LYS A 1 16 ? 5.503   -16.783 0.648   1.00 18.88 ? 16   LYS A CA  1 
ATOM   145 C C   . LYS A 1 16 ? 4.250   -16.879 1.493   1.00 21.15 ? 16   LYS A C   1 
ATOM   146 O O   . LYS A 1 16 ? 4.320   -17.208 2.679   1.00 21.86 ? 16   LYS A O   1 
ATOM   147 C CB  . LYS A 1 16 ? 5.972   -18.173 0.249   1.00 22.83 ? 16   LYS A CB  1 
ATOM   148 C CG  . LYS A 1 16 ? 4.940   -18.974 -0.539  1.00 24.57 ? 16   LYS A CG  1 
ATOM   149 C CD  . LYS A 1 16 ? 5.501   -20.309 -0.986  1.00 30.56 ? 16   LYS A CD  1 
ATOM   150 C CE  . LYS A 1 16 ? 4.498   -21.055 -1.865  1.00 39.43 ? 16   LYS A CE  1 
ATOM   151 N NZ  . LYS A 1 16 ? 5.046   -22.350 -2.383  1.00 45.95 ? 16   LYS A NZ  1 
ATOM   152 N N   . ASN A 1 17 ? 3.130   -16.544 0.862   1.00 20.67 ? 17   ASN A N   1 
ATOM   153 C CA  . ASN A 1 17 ? 1.784   -16.590 1.454   1.00 19.08 ? 17   ASN A CA  1 
ATOM   154 C C   . ASN A 1 17 ? 1.400   -15.353 2.266   1.00 20.87 ? 17   ASN A C   1 
ATOM   155 O O   . ASN A 1 17 ? 0.227   -15.209 2.626   1.00 21.61 ? 17   ASN A O   1 
ATOM   156 C CB  . ASN A 1 17 ? 1.533   -17.861 2.283   1.00 26.26 ? 17   ASN A CB  1 
ATOM   157 C CG  . ASN A 1 17 ? 1.787   -19.123 1.500   1.00 30.07 ? 17   ASN A CG  1 
ATOM   158 O OD1 . ASN A 1 17 ? 1.435   -19.220 0.329   1.00 28.51 ? 17   ASN A OD1 1 
ATOM   159 N ND2 . ASN A 1 17 ? 2.398   -20.106 2.152   1.00 34.36 ? 17   ASN A ND2 1 
ATOM   160 N N   . GLU A 1 18 ? 2.357   -14.468 2.550   1.00 17.97 ? 18   GLU A N   1 
ATOM   161 C CA  . GLU A 1 18 ? 2.022   -13.229 3.264   1.00 14.18 ? 18   GLU A CA  1 
ATOM   162 C C   . GLU A 1 18 ? 1.164   -12.339 2.370   1.00 17.54 ? 18   GLU A C   1 
ATOM   163 O O   . GLU A 1 18 ? 1.239   -12.400 1.142   1.00 17.70 ? 18   GLU A O   1 
ATOM   164 C CB  . GLU A 1 18 ? 3.266   -12.479 3.720   1.00 18.31 ? 18   GLU A CB  1 
ATOM   165 C CG  . GLU A 1 18 ? 3.979   -13.096 4.936   1.00 19.72 ? 18   GLU A CG  1 
ATOM   166 C CD  . GLU A 1 18 ? 4.893   -12.094 5.611   1.00 25.89 ? 18   GLU A CD  1 
ATOM   167 O OE1 . GLU A 1 18 ? 6.043   -11.955 5.169   1.00 23.25 ? 18   GLU A OE1 1 
ATOM   168 O OE2 . GLU A 1 18 ? 4.463   -11.444 6.607   1.00 31.63 ? 18   GLU A OE2 1 
ATOM   169 N N   . ILE A 1 19 ? 0.332   -11.513 3.004   1.00 20.28 ? 19   ILE A N   1 
ATOM   170 C CA  . ILE A 1 19 ? -0.638  -10.699 2.280   1.00 20.57 ? 19   ILE A CA  1 
ATOM   171 C C   . ILE A 1 19 ? -0.481  -9.245  2.724   1.00 19.33 ? 19   ILE A C   1 
ATOM   172 O O   . ILE A 1 19 ? -0.261  -8.968  3.911   1.00 19.02 ? 19   ILE A O   1 
ATOM   173 C CB  . ILE A 1 19 ? -2.066  -11.194 2.550   1.00 22.80 ? 19   ILE A CB  1 
ATOM   174 C CG1 . ILE A 1 19 ? -2.226  -12.621 2.030   1.00 23.30 ? 19   ILE A CG1 1 
ATOM   175 C CG2 . ILE A 1 19 ? -3.069  -10.295 1.829   1.00 25.00 ? 19   ILE A CG2 1 
ATOM   176 C CD1 . ILE A 1 19 ? -3.542  -13.279 2.416   1.00 27.57 ? 19   ILE A CD1 1 
ATOM   177 N N   . TRP A 1 20 ? -0.597  -8.323  1.769   1.00 18.80 ? 20   TRP A N   1 
ATOM   178 C CA  . TRP A 1 20 ? -0.460  -6.895  2.093   1.00 19.01 ? 20   TRP A CA  1 
ATOM   179 C C   . TRP A 1 20 ? -1.260  -6.067  1.115   1.00 21.31 ? 20   TRP A C   1 
ATOM   180 O O   . TRP A 1 20 ? -1.779  -6.589  0.132   1.00 22.65 ? 20   TRP A O   1 
ATOM   181 C CB  . TRP A 1 20 ? 1.005   -6.460  2.072   1.00 17.06 ? 20   TRP A CB  1 
ATOM   182 C CG  . TRP A 1 20 ? 1.648   -6.511  0.726   1.00 16.92 ? 20   TRP A CG  1 
ATOM   183 C CD1 . TRP A 1 20 ? 1.827   -5.471  -0.138  1.00 18.37 ? 20   TRP A CD1 1 
ATOM   184 C CD2 . TRP A 1 20 ? 2.237   -7.654  0.109   1.00 15.88 ? 20   TRP A CD2 1 
ATOM   185 N NE1 . TRP A 1 20 ? 2.477   -5.908  -1.281  1.00 18.46 ? 20   TRP A NE1 1 
ATOM   186 C CE2 . TRP A 1 20 ? 2.723   -7.254  -1.147  1.00 16.83 ? 20   TRP A CE2 1 
ATOM   187 C CE3 . TRP A 1 20 ? 2.369   -8.998  0.489   1.00 16.77 ? 20   TRP A CE3 1 
ATOM   188 C CZ2 . TRP A 1 20 ? 3.362   -8.134  -2.012  1.00 18.85 ? 20   TRP A CZ2 1 
ATOM   189 C CZ3 . TRP A 1 20 ? 2.998   -9.870  -0.377  1.00 16.54 ? 20   TRP A CZ3 1 
ATOM   190 C CH2 . TRP A 1 20 ? 3.474   -9.447  -1.609  1.00 16.20 ? 20   TRP A CH2 1 
ATOM   191 N N   . TYR A 1 21 ? -1.390  -4.773  1.415   1.00 22.30 ? 21   TYR A N   1 
ATOM   192 C CA  . TYR A 1 21 ? -2.104  -3.847  0.547   1.00 24.82 ? 21   TYR A CA  1 
ATOM   193 C C   . TYR A 1 21 ? -1.103  -3.002  -0.237  1.00 24.71 ? 21   TYR A C   1 
ATOM   194 O O   . TYR A 1 21 ? -0.050  -2.626  0.277   1.00 25.04 ? 21   TYR A O   1 
ATOM   195 C CB  . TYR A 1 21 ? -2.883  -2.829  1.368   1.00 30.09 ? 21   TYR A CB  1 
ATOM   196 C CG  . TYR A 1 21 ? -4.109  -3.305  2.073   1.00 32.50 ? 21   TYR A CG  1 
ATOM   197 C CD1 . TYR A 1 21 ? -5.185  -3.836  1.373   1.00 38.56 ? 21   TYR A CD1 1 
ATOM   198 C CD2 . TYR A 1 21 ? -4.220  -3.165  3.450   1.00 43.21 ? 21   TYR A CD2 1 
ATOM   199 C CE1 . TYR A 1 21 ? -6.323  -4.239  2.034   1.00 40.41 ? 21   TYR A CE1 1 
ATOM   200 C CE2 . TYR A 1 21 ? -5.351  -3.565  4.116   1.00 44.46 ? 21   TYR A CE2 1 
ATOM   201 C CZ  . TYR A 1 21 ? -6.397  -4.100  3.406   1.00 44.51 ? 21   TYR A CZ  1 
ATOM   202 O OH  . TYR A 1 21 ? -7.517  -4.500  4.084   1.00 50.71 ? 21   TYR A OH  1 
ATOM   203 N N   . ARG A 1 22 ? -1.469  -2.675  -1.465  1.00 26.85 ? 22   ARG A N   1 
ATOM   204 C CA  . ARG A 1 22 ? -0.652  -1.826  -2.335  1.00 27.98 ? 22   ARG A CA  1 
ATOM   205 C C   . ARG A 1 22 ? -1.625  -0.797  -2.887  1.00 31.45 ? 22   ARG A C   1 
ATOM   206 O O   . ARG A 1 22 ? -2.725  -1.137  -3.307  1.00 33.14 ? 22   ARG A O   1 
ATOM   207 C CB  . ARG A 1 22 ? -0.069  -2.700  -3.446  1.00 33.15 ? 22   ARG A CB  1 
ATOM   208 C CG  . ARG A 1 22 ? 0.401   -1.996  -4.688  1.00 43.08 ? 22   ARG A CG  1 
ATOM   209 C CD  . ARG A 1 22 ? 0.696   -3.030  -5.768  1.00 39.00 ? 22   ARG A CD  1 
ATOM   210 N NE  . ARG A 1 22 ? 1.867   -3.828  -5.444  1.00 36.46 ? 22   ARG A NE  1 
ATOM   211 C CZ  . ARG A 1 22 ? 2.313   -4.843  -6.181  1.00 43.41 ? 22   ARG A CZ  1 
ATOM   212 N NH1 . ARG A 1 22 ? 1.683   -5.180  -7.299  1.00 47.30 ? 22   ARG A NH1 1 
ATOM   213 N NH2 . ARG A 1 22 ? 3.392   -5.517  -5.802  1.00 48.85 ? 22   ARG A NH2 1 
ATOM   214 N N   . THR A 1 23 ? -1.258  0.477   -2.850  1.00 33.05 ? 23   THR A N   1 
ATOM   215 C CA  . THR A 1 23 ? -2.184  1.488   -3.338  1.00 36.63 ? 23   THR A CA  1 
ATOM   216 C C   . THR A 1 23 ? -1.830  1.946   -4.730  1.00 42.29 ? 23   THR A C   1 
ATOM   217 O O   . THR A 1 23 ? -0.682  1.848   -5.169  1.00 41.50 ? 23   THR A O   1 
ATOM   218 C CB  . THR A 1 23 ? -2.239  2.727   -2.426  1.00 42.49 ? 23   THR A CB  1 
ATOM   219 O OG1 . THR A 1 23 ? -0.936  3.320   -2.347  1.00 37.93 ? 23   THR A OG1 1 
ATOM   220 C CG2 . THR A 1 23 ? -2.706  2.347   -1.034  1.00 42.31 ? 23   THR A CG2 1 
ATOM   221 N N   . GLU A 1 24 ? -2.849  2.449   -5.416  1.00 51.30 ? 24   GLU A N   1 
ATOM   222 C CA  . GLU A 1 24 ? -2.699  3.203   -6.640  1.00 58.42 ? 24   GLU A CA  1 
ATOM   223 C C   . GLU A 1 24 ? -3.437  4.501   -6.351  1.00 58.16 ? 24   GLU A C   1 
ATOM   224 O O   . GLU A 1 24 ? -4.045  4.631   -5.289  1.00 48.69 ? 24   GLU A O   1 
ATOM   225 C CB  . GLU A 1 24 ? -3.365  2.460   -7.797  1.00 64.67 ? 24   GLU A CB  1 
ATOM   226 C CG  . GLU A 1 24 ? -2.871  1.031   -7.956  1.00 62.41 ? 24   GLU A CG  1 
ATOM   227 C CD  . GLU A 1 24 ? -3.946  0.087   -8.464  1.00 64.09 ? 24   GLU A CD  1 
ATOM   228 O OE1 . GLU A 1 24 ? -5.034  0.567   -8.858  1.00 67.70 ? 24   GLU A OE1 1 
ATOM   229 O OE2 . GLU A 1 24 ? -3.703  -1.140  -8.465  1.00 67.33 ? 24   GLU A OE2 1 
ATOM   230 N N   . GLN A 1 25 ? -3.382  5.460   -7.268  1.00 61.37 ? 25   GLN A N   1 
ATOM   231 C CA  . GLN A 1 25 ? -4.141  6.695   -7.100  1.00 61.39 ? 25   GLN A CA  1 
ATOM   232 C C   . GLN A 1 25 ? -5.617  6.350   -6.934  1.00 64.09 ? 25   GLN A C   1 
ATOM   233 O O   . GLN A 1 25 ? -6.332  6.963   -6.136  1.00 58.89 ? 25   GLN A O   1 
ATOM   234 C CB  . GLN A 1 25 ? -3.943  7.612   -8.307  1.00 69.44 ? 25   GLN A CB  1 
ATOM   235 C CG  . GLN A 1 25 ? -2.486  7.819   -8.682  1.00 73.29 ? 25   GLN A CG  1 
ATOM   236 C CD  . GLN A 1 25 ? -2.320  8.341   -10.094 1.00 82.80 ? 25   GLN A CD  1 
ATOM   237 O OE1 . GLN A 1 25 ? -3.210  8.998   -10.635 1.00 85.79 ? 25   GLN A OE1 1 
ATOM   238 N NE2 . GLN A 1 25 ? -1.178  8.042   -10.705 1.00 86.09 ? 25   GLN A NE2 1 
ATOM   239 N N   . ALA A 1 26 ? -6.052  5.352   -7.700  1.00 65.57 ? 26   ALA A N   1 
ATOM   240 C CA  . ALA A 1 26 ? -7.375  4.754   -7.579  1.00 66.56 ? 26   ALA A CA  1 
ATOM   241 C C   . ALA A 1 26 ? -7.315  3.364   -8.213  1.00 71.22 ? 26   ALA A C   1 
ATOM   242 O O   . ALA A 1 26 ? -7.256  3.246   -9.436  1.00 74.41 ? 26   ALA A O   1 
ATOM   243 C CB  . ALA A 1 26 ? -8.419  5.620   -8.273  1.00 76.67 ? 26   ALA A CB  1 
ATOM   244 N N   . ALA A 1 27 ? -7.327  2.311   -7.393  1.00 63.89 ? 27   ALA A N   1 
ATOM   245 C CA  . ALA A 1 27 ? -7.517  2.428   -5.953  1.00 51.99 ? 27   ALA A CA  1 
ATOM   246 C C   . ALA A 1 27 ? -6.495  1.595   -5.178  1.00 47.02 ? 27   ALA A C   1 
ATOM   247 O O   . ALA A 1 27 ? -5.324  1.920   -5.142  1.00 45.16 ? 27   ALA A O   1 
ATOM   248 C CB  . ALA A 1 27 ? -8.917  1.994   -5.577  1.00 59.70 ? 27   ALA A CB  1 
ATOM   249 N N   . VAL A 1 28 ? -6.974  0.520   -4.566  1.00 36.28 ? 28   VAL A N   1 
ATOM   250 C CA  . VAL A 1 28 ? -6.173  -0.343  -3.703  1.00 35.48 ? 28   VAL A CA  1 
ATOM   251 C C   . VAL A 1 28 ? -6.135  -1.738  -4.311  1.00 32.02 ? 28   VAL A C   1 
ATOM   252 O O   . VAL A 1 28 ? -7.052  -2.129  -5.049  1.00 35.54 ? 28   VAL A O   1 
ATOM   253 C CB  . VAL A 1 28 ? -6.793  -0.400  -2.288  1.00 38.62 ? 28   VAL A CB  1 
ATOM   254 C CG1 . VAL A 1 28 ? -6.002  -1.305  -1.356  1.00 34.72 ? 28   VAL A CG1 1 
ATOM   255 C CG2 . VAL A 1 28 ? -6.893  0.999   -1.703  1.00 36.75 ? 28   VAL A CG2 1 
ATOM   256 N N   . ALA A 1 29 ? -5.052  -2.464  -4.045  1.00 25.57 ? 29   ALA A N   1 
ATOM   257 C CA  . ALA A 1 29 ? -4.959  -3.874  -4.383  1.00 27.35 ? 29   ALA A CA  1 
ATOM   258 C C   . ALA A 1 29 ? -4.516  -4.664  -3.154  1.00 24.76 ? 29   ALA A C   1 
ATOM   259 O O   . ALA A 1 29 ? -3.767  -4.168  -2.310  1.00 22.30 ? 29   ALA A O   1 
ATOM   260 C CB  . ALA A 1 29 ? -3.975  -4.100  -5.525  1.00 31.23 ? 29   ALA A CB  1 
ATOM   261 N N   A ARG A 1 30 ? -4.988  -5.905  -3.061  0.50 23.97 ? 30   ARG A N   1 
ATOM   262 N N   B ARG A 1 30 ? -4.988  -5.903  -3.052  0.50 23.96 ? 30   ARG A N   1 
ATOM   263 C CA  A ARG A 1 30 ? -4.546  -6.818  -2.020  0.50 22.43 ? 30   ARG A CA  1 
ATOM   264 C CA  B ARG A 1 30 ? -4.516  -6.795  -2.008  0.50 22.37 ? 30   ARG A CA  1 
ATOM   265 C C   A ARG A 1 30 ? -3.631  -7.842  -2.679  0.50 22.39 ? 30   ARG A C   1 
ATOM   266 C C   B ARG A 1 30 ? -3.639  -7.855  -2.656  0.50 22.38 ? 30   ARG A C   1 
ATOM   267 O O   A ARG A 1 30 ? -4.029  -8.496  -3.646  0.50 31.76 ? 30   ARG A O   1 
ATOM   268 O O   B ARG A 1 30 ? -4.073  -8.547  -3.582  0.50 30.81 ? 30   ARG A O   1 
ATOM   269 C CB  A ARG A 1 30 ? -5.765  -7.522  -1.403  0.50 23.73 ? 30   ARG A CB  1 
ATOM   270 C CB  B ARG A 1 30 ? -5.699  -7.453  -1.294  0.50 30.73 ? 30   ARG A CB  1 
ATOM   271 C CG  A ARG A 1 30 ? -5.474  -8.275  -0.114  0.50 29.21 ? 30   ARG A CG  1 
ATOM   272 C CG  B ARG A 1 30 ? -5.319  -8.140  0.003   0.50 29.25 ? 30   ARG A CG  1 
ATOM   273 C CD  A ARG A 1 30 ? -4.994  -7.352  1.011   0.50 29.92 ? 30   ARG A CD  1 
ATOM   274 C CD  B ARG A 1 30 ? -6.545  -8.663  0.713   0.50 37.59 ? 30   ARG A CD  1 
ATOM   275 N NE  A ARG A 1 30 ? -5.103  -8.011  2.315   0.50 32.54 ? 30   ARG A NE  1 
ATOM   276 N NE  B ARG A 1 30 ? -7.389  -9.406  -0.211  0.50 35.82 ? 30   ARG A NE  1 
ATOM   277 C CZ  A ARG A 1 30 ? -4.485  -7.609  3.422   0.50 33.93 ? 30   ARG A CZ  1 
ATOM   278 C CZ  B ARG A 1 30 ? -7.279  -10.715 -0.428  0.50 33.12 ? 30   ARG A CZ  1 
ATOM   279 N NH1 A ARG A 1 30 ? -3.695  -6.543  3.403   0.50 31.95 ? 30   ARG A NH1 1 
ATOM   280 N NH1 B ARG A 1 30 ? -6.358  -11.422 0.216   0.50 26.75 ? 30   ARG A NH1 1 
ATOM   281 N NH2 A ARG A 1 30 ? -4.639  -8.290  4.550   0.50 38.74 ? 30   ARG A NH2 1 
ATOM   282 N NH2 B ARG A 1 30 ? -8.084  -11.311 -1.292  0.50 43.80 ? 30   ARG A NH2 1 
ATOM   283 N N   . CYS A 1 31 ? -2.414  -7.988  -2.163  1.00 20.53 ? 31   CYS A N   1 
ATOM   284 C CA  . CYS A 1 31 ? -1.411  -8.833  -2.806  1.00 20.45 ? 31   CYS A CA  1 
ATOM   285 C C   . CYS A 1 31 ? -1.016  -9.979  -1.925  1.00 21.08 ? 31   CYS A C   1 
ATOM   286 O O   . CYS A 1 31 ? -0.897  -9.795  -0.716  1.00 19.68 ? 31   CYS A O   1 
ATOM   287 C CB  . CYS A 1 31 ? -0.138  -8.034  -3.052  1.00 19.62 ? 31   CYS A CB  1 
ATOM   288 S SG  . CYS A 1 31 ? -0.359  -6.648  -4.197  1.00 26.25 ? 31   CYS A SG  1 
ATOM   289 N N   . GLN A 1 32 ? -0.807  -11.152 -2.522  1.00 20.38 ? 32   GLN A N   1 
ATOM   290 C CA  . GLN A 1 32 ? -0.252  -12.284 -1.774  1.00 20.08 ? 32   GLN A CA  1 
ATOM   291 C C   . GLN A 1 32 ? 1.040   -12.726 -2.423  1.00 19.63 ? 32   GLN A C   1 
ATOM   292 O O   . GLN A 1 32 ? 1.130   -12.844 -3.650  1.00 22.20 ? 32   GLN A O   1 
ATOM   293 C CB  . GLN A 1 32 ? -1.225  -13.467 -1.688  1.00 21.68 ? 32   GLN A CB  1 
ATOM   294 C CG  . GLN A 1 32 ? -0.669  -14.596 -0.839  1.00 21.34 ? 32   GLN A CG  1 
ATOM   295 C CD  . GLN A 1 32 ? -1.679  -15.697 -0.610  1.00 23.93 ? 32   GLN A CD  1 
ATOM   296 O OE1 . GLN A 1 32 ? -1.844  -16.184 0.507   1.00 29.53 ? 32   GLN A OE1 1 
ATOM   297 N NE2 . GLN A 1 32 ? -2.353  -16.092 -1.670  1.00 26.34 ? 32   GLN A NE2 1 
ATOM   298 N N   . CYS A 1 33 ? 2.047   -12.979 -1.601  1.00 17.76 ? 33   CYS A N   1 
ATOM   299 C CA  . CYS A 1 33 ? 3.331   -13.393 -2.146  1.00 17.43 ? 33   CYS A CA  1 
ATOM   300 C C   . CYS A 1 33 ? 3.344   -14.827 -2.632  1.00 18.52 ? 33   CYS A C   1 
ATOM   301 O O   . CYS A 1 33 ? 3.045   -15.752 -1.870  1.00 23.18 ? 33   CYS A O   1 
ATOM   302 C CB  . CYS A 1 33 ? 4.429   -13.211 -1.106  1.00 16.04 ? 33   CYS A CB  1 
ATOM   303 S SG  . CYS A 1 33 ? 6.047   -13.737 -1.719  1.00 19.41 ? 33   CYS A SG  1 
ATOM   304 N N   . LYS A 1 34 ? 3.668   -15.023 -3.908  1.00 19.71 ? 34   LYS A N   1 
ATOM   305 C CA  . LYS A 1 34 ? 3.938   -16.357 -4.410  1.00 22.44 ? 34   LYS A CA  1 
ATOM   306 C C   . LYS A 1 34 ? 5.436   -16.636 -4.302  1.00 25.53 ? 34   LYS A C   1 
ATOM   307 O O   . LYS A 1 34 ? 5.852   -17.700 -3.830  1.00 29.18 ? 34   LYS A O   1 
ATOM   308 C CB  . LYS A 1 34 ? 3.435   -16.505 -5.847  1.00 27.67 ? 34   LYS A CB  1 
ATOM   309 C CG  . LYS A 1 34 ? 1.921   -16.384 -5.946  1.00 37.27 ? 34   LYS A CG  1 
ATOM   310 C CD  . LYS A 1 34 ? 1.246   -17.451 -5.081  1.00 49.35 ? 34   LYS A CD  1 
ATOM   311 C CE  . LYS A 1 34 ? -0.269  -17.389 -5.158  1.00 52.30 ? 34   LYS A CE  1 
ATOM   312 N NZ  . LYS A 1 34 ? -0.789  -17.799 -6.492  1.00 63.37 ? 34   LYS A NZ  1 
ATOM   313 N N   . GLY A 1 35 ? 6.238   -15.680 -4.763  1.00 22.24 ? 35   GLY A N   1 
ATOM   314 C CA  . GLY A 1 35 ? 7.670   -15.707 -4.536  1.00 21.04 ? 35   GLY A CA  1 
ATOM   315 C C   . GLY A 1 35 ? 8.450   -16.118 -5.767  1.00 21.40 ? 35   GLY A C   1 
ATOM   316 O O   . GLY A 1 35 ? 8.474   -17.307 -6.123  1.00 26.32 ? 35   GLY A O   1 
ATOM   317 N N   . PRO A 1 36 ? 9.108   -15.161 -6.438  1.00 21.08 ? 36   PRO A N   1 
ATOM   318 C CA  . PRO A 1 36 ? 9.267   -13.753 -6.054  1.00 20.66 ? 36   PRO A CA  1 
ATOM   319 C C   . PRO A 1 36 ? 8.134   -12.847 -6.500  1.00 23.73 ? 36   PRO A C   1 
ATOM   320 O O   . PRO A 1 36 ? 8.158   -11.678 -6.143  1.00 24.28 ? 36   PRO A O   1 
ATOM   321 C CB  . PRO A 1 36 ? 10.548  -13.343 -6.790  1.00 22.91 ? 36   PRO A CB  1 
ATOM   322 C CG  . PRO A 1 36 ? 10.551  -14.182 -8.012  1.00 29.16 ? 36   PRO A CG  1 
ATOM   323 C CD  . PRO A 1 36 ? 9.980   -15.516 -7.569  1.00 25.71 ? 36   PRO A CD  1 
ATOM   324 N N   . ASP A 1 37 ? 7.162   -13.363 -7.245  1.00 23.54 ? 37   ASP A N   1 
ATOM   325 C CA  . ASP A 1 37 ? 6.097   -12.514 -7.763  1.00 24.70 ? 37   ASP A CA  1 
ATOM   326 C C   . ASP A 1 37 ? 4.914   -12.480 -6.802  1.00 22.61 ? 37   ASP A C   1 
ATOM   327 O O   . ASP A 1 37 ? 4.652   -13.453 -6.092  1.00 21.59 ? 37   ASP A O   1 
ATOM   328 C CB  . ASP A 1 37 ? 5.599   -13.018 -9.117  1.00 31.23 ? 37   ASP A CB  1 
ATOM   329 C CG  . ASP A 1 37 ? 6.689   -13.049 -10.169 1.00 46.12 ? 37   ASP A CG  1 
ATOM   330 O OD1 . ASP A 1 37 ? 7.504   -12.102 -10.220 1.00 50.35 ? 37   ASP A OD1 1 
ATOM   331 O OD2 . ASP A 1 37 ? 6.726   -14.026 -10.945 1.00 52.84 ? 37   ASP A OD2 1 
ATOM   332 N N   . ALA A 1 38 ? 4.205   -11.358 -6.793  1.00 22.87 ? 38   ALA A N   1 
ATOM   333 C CA  . ALA A 1 38 ? 2.970   -11.256 -6.025  1.00 22.11 ? 38   ALA A CA  1 
ATOM   334 C C   . ALA A 1 38 ? 1.781   -11.382 -6.955  1.00 25.79 ? 38   ALA A C   1 
ATOM   335 O O   . ALA A 1 38 ? 1.839   -10.974 -8.105  1.00 27.77 ? 38   ALA A O   1 
ATOM   336 C CB  . ALA A 1 38 ? 2.899   -9.949  -5.265  1.00 24.95 ? 38   ALA A CB  1 
ATOM   337 N N   . HIS A 1 39 ? 0.706   -11.972 -6.447  1.00 25.14 ? 39   HIS A N   1 
ATOM   338 C CA  . HIS A 1 39 ? -0.555  -12.003 -7.162  1.00 27.64 ? 39   HIS A CA  1 
ATOM   339 C C   . HIS A 1 39 ? -1.466  -11.020 -6.449  1.00 29.79 ? 39   HIS A C   1 
ATOM   340 O O   . HIS A 1 39 ? -1.709  -11.150 -5.258  1.00 28.04 ? 39   HIS A O   1 
ATOM   341 C CB  . HIS A 1 39 ? -1.132  -13.414 -7.155  1.00 39.49 ? 39   HIS A CB  1 
ATOM   342 C CG  . HIS A 1 39 ? -0.399  -14.366 -8.049  1.00 47.73 ? 39   HIS A CG  1 
ATOM   343 N ND1 . HIS A 1 39 ? -0.983  -15.500 -8.573  1.00 57.36 ? 39   HIS A ND1 1 
ATOM   344 C CD2 . HIS A 1 39 ? 0.872   -14.349 -8.516  1.00 51.84 ? 39   HIS A CD2 1 
ATOM   345 C CE1 . HIS A 1 39 ? -0.104  -16.140 -9.321  1.00 58.06 ? 39   HIS A CE1 1 
ATOM   346 N NE2 . HIS A 1 39 ? 1.032   -15.465 -9.302  1.00 58.93 ? 39   HIS A NE2 1 
ATOM   347 N N   . CYS A 1 40 ? -1.947  -10.019 -7.172  1.00 30.68 ? 40   CYS A N   1 
ATOM   348 C CA  . CYS A 1 40 ? -2.718  -8.957  -6.548  1.00 28.64 ? 40   CYS A CA  1 
ATOM   349 C C   . CYS A 1 40 ? -4.129  -8.894  -7.123  1.00 32.22 ? 40   CYS A C   1 
ATOM   350 O O   . CYS A 1 40 ? -4.370  -9.261  -8.272  1.00 34.33 ? 40   CYS A O   1 
ATOM   351 C CB  . CYS A 1 40 ? -2.003  -7.606  -6.697  1.00 32.86 ? 40   CYS A CB  1 
ATOM   352 S SG  . CYS A 1 40 ? -0.303  -7.540  -6.040  1.00 30.66 ? 40   CYS A SG  1 
ATOM   353 N N   . GLN A 1 41 ? -5.058  -8.446  -6.293  1.00 34.82 ? 41   GLN A N   1 
ATOM   354 C CA  . GLN A 1 41 ? -6.433  -8.253  -6.720  1.00 36.21 ? 41   GLN A CA  1 
ATOM   355 C C   . GLN A 1 41 ? -6.814  -6.810  -6.432  1.00 35.02 ? 41   GLN A C   1 
ATOM   356 O O   . GLN A 1 41 ? -6.657  -6.343  -5.310  1.00 30.67 ? 41   GLN A O   1 
ATOM   357 C CB  . GLN A 1 41 ? -7.349  -9.203  -5.959  1.00 34.24 ? 41   GLN A CB  1 
ATOM   358 C CG  . GLN A 1 41 ? -8.834  -9.022  -6.281  1.00 42.82 ? 41   GLN A CG  1 
ATOM   359 C CD  . GLN A 1 41 ? -9.115  -9.127  -7.767  1.00 59.65 ? 41   GLN A CD  1 
ATOM   360 O OE1 . GLN A 1 41 ? -8.864  -10.163 -8.386  1.00 63.13 ? 41   GLN A OE1 1 
ATOM   361 N NE2 . GLN A 1 41 ? -9.628  -8.048  -8.351  1.00 65.41 ? 41   GLN A NE2 1 
ATOM   362 N N   . ARG A 1 42 ? -7.310  -6.116  -7.453  1.00 38.04 ? 42   ARG A N   1 
ATOM   363 C CA  . ARG A 1 42 ? -7.701  -4.721  -7.327  1.00 41.10 ? 42   ARG A CA  1 
ATOM   364 C C   . ARG A 1 42 ? -9.054  -4.664  -6.630  1.00 36.01 ? 42   ARG A C   1 
ATOM   365 O O   . ARG A 1 42 ? -9.980  -5.369  -7.011  1.00 39.00 ? 42   ARG A O   1 
ATOM   366 C CB  . ARG A 1 42 ? -7.799  -4.079  -8.712  1.00 49.20 ? 42   ARG A CB  1 
ATOM   367 C CG  . ARG A 1 42 ? -7.561  -2.577  -8.747  1.00 54.69 ? 42   ARG A CG  1 
ATOM   368 C CD  . ARG A 1 42 ? -7.525  -2.071  -10.183 1.00 62.48 ? 42   ARG A CD  1 
ATOM   369 N NE  . ARG A 1 42 ? -6.611  -2.852  -11.015 1.00 67.77 ? 42   ARG A NE  1 
ATOM   370 C CZ  . ARG A 1 42 ? -5.416  -2.432  -11.420 1.00 70.55 ? 42   ARG A CZ  1 
ATOM   371 N NH1 . ARG A 1 42 ? -4.985  -1.226  -11.081 1.00 70.66 ? 42   ARG A NH1 1 
ATOM   372 N NH2 . ARG A 1 42 ? -4.654  -3.216  -12.172 1.00 74.38 ? 42   ARG A NH2 1 
ATOM   373 N N   . LEU A 1 43 ? -9.147  -3.838  -5.594  1.00 37.36 ? 43   LEU A N   1 
ATOM   374 C CA  . LEU A 1 43 ? -10.369 -3.714  -4.810  1.00 34.35 ? 43   LEU A CA  1 
ATOM   375 C C   . LEU A 1 43 ? -10.953 -2.326  -4.929  1.00 35.98 ? 43   LEU A C   1 
ATOM   376 O O   . LEU A 1 43 ? -10.235 -1.333  -4.959  1.00 38.36 ? 43   LEU A O   1 
ATOM   377 C CB  . LEU A 1 43 ? -10.076 -3.967  -3.333  1.00 31.44 ? 43   LEU A CB  1 
ATOM   378 C CG  . LEU A 1 43 ? -9.474  -5.313  -2.970  1.00 31.91 ? 43   LEU A CG  1 
ATOM   379 C CD1 . LEU A 1 43 ? -9.149  -5.328  -1.484  1.00 30.90 ? 43   LEU A CD1 1 
ATOM   380 C CD2 . LEU A 1 43 ? -10.417 -6.418  -3.329  1.00 39.69 ? 43   LEU A CD2 1 
ATOM   381 N N   . ALA A 1 44 ? -12.275 -2.262  -4.962  1.00 45.52 ? 44   ALA A N   1 
ATOM   382 C CA  . ALA A 1 44 ? -12.981 -0.999  -4.882  1.00 45.57 ? 44   ALA A CA  1 
ATOM   383 C C   . ALA A 1 44 ? -12.826 -0.448  -3.477  1.00 44.88 ? 44   ALA A C   1 
ATOM   384 O O   . ALA A 1 44 ? -13.131 -1.117  -2.493  1.00 46.28 ? 44   ALA A O   1 
ATOM   385 C CB  . ALA A 1 44 ? -14.469 -1.198  -5.218  1.00 48.69 ? 44   ALA A CB  1 
ATOM   386 N N   . SER A 1 45 ? -12.336 0.783   -3.380  1.00 43.20 ? 45   SER A N   1 
ATOM   387 C CA  . SER A 1 45 ? -12.185 1.420   -2.089  1.00 42.87 ? 45   SER A CA  1 
ATOM   388 C C   . SER A 1 45 ? -13.083 2.649   -2.061  1.00 51.93 ? 45   SER A C   1 
ATOM   389 O O   . SER A 1 45 ? -13.639 3.033   -3.085  1.00 51.96 ? 45   SER A O   1 
ATOM   390 C CB  . SER A 1 45 ? -10.740 1.856   -1.902  1.00 40.38 ? 45   SER A CB  1 
ATOM   391 O OG  . SER A 1 45 ? -10.415 2.791   -2.905  1.00 39.65 ? 45   SER A OG  1 
ATOM   392 N N   . GLN A 1 46 ? -13.232 3.259   -0.893  1.00 44.68 ? 46   GLN A N   1 
ATOM   393 C CA  . GLN A 1 46 ? -13.988 4.506   -0.805  1.00 46.21 ? 46   GLN A CA  1 
ATOM   394 C C   . GLN A 1 46 ? -13.141 5.606   -0.181  1.00 44.69 ? 46   GLN A C   1 
ATOM   395 O O   . GLN A 1 46 ? -12.139 5.342   0.462   1.00 43.05 ? 46   GLN A O   1 
ATOM   396 C CB  . GLN A 1 46 ? -15.276 4.301   -0.016  1.00 54.25 ? 46   GLN A CB  1 
ATOM   397 C CG  . GLN A 1 46 ? -16.319 3.489   -0.763  1.00 61.25 ? 46   GLN A CG  1 
ATOM   398 C CD  . GLN A 1 46 ? -17.575 3.265   0.055   1.00 71.38 ? 46   GLN A CD  1 
ATOM   399 O OE1 . GLN A 1 46 ? -17.555 3.360   1.283   1.00 75.59 ? 46   GLN A OE1 1 
ATOM   400 N NE2 . GLN A 1 46 ? -18.681 2.968   -0.623  1.00 75.93 ? 46   GLN A NE2 1 
ATOM   401 N N   . ALA A 1 47 ? -13.535 6.858   -0.374  1.00 50.59 ? 47   ALA A N   1 
ATOM   402 C CA  . ALA A 1 47 ? -12.777 7.932   0.239   1.00 49.93 ? 47   ALA A CA  1 
ATOM   403 C C   . ALA A 1 47 ? -13.040 7.956   1.737   1.00 46.44 ? 47   ALA A C   1 
ATOM   404 O O   . ALA A 1 47 ? -14.142 7.677   2.189   1.00 49.41 ? 47   ALA A O   1 
ATOM   405 C CB  . ALA A 1 47 ? -13.128 9.275   -0.394  1.00 54.83 ? 47   ALA A CB  1 
ATOM   406 N N   . CYS A 1 48 ? -12.000 8.246   2.505   1.00 45.27 ? 48   CYS A N   1 
ATOM   407 C CA  . CYS A 1 48 ? -12.138 8.462   3.935   1.00 49.30 ? 48   CYS A CA  1 
ATOM   408 C C   . CYS A 1 48 ? -12.866 9.774   4.176   1.00 52.09 ? 48   CYS A C   1 
ATOM   409 O O   . CYS A 1 48 ? -12.645 10.743  3.449   1.00 48.83 ? 48   CYS A O   1 
ATOM   410 C CB  . CYS A 1 48 ? -10.751 8.535   4.560   1.00 46.35 ? 48   CYS A CB  1 
ATOM   411 S SG  . CYS A 1 48 ? -9.618  7.342   3.859   1.00 50.72 ? 48   CYS A SG  1 
ATOM   412 N N   . ARG A 1 49 ? -13.721 9.814   5.193   1.00 55.35 ? 49   ARG A N   1 
ATOM   413 C CA  . ARG A 1 49 ? -14.421 11.048  5.535   1.00 56.43 ? 49   ARG A CA  1 
ATOM   414 C C   . ARG A 1 49 ? -13.431 12.108  5.990   1.00 57.56 ? 49   ARG A C   1 
ATOM   415 O O   . ARG A 1 49 ? -13.483 13.251  5.548   1.00 55.95 ? 49   ARG A O   1 
ATOM   416 C CB  . ARG A 1 49 ? -15.454 10.820  6.635   1.00 61.42 ? 49   ARG A CB  1 
ATOM   417 C CG  . ARG A 1 49 ? -16.155 12.099  7.066   1.00 65.19 ? 49   ARG A CG  1 
ATOM   418 C CD  . ARG A 1 49 ? -16.782 11.952  8.432   1.00 69.97 ? 49   ARG A CD  1 
ATOM   419 N NE  . ARG A 1 49 ? -17.584 13.113  8.807   1.00 74.72 ? 49   ARG A NE  1 
ATOM   420 C CZ  . ARG A 1 49 ? -17.175 14.071  9.633   1.00 77.78 ? 49   ARG A CZ  1 
ATOM   421 N NH1 . ARG A 1 49 ? -15.969 14.009  10.178  1.00 73.42 ? 49   ARG A NH1 1 
ATOM   422 N NH2 . ARG A 1 49 ? -17.977 15.089  9.919   1.00 81.18 ? 49   ARG A NH2 1 
ATOM   423 N N   . THR A 1 50 ? -12.533 11.725  6.888   1.00 54.43 ? 50   THR A N   1 
ATOM   424 C CA  . THR A 1 50 ? -11.464 12.613  7.306   1.00 53.45 ? 50   THR A CA  1 
ATOM   425 C C   . THR A 1 50 ? -10.172 12.084  6.715   1.00 51.57 ? 50   THR A C   1 
ATOM   426 O O   . THR A 1 50 ? -9.928  10.880  6.738   1.00 48.28 ? 50   THR A O   1 
ATOM   427 C CB  . THR A 1 50 ? -11.346 12.678  8.835   1.00 61.40 ? 50   THR A CB  1 
ATOM   428 O OG1 . THR A 1 50 ? -12.603 13.080  9.392   1.00 65.01 ? 50   THR A OG1 1 
ATOM   429 C CG2 . THR A 1 50 ? -10.276 13.676  9.249   1.00 59.58 ? 50   THR A CG2 1 
ATOM   430 N N   . ASN A 1 51 ? -9.353  12.978  6.170   1.00 49.16 ? 51   ASN A N   1 
ATOM   431 C CA  . ASN A 1 51 ? -8.096  12.572  5.544   1.00 45.69 ? 51   ASN A CA  1 
ATOM   432 C C   . ASN A 1 51 ? -6.894  12.815  6.451   1.00 44.46 ? 51   ASN A C   1 
ATOM   433 O O   . ASN A 1 51 ? -6.495  13.957  6.663   1.00 45.22 ? 51   ASN A O   1 
ATOM   434 C CB  . ASN A 1 51 ? -7.917  13.306  4.210   1.00 43.05 ? 51   ASN A CB  1 
ATOM   435 C CG  . ASN A 1 51 ? -6.799  12.720  3.365   1.00 40.28 ? 51   ASN A CG  1 
ATOM   436 O OD1 . ASN A 1 51 ? -5.960  11.966  3.861   1.00 39.40 ? 51   ASN A OD1 1 
ATOM   437 N ND2 . ASN A 1 51 ? -6.786  13.058  2.084   1.00 39.55 ? 51   ASN A ND2 1 
ATOM   438 N N   . PRO A 1 52 ? -6.302  11.729  6.985   1.00 44.95 ? 52   PRO A N   1 
ATOM   439 C CA  . PRO A 1 52 ? -5.148  11.794  7.879   1.00 54.39 ? 52   PRO A CA  1 
ATOM   440 C C   . PRO A 1 52 ? -3.842  11.900  7.103   1.00 56.63 ? 52   PRO A C   1 
ATOM   441 O O   . PRO A 1 52 ? -2.784  12.053  7.712   1.00 56.27 ? 52   PRO A O   1 
ATOM   442 C CB  . PRO A 1 52 ? -5.202  10.444  8.596   1.00 46.18 ? 52   PRO A CB  1 
ATOM   443 C CG  . PRO A 1 52 ? -5.749  9.516   7.569   1.00 44.32 ? 52   PRO A CG  1 
ATOM   444 C CD  . PRO A 1 52 ? -6.735  10.340  6.750   1.00 43.69 ? 52   PRO A CD  1 
ATOM   445 N N   . CYS A 1 53 ? -3.913  11.809  5.780   1.00 40.48 ? 53   CYS A N   1 
ATOM   446 C CA  . CYS A 1 53 ? -2.708  11.771  4.965   1.00 40.41 ? 53   CYS A CA  1 
ATOM   447 C C   . CYS A 1 53 ? -2.112  13.159  4.837   1.00 43.39 ? 53   CYS A C   1 
ATOM   448 O O   . CYS A 1 53 ? -2.831  14.130  4.658   1.00 40.02 ? 53   CYS A O   1 
ATOM   449 C CB  . CYS A 1 53 ? -2.998  11.189  3.580   1.00 37.13 ? 53   CYS A CB  1 
ATOM   450 S SG  . CYS A 1 53 ? -3.879  9.609   3.612   1.00 36.96 ? 53   CYS A SG  1 
ATOM   451 N N   . LEU A 1 54 ? -0.794  13.252  4.947   1.00 40.15 ? 54   LEU A N   1 
ATOM   452 C CA  . LEU A 1 54 ? -0.136  14.540  4.832   1.00 46.77 ? 54   LEU A CA  1 
ATOM   453 C C   . LEU A 1 54 ? 0.258   14.841  3.394   1.00 39.58 ? 54   LEU A C   1 
ATOM   454 O O   . LEU A 1 54 ? 0.296   13.957  2.550   1.00 41.31 ? 54   LEU A O   1 
ATOM   455 C CB  . LEU A 1 54 ? 1.094   14.599  5.742   1.00 45.66 ? 54   LEU A CB  1 
ATOM   456 C CG  . LEU A 1 54 ? 0.798   14.467  7.238   1.00 52.97 ? 54   LEU A CG  1 
ATOM   457 C CD1 . LEU A 1 54 ? 2.068   14.653  8.051   1.00 56.27 ? 54   LEU A CD1 1 
ATOM   458 C CD2 . LEU A 1 54 ? -0.272  15.459  7.677   1.00 51.68 ? 54   LEU A CD2 1 
ATOM   459 N N   . HIS A 1 55 ? 0.519   16.110  3.120   1.00 40.73 ? 55   HIS A N   1 
ATOM   460 C CA  . HIS A 1 55 ? 1.248   16.494  1.917   1.00 40.93 ? 55   HIS A CA  1 
ATOM   461 C C   . HIS A 1 55 ? 0.583   16.182  0.569   1.00 39.97 ? 55   HIS A C   1 
ATOM   462 O O   . HIS A 1 55 ? 1.248   16.148  -0.457  1.00 44.87 ? 55   HIS A O   1 
ATOM   463 C CB  . HIS A 1 55 ? 2.665   15.913  1.999   1.00 41.35 ? 55   HIS A CB  1 
ATOM   464 C CG  . HIS A 1 55 ? 3.384   16.288  3.257   1.00 43.03 ? 55   HIS A CG  1 
ATOM   465 N ND1 . HIS A 1 55 ? 3.964   15.359  4.096   1.00 47.16 ? 55   HIS A ND1 1 
ATOM   466 C CD2 . HIS A 1 55 ? 3.609   17.498  3.825   1.00 53.88 ? 55   HIS A CD2 1 
ATOM   467 C CE1 . HIS A 1 55 ? 4.515   15.979  5.123   1.00 51.18 ? 55   HIS A CE1 1 
ATOM   468 N NE2 . HIS A 1 55 ? 4.316   17.278  4.982   1.00 52.51 ? 55   HIS A NE2 1 
ATOM   469 N N   . GLY A 1 56 ? -0.733  15.990  0.564   1.00 39.35 ? 56   GLY A N   1 
ATOM   470 C CA  . GLY A 1 56 ? -1.453  15.728  -0.674  1.00 39.57 ? 56   GLY A CA  1 
ATOM   471 C C   . GLY A 1 56 ? -1.820  14.266  -0.859  1.00 37.32 ? 56   GLY A C   1 
ATOM   472 O O   . GLY A 1 56 ? -2.428  13.874  -1.860  1.00 37.18 ? 56   GLY A O   1 
ATOM   473 N N   . GLY A 1 57 ? -1.447  13.455  0.117   1.00 36.52 ? 57   GLY A N   1 
ATOM   474 C CA  . GLY A 1 57 ? -1.784  12.047  0.064   1.00 35.39 ? 57   GLY A CA  1 
ATOM   475 C C   . GLY A 1 57 ? -3.264  11.826  -0.174  1.00 35.30 ? 57   GLY A C   1 
ATOM   476 O O   . GLY A 1 57 ? -4.090  12.572  0.337   1.00 36.26 ? 57   GLY A O   1 
ATOM   477 N N   . ARG A 1 58 ? -3.590  10.804  -0.958  1.00 34.65 ? 58   ARG A N   1 
ATOM   478 C CA  . ARG A 1 58 ? -4.982  10.420  -1.149  1.00 34.97 ? 58   ARG A CA  1 
ATOM   479 C C   . ARG A 1 58 ? -5.299  9.328   -0.149  1.00 34.79 ? 58   ARG A C   1 
ATOM   480 O O   . ARG A 1 58 ? -4.559  8.349   -0.031  1.00 34.21 ? 58   ARG A O   1 
ATOM   481 C CB  . ARG A 1 58 ? -5.226  9.921   -2.572  1.00 40.30 ? 58   ARG A CB  1 
ATOM   482 C CG  . ARG A 1 58 ? -4.864  10.918  -3.654  1.00 47.16 ? 58   ARG A CG  1 
ATOM   483 C CD  . ARG A 1 58 ? -5.300  10.433  -5.030  1.00 53.53 ? 58   ARG A CD  1 
ATOM   484 N NE  . ARG A 1 58 ? -5.584  11.550  -5.933  1.00 57.83 ? 58   ARG A NE  1 
ATOM   485 C CZ  . ARG A 1 58 ? -4.659  12.205  -6.629  1.00 64.90 ? 58   ARG A CZ  1 
ATOM   486 N NH1 . ARG A 1 58 ? -3.380  11.862  -6.528  1.00 67.30 ? 58   ARG A NH1 1 
ATOM   487 N NH2 . ARG A 1 58 ? -5.014  13.206  -7.424  1.00 67.09 ? 58   ARG A NH2 1 
ATOM   488 N N   . CYS A 1 59 ? -6.412  9.491   0.561   1.00 35.92 ? 59   CYS A N   1 
ATOM   489 C CA  . CYS A 1 59 ? -6.819  8.505   1.550   1.00 36.58 ? 59   CYS A CA  1 
ATOM   490 C C   . CYS A 1 59 ? -7.850  7.558   0.951   1.00 37.01 ? 59   CYS A C   1 
ATOM   491 O O   . CYS A 1 59 ? -8.864  7.990   0.422   1.00 37.99 ? 59   CYS A O   1 
ATOM   492 C CB  . CYS A 1 59 ? -7.371  9.183   2.805   1.00 43.64 ? 59   CYS A CB  1 
ATOM   493 S SG  . CYS A 1 59 ? -7.732  8.035   4.158   1.00 45.07 ? 59   CYS A SG  1 
ATOM   494 N N   . LEU A 1 60 ? -7.573  6.257   1.028   1.00 36.77 ? 60   LEU A N   1 
ATOM   495 C CA  . LEU A 1 60 ? -8.454  5.251   0.455   1.00 37.42 ? 60   LEU A CA  1 
ATOM   496 C C   . LEU A 1 60 ? -8.846  4.272   1.550   1.00 39.11 ? 60   LEU A C   1 
ATOM   497 O O   . LEU A 1 60 ? -8.000  3.807   2.315   1.00 39.28 ? 60   LEU A O   1 
ATOM   498 C CB  . LEU A 1 60 ? -7.755  4.511   -0.689  1.00 41.81 ? 60   LEU A CB  1 
ATOM   499 C CG  . LEU A 1 60 ? -7.220  5.406   -1.813  1.00 41.93 ? 60   LEU A CG  1 
ATOM   500 C CD1 . LEU A 1 60 ? -5.901  4.858   -2.349  1.00 46.35 ? 60   LEU A CD1 1 
ATOM   501 C CD2 . LEU A 1 60 ? -8.241  5.550   -2.926  1.00 51.52 ? 60   LEU A CD2 1 
ATOM   502 N N   . GLU A 1 61 ? -10.132 3.951   1.629   1.00 41.01 ? 61   GLU A N   1 
ATOM   503 C CA  . GLU A 1 61 ? -10.625 3.104   2.709   1.00 45.69 ? 61   GLU A CA  1 
ATOM   504 C C   . GLU A 1 61 ? -11.055 1.722   2.206   1.00 44.41 ? 61   GLU A C   1 
ATOM   505 O O   . GLU A 1 61 ? -11.880 1.628   1.308   1.00 44.74 ? 61   GLU A O   1 
ATOM   506 C CB  . GLU A 1 61 ? -11.801 3.800   3.402   1.00 48.63 ? 61   GLU A CB  1 
ATOM   507 C CG  . GLU A 1 61 ? -12.210 3.193   4.728   1.00 49.35 ? 61   GLU A CG  1 
ATOM   508 C CD  . GLU A 1 61 ? -13.107 4.117   5.531   1.00 63.04 ? 61   GLU A CD  1 
ATOM   509 O OE1 . GLU A 1 61 ? -12.650 5.226   5.887   1.00 59.70 ? 61   GLU A OE1 1 
ATOM   510 O OE2 . GLU A 1 61 ? -14.266 3.742   5.795   1.00 70.07 ? 61   GLU A OE2 1 
ATOM   511 N N   . VAL A 1 62 ? -10.465 0.666   2.773   1.00 45.29 ? 62   VAL A N   1 
ATOM   512 C CA  . VAL A 1 62 ? -10.803 -0.717  2.435   1.00 46.80 ? 62   VAL A CA  1 
ATOM   513 C C   . VAL A 1 62 ? -10.804 -1.544  3.709   1.00 50.98 ? 62   VAL A C   1 
ATOM   514 O O   . VAL A 1 62 ? -9.898  -1.414  4.536   1.00 50.25 ? 62   VAL A O   1 
ATOM   515 C CB  . VAL A 1 62 ? -9.793  -1.366  1.461   1.00 57.29 ? 62   VAL A CB  1 
ATOM   516 C CG1 . VAL A 1 62 ? -10.052 -0.931  0.040   1.00 60.02 ? 62   VAL A CG1 1 
ATOM   517 C CG2 . VAL A 1 62 ? -8.361  -1.055  1.873   1.00 61.00 ? 62   VAL A CG2 1 
ATOM   518 N N   . GLU A 1 63 ? -11.806 -2.409  3.843   1.00 57.08 ? 63   GLU A N   1 
ATOM   519 C CA  . GLU A 1 63 ? -12.060 -3.125  5.092   1.00 65.16 ? 63   GLU A CA  1 
ATOM   520 C C   . GLU A 1 63 ? -12.174 -2.116  6.235   1.00 67.35 ? 63   GLU A C   1 
ATOM   521 O O   . GLU A 1 63 ? -11.717 -2.365  7.348   1.00 72.30 ? 63   GLU A O   1 
ATOM   522 C CB  . GLU A 1 63 ? -10.958 -4.156  5.366   1.00 68.45 ? 63   GLU A CB  1 
ATOM   523 C CG  . GLU A 1 63 ? -10.585 -5.019  4.155   1.00 67.93 ? 63   GLU A CG  1 
ATOM   524 C CD  . GLU A 1 63 ? -11.186 -6.415  4.200   1.00 60.46 ? 63   GLU A CD  1 
ATOM   525 O OE1 . GLU A 1 63 ? -12.099 -6.648  5.016   1.00 73.74 ? 63   GLU A OE1 1 
ATOM   526 O OE2 . GLU A 1 63 ? -10.743 -7.271  3.408   1.00 60.22 ? 63   GLU A OE2 1 
ATOM   527 N N   . GLY A 1 64 ? -12.760 -0.957  5.932   1.00 69.17 ? 64   GLY A N   1 
ATOM   528 C CA  . GLY A 1 64 ? -12.873 0.135   6.886   1.00 67.67 ? 64   GLY A CA  1 
ATOM   529 C C   . GLY A 1 64 ? -11.532 0.727   7.294   1.00 66.54 ? 64   GLY A C   1 
ATOM   530 O O   . GLY A 1 64 ? -11.465 1.605   8.149   1.00 66.17 ? 64   GLY A O   1 
ATOM   531 N N   . HIS A 1 65 ? -10.465 0.246   6.666   1.00 65.54 ? 65   HIS A N   1 
ATOM   532 C CA  . HIS A 1 65 ? -9.099  0.595   7.038   1.00 62.80 ? 65   HIS A CA  1 
ATOM   533 C C   . HIS A 1 65 ? -8.546  1.628   6.059   1.00 59.62 ? 65   HIS A C   1 
ATOM   534 O O   . HIS A 1 65 ? -8.670  1.454   4.848   1.00 52.74 ? 65   HIS A O   1 
ATOM   535 C CB  . HIS A 1 65 ? -8.246  -0.677  7.035   1.00 67.03 ? 65   HIS A CB  1 
ATOM   536 C CG  . HIS A 1 65 ? -6.831  -0.467  7.466   1.00 68.39 ? 65   HIS A CG  1 
ATOM   537 N ND1 . HIS A 1 65 ? -5.847  -0.037  6.603   1.00 64.89 ? 65   HIS A ND1 1 
ATOM   538 C CD2 . HIS A 1 65 ? -6.228  -0.649  8.665   1.00 75.06 ? 65   HIS A CD2 1 
ATOM   539 C CE1 . HIS A 1 65 ? -4.702  0.054   7.256   1.00 68.05 ? 65   HIS A CE1 1 
ATOM   540 N NE2 . HIS A 1 65 ? -4.904  -0.315  8.507   1.00 76.43 ? 65   HIS A NE2 1 
ATOM   541 N N   . ARG A 1 66 ? -7.944  2.694   6.594   1.00 60.49 ? 66   ARG A N   1 
ATOM   542 C CA  . ARG A 1 66 ? -7.494  3.842   5.801   1.00 54.68 ? 66   ARG A CA  1 
ATOM   543 C C   . ARG A 1 66 ? -6.033  3.772   5.354   1.00 50.07 ? 66   ARG A C   1 
ATOM   544 O O   . ARG A 1 66 ? -5.117  3.736   6.174   1.00 53.91 ? 66   ARG A O   1 
ATOM   545 C CB  . ARG A 1 66 ? -7.698  5.147   6.581   1.00 51.08 ? 66   ARG A CB  1 
ATOM   546 C CG  . ARG A 1 66 ? -9.130  5.442   6.982   1.00 53.68 ? 66   ARG A CG  1 
ATOM   547 C CD  . ARG A 1 66 ? -9.179  6.689   7.845   1.00 57.50 ? 66   ARG A CD  1 
ATOM   548 N NE  . ARG A 1 66 ? -10.518 7.262   7.912   1.00 66.48 ? 66   ARG A NE  1 
ATOM   549 C CZ  . ARG A 1 66 ? -10.783 8.479   8.375   1.00 69.15 ? 66   ARG A CZ  1 
ATOM   550 N NH1 . ARG A 1 66 ? -9.795  9.252   8.809   1.00 64.90 ? 66   ARG A NH1 1 
ATOM   551 N NH2 . ARG A 1 66 ? -12.033 8.927   8.401   1.00 71.33 ? 66   ARG A NH2 1 
ATOM   552 N N   . LEU A 1 67 ? -5.831  3.796   4.043   1.00 40.10 ? 67   LEU A N   1 
ATOM   553 C CA  . LEU A 1 67 ? -4.504  3.763   3.453   1.00 40.21 ? 67   LEU A CA  1 
ATOM   554 C C   . LEU A 1 67 ? -4.204  5.113   2.836   1.00 37.01 ? 67   LEU A C   1 
ATOM   555 O O   . LEU A 1 67 ? -5.114  5.811   2.396   1.00 36.45 ? 67   LEU A O   1 
ATOM   556 C CB  . LEU A 1 67 ? -4.448  2.701   2.360   1.00 38.23 ? 67   LEU A CB  1 
ATOM   557 C CG  . LEU A 1 67 ? -4.829  1.296   2.815   1.00 44.33 ? 67   LEU A CG  1 
ATOM   558 C CD1 . LEU A 1 67 ? -4.925  0.381   1.615   1.00 44.65 ? 67   LEU A CD1 1 
ATOM   559 C CD2 . LEU A 1 67 ? -3.817  0.779   3.810   1.00 42.49 ? 67   LEU A CD2 1 
ATOM   560 N N   . CYS A 1 68 ? -2.929  5.481   2.794   1.00 36.70 ? 68   CYS A N   1 
ATOM   561 C CA  . CYS A 1 68 ? -2.540  6.722   2.139   1.00 35.53 ? 68   CYS A CA  1 
ATOM   562 C C   . CYS A 1 68 ? -1.753  6.425   0.881   1.00 34.79 ? 68   CYS A C   1 
ATOM   563 O O   . CYS A 1 68 ? -0.747  5.704   0.920   1.00 35.88 ? 68   CYS A O   1 
ATOM   564 C CB  . CYS A 1 68 ? -1.709  7.593   3.076   1.00 36.41 ? 68   CYS A CB  1 
ATOM   565 S SG  . CYS A 1 68 ? -2.620  8.273   4.475   1.00 37.89 ? 68   CYS A SG  1 
ATOM   566 N N   . HIS A 1 69 ? -2.228  6.948   -0.243  1.00 34.27 ? 69   HIS A N   1 
ATOM   567 C CA  . HIS A 1 69 ? -1.419  6.952   -1.441  1.00 35.80 ? 69   HIS A CA  1 
ATOM   568 C C   . HIS A 1 69 ? -0.653  8.271   -1.486  1.00 34.21 ? 69   HIS A C   1 
ATOM   569 O O   . HIS A 1 69 ? -1.194  9.339   -1.793  1.00 34.28 ? 69   HIS A O   1 
ATOM   570 C CB  . HIS A 1 69 ? -2.235  6.720   -2.713  1.00 36.79 ? 69   HIS A CB  1 
ATOM   571 C CG  . HIS A 1 69 ? -1.382  6.518   -3.925  1.00 39.09 ? 69   HIS A CG  1 
ATOM   572 N ND1 . HIS A 1 69 ? -0.684  5.353   -4.155  1.00 41.63 ? 69   HIS A ND1 1 
ATOM   573 C CD2 . HIS A 1 69 ? -1.058  7.357   -4.938  1.00 43.87 ? 69   HIS A CD2 1 
ATOM   574 C CE1 . HIS A 1 69 ? 0.003   5.467   -5.278  1.00 53.64 ? 69   HIS A CE1 1 
ATOM   575 N NE2 . HIS A 1 69 ? -0.209  6.674   -5.774  1.00 49.94 ? 69   HIS A NE2 1 
ATOM   576 N N   . CYS A 1 70 ? 0.625   8.167   -1.157  1.00 46.30 ? 70   CYS A N   1 
ATOM   577 C CA  . CYS A 1 70 ? 1.467   9.317   -0.911  1.00 50.64 ? 70   CYS A CA  1 
ATOM   578 C C   . CYS A 1 70 ? 2.010   9.911   -2.204  1.00 50.96 ? 70   CYS A C   1 
ATOM   579 O O   . CYS A 1 70 ? 2.156   9.213   -3.204  1.00 49.93 ? 70   CYS A O   1 
ATOM   580 C CB  . CYS A 1 70 ? 2.617   8.900   0.015   1.00 51.43 ? 70   CYS A CB  1 
ATOM   581 S SG  . CYS A 1 70 ? 2.091   8.546   1.716   1.00 50.08 ? 70   CYS A SG  1 
ATOM   582 N N   . PRO A 1 71 ? 2.293   11.217  -2.192  1.00 51.06 ? 71   PRO A N   1 
ATOM   583 C CA  . PRO A 1 71 ? 2.965   11.847  -3.327  1.00 58.68 ? 71   PRO A CA  1 
ATOM   584 C C   . PRO A 1 71 ? 4.463   11.588  -3.244  1.00 60.39 ? 71   PRO A C   1 
ATOM   585 O O   . PRO A 1 71 ? 4.944   11.101  -2.220  1.00 54.57 ? 71   PRO A O   1 
ATOM   586 C CB  . PRO A 1 71 ? 2.688   13.329  -3.097  1.00 56.56 ? 71   PRO A CB  1 
ATOM   587 C CG  . PRO A 1 71 ? 2.647   13.452  -1.616  1.00 58.66 ? 71   PRO A CG  1 
ATOM   588 C CD  . PRO A 1 71 ? 1.983   12.186  -1.127  1.00 52.17 ? 71   PRO A CD  1 
ATOM   589 N N   . VAL A 1 72 ? 5.185   11.906  -4.312  1.00 65.05 ? 72   VAL A N   1 
ATOM   590 C CA  . VAL A 1 72 ? 6.638   11.795  -4.312  1.00 64.89 ? 72   VAL A CA  1 
ATOM   591 C C   . VAL A 1 72 ? 7.219   12.661  -3.199  1.00 61.43 ? 72   VAL A C   1 
ATOM   592 O O   . VAL A 1 72 ? 6.705   13.746  -2.913  1.00 64.65 ? 72   VAL A O   1 
ATOM   593 C CB  . VAL A 1 72 ? 7.228   12.227  -5.666  1.00 70.23 ? 72   VAL A CB  1 
ATOM   594 C CG1 . VAL A 1 72 ? 8.724   11.945  -5.715  1.00 75.19 ? 72   VAL A CG1 1 
ATOM   595 C CG2 . VAL A 1 72 ? 6.518   11.507  -6.800  1.00 70.36 ? 72   VAL A CG2 1 
ATOM   596 N N   . GLY A 1 73 ? 8.278   12.167  -2.563  1.00 68.08 ? 73   GLY A N   1 
ATOM   597 C CA  . GLY A 1 73 ? 8.939   12.890  -1.494  1.00 65.62 ? 73   GLY A CA  1 
ATOM   598 C C   . GLY A 1 73 ? 8.498   12.444  -0.115  1.00 62.39 ? 73   GLY A C   1 
ATOM   599 O O   . GLY A 1 73 ? 9.127   12.774  0.890   1.00 64.34 ? 73   GLY A O   1 
ATOM   600 N N   . TYR A 1 74 ? 7.406   11.689  -0.061  1.00 65.34 ? 74   TYR A N   1 
ATOM   601 C CA  . TYR A 1 74 ? 6.866   11.255  1.215   1.00 59.26 ? 74   TYR A CA  1 
ATOM   602 C C   . TYR A 1 74 ? 6.436   9.794   1.161   1.00 56.95 ? 74   TYR A C   1 
ATOM   603 O O   . TYR A 1 74 ? 6.129   9.260   0.097   1.00 56.02 ? 74   TYR A O   1 
ATOM   604 C CB  . TYR A 1 74 ? 5.697   12.156  1.634   1.00 58.88 ? 74   TYR A CB  1 
ATOM   605 C CG  . TYR A 1 74 ? 6.073   13.619  1.679   1.00 61.25 ? 74   TYR A CG  1 
ATOM   606 C CD1 . TYR A 1 74 ? 6.654   14.171  2.813   1.00 69.33 ? 74   TYR A CD1 1 
ATOM   607 C CD2 . TYR A 1 74 ? 5.867   14.441  0.581   1.00 61.35 ? 74   TYR A CD2 1 
ATOM   608 C CE1 . TYR A 1 74 ? 7.009   15.512  2.855   1.00 65.93 ? 74   TYR A CE1 1 
ATOM   609 C CE2 . TYR A 1 74 ? 6.218   15.780  0.613   1.00 65.55 ? 74   TYR A CE2 1 
ATOM   610 C CZ  . TYR A 1 74 ? 6.788   16.310  1.752   1.00 65.97 ? 74   TYR A CZ  1 
ATOM   611 O OH  . TYR A 1 74 ? 7.140   17.642  1.790   1.00 69.79 ? 74   TYR A OH  1 
ATOM   612 N N   . THR A 1 75 ? 6.429   9.159   2.323   1.00 56.98 ? 75   THR A N   1 
ATOM   613 C CA  . THR A 1 75 ? 6.014   7.773   2.443   1.00 55.04 ? 75   THR A CA  1 
ATOM   614 C C   . THR A 1 75 ? 5.586   7.596   3.888   1.00 55.28 ? 75   THR A C   1 
ATOM   615 O O   . THR A 1 75 ? 5.473   8.576   4.629   1.00 56.66 ? 75   THR A O   1 
ATOM   616 C CB  . THR A 1 75 ? 7.159   6.816   2.097   1.00 60.12 ? 75   THR A CB  1 
ATOM   617 O OG1 . THR A 1 75 ? 6.682   5.460   2.087   1.00 53.51 ? 75   THR A OG1 1 
ATOM   618 C CG2 . THR A 1 75 ? 8.277   6.964   3.103   1.00 57.83 ? 75   THR A CG2 1 
ATOM   619 N N   . GLY A 1 76 ? 5.334   6.361   4.293   1.00 54.07 ? 76   GLY A N   1 
ATOM   620 C CA  . GLY A 1 76 ? 4.869   6.108   5.639   1.00 54.33 ? 76   GLY A CA  1 
ATOM   621 C C   . GLY A 1 76 ? 3.366   5.986   5.647   1.00 52.20 ? 76   GLY A C   1 
ATOM   622 O O   . GLY A 1 76 ? 2.722   6.282   4.643   1.00 50.84 ? 76   GLY A O   1 
ATOM   623 N N   . PRO A 1 77 ? 2.801   5.549   6.780   1.00 53.28 ? 77   PRO A N   1 
ATOM   624 C CA  . PRO A 1 77 ? 1.356   5.353   6.929   1.00 50.19 ? 77   PRO A CA  1 
ATOM   625 C C   . PRO A 1 77 ? 0.562   6.615   6.612   1.00 49.95 ? 77   PRO A C   1 
ATOM   626 O O   . PRO A 1 77 ? -0.541  6.510   6.090   1.00 48.07 ? 77   PRO A O   1 
ATOM   627 C CB  . PRO A 1 77 ? 1.198   4.988   8.411   1.00 63.83 ? 77   PRO A CB  1 
ATOM   628 C CG  . PRO A 1 77 ? 2.490   5.389   9.062   1.00 62.64 ? 77   PRO A CG  1 
ATOM   629 C CD  . PRO A 1 77 ? 3.529   5.204   8.012   1.00 56.32 ? 77   PRO A CD  1 
ATOM   630 N N   . PHE A 1 78 ? 1.122   7.780   6.913   1.00 51.92 ? 78   PHE A N   1 
ATOM   631 C CA  . PHE A 1 78 ? 0.400   9.035   6.716   1.00 51.96 ? 78   PHE A CA  1 
ATOM   632 C C   . PHE A 1 78 ? 1.165   10.021  5.850   1.00 53.20 ? 78   PHE A C   1 
ATOM   633 O O   . PHE A 1 78 ? 0.977   11.236  5.982   1.00 54.29 ? 78   PHE A O   1 
ATOM   634 C CB  . PHE A 1 78 ? 0.083   9.677   8.067   1.00 53.32 ? 78   PHE A CB  1 
ATOM   635 C CG  . PHE A 1 78 ? -0.697  8.788   8.991   1.00 58.26 ? 78   PHE A CG  1 
ATOM   636 C CD1 . PHE A 1 78 ? -2.079  8.757   8.939   1.00 57.75 ? 78   PHE A CD1 1 
ATOM   637 C CD2 . PHE A 1 78 ? -0.046  7.974   9.905   1.00 56.91 ? 78   PHE A CD2 1 
ATOM   638 C CE1 . PHE A 1 78 ? -2.802  7.936   9.783   1.00 56.48 ? 78   PHE A CE1 1 
ATOM   639 C CE2 . PHE A 1 78 ? -0.764  7.153   10.753  1.00 56.33 ? 78   PHE A CE2 1 
ATOM   640 C CZ  . PHE A 1 78 ? -2.148  7.137   10.691  1.00 55.15 ? 78   PHE A CZ  1 
ATOM   641 N N   . CYS A 1 79 ? 2.010   9.504   4.958   1.00 53.12 ? 79   CYS A N   1 
ATOM   642 C CA  . CYS A 1 79 ? 2.861   10.348  4.123   1.00 54.51 ? 79   CYS A CA  1 
ATOM   643 C C   . CYS A 1 79 ? 3.668   11.280  5.033   1.00 59.52 ? 79   CYS A C   1 
ATOM   644 O O   . CYS A 1 79 ? 3.922   12.440  4.692   1.00 58.73 ? 79   CYS A O   1 
ATOM   645 C CB  . CYS A 1 79 ? 2.014   11.172  3.132   1.00 53.53 ? 79   CYS A CB  1 
ATOM   646 S SG  . CYS A 1 79 ? 0.913   10.190  2.048   1.00 50.34 ? 79   CYS A SG  1 
ATOM   647 N N   . ASP A 1 80 ? 4.040   10.766  6.203   1.00 58.21 ? 80   ASP A N   1 
ATOM   648 C CA  . ASP A 1 80 ? 4.627   11.572  7.265   1.00 61.35 ? 80   ASP A CA  1 
ATOM   649 C C   . ASP A 1 80 ? 6.131   11.384  7.322   1.00 62.88 ? 80   ASP A C   1 
ATOM   650 O O   . ASP A 1 80 ? 6.846   12.160  7.950   1.00 65.43 ? 80   ASP A O   1 
ATOM   651 C CB  . ASP A 1 80 ? 4.015   11.197  8.618   1.00 60.78 ? 80   ASP A CB  1 
ATOM   652 C CG  . ASP A 1 80 ? 4.004   12.360  9.601   1.00 83.25 ? 80   ASP A CG  1 
ATOM   653 O OD1 . ASP A 1 80 ? 4.923   13.204  9.555   1.00 87.91 ? 80   ASP A OD1 1 
ATOM   654 O OD2 . ASP A 1 80 ? 3.061   12.438  10.418  1.00 80.47 ? 80   ASP A OD2 1 
ATOM   655 N N   . VAL A 1 81 ? 6.610   10.337  6.671   1.00 61.82 ? 81   VAL A N   1 
ATOM   656 C CA  . VAL A 1 81 ? 8.036   10.085  6.634   1.00 63.61 ? 81   VAL A CA  1 
ATOM   657 C C   . VAL A 1 81 ? 8.652   10.779  5.430   1.00 64.33 ? 81   VAL A C   1 
ATOM   658 O O   . VAL A 1 81 ? 8.277   10.531  4.289   1.00 62.58 ? 81   VAL A O   1 
ATOM   659 C CB  . VAL A 1 81 ? 8.333   8.581   6.605   1.00 62.36 ? 81   VAL A CB  1 
ATOM   660 C CG1 . VAL A 1 81 ? 9.821   8.345   6.448   1.00 64.15 ? 81   VAL A CG1 1 
ATOM   661 C CG2 . VAL A 1 81 ? 7.813   7.934   7.878   1.00 62.06 ? 81   VAL A CG2 1 
ATOM   662 N N   . ASP A 1 82 ? 9.590   11.674  5.694   1.00 67.06 ? 82   ASP A N   1 
ATOM   663 C CA  . ASP A 1 82 ? 10.271  12.365  4.618   1.00 69.82 ? 82   ASP A CA  1 
ATOM   664 C C   . ASP A 1 82 ? 11.199  11.366  3.946   1.00 72.90 ? 82   ASP A C   1 
ATOM   665 O O   . ASP A 1 82 ? 11.899  10.610  4.624   1.00 72.61 ? 82   ASP A O   1 
ATOM   666 C CB  . ASP A 1 82 ? 11.071  13.544  5.175   1.00 71.41 ? 82   ASP A CB  1 
ATOM   667 C CG  . ASP A 1 82 ? 11.446  14.546  4.108   1.00 76.46 ? 82   ASP A CG  1 
ATOM   668 O OD1 . ASP A 1 82 ? 11.853  14.125  3.006   1.00 74.52 ? 82   ASP A OD1 1 
ATOM   669 O OD2 . ASP A 1 82 ? 11.330  15.763  4.370   1.00 81.65 ? 82   ASP A OD2 1 
ATOM   670 N N   . THR A 1 83 ? 11.198  11.343  2.618   1.00 69.71 ? 83   THR A N   1 
ATOM   671 C CA  . THR A 1 83 ? 12.137  10.490  1.901   1.00 74.02 ? 83   THR A CA  1 
ATOM   672 C C   . THR A 1 83 ? 13.419  11.243  1.557   1.00 78.98 ? 83   THR A C   1 
ATOM   673 O O   . THR A 1 83 ? 14.346  10.669  0.993   1.00 84.22 ? 83   THR A O   1 
ATOM   674 C CB  . THR A 1 83 ? 11.515  9.854   0.631   1.00 65.62 ? 83   THR A CB  1 
ATOM   675 O OG1 . THR A 1 83 ? 11.276  10.863  -0.359  1.00 71.71 ? 83   THR A OG1 1 
ATOM   676 C CG2 . THR A 1 83 ? 10.219  9.174   0.972   1.00 61.64 ? 83   THR A CG2 1 
ATOM   677 N N   . ALA A 1 84 ? 13.470  12.525  1.912   1.00 76.25 ? 84   ALA A N   1 
ATOM   678 C CA  . ALA A 1 84 ? 14.677  13.330  1.700   1.00 82.08 ? 84   ALA A CA  1 
ATOM   679 C C   . ALA A 1 84 ? 15.078  14.075  2.968   1.00 85.20 ? 84   ALA A C   1 
ATOM   680 O O   . ALA A 1 84 ? 15.765  13.527  3.827   1.00 87.70 ? 84   ALA A O   1 
ATOM   681 C CB  . ALA A 1 84 ? 14.473  14.310  0.553   1.00 81.02 ? 84   ALA A CB  1 
HETATM 682 C C   . ACT B 2 .  ? 15.825  -12.208 0.406   0.50 32.24 ? 1085 ACT A C   1 
HETATM 683 O O   . ACT B 2 .  ? 16.224  -13.127 1.149   0.50 30.77 ? 1085 ACT A O   1 
HETATM 684 O OXT . ACT B 2 .  ? 15.487  -12.551 -0.751  0.50 32.31 ? 1085 ACT A OXT 1 
HETATM 685 C CH3 . ACT B 2 .  ? 15.757  -10.789 0.892   0.50 29.90 ? 1085 ACT A CH3 1 
HETATM 686 O O   . HOH C 3 .  ? 9.274   -16.973 1.152   1.00 30.56 ? 2001 HOH A O   1 
HETATM 687 O O   . HOH C 3 .  ? 16.983  -16.645 -8.139  1.00 53.35 ? 2002 HOH A O   1 
HETATM 688 O O   . HOH C 3 .  ? 12.218  -14.161 -11.132 1.00 37.94 ? 2003 HOH A O   1 
HETATM 689 O O   . HOH C 3 .  ? 15.874  -15.369 -3.287  1.00 40.86 ? 2004 HOH A O   1 
HETATM 690 O O   . HOH C 3 .  ? 14.022  -15.039 -9.366  1.00 33.14 ? 2005 HOH A O   1 
HETATM 691 O O   . HOH C 3 .  ? 15.007  -13.909 -5.386  1.00 30.25 ? 2006 HOH A O   1 
HETATM 692 O O   . HOH C 3 .  ? 11.886  -17.867 -9.585  1.00 48.69 ? 2007 HOH A O   1 
HETATM 693 O O   . HOH C 3 .  ? 14.202  -16.678 0.653   1.00 44.67 ? 2008 HOH A O   1 
HETATM 694 O O   . HOH C 3 .  ? 14.092  -13.999 -1.732  1.00 37.77 ? 2009 HOH A O   1 
HETATM 695 O O   . HOH C 3 .  ? 14.049  -11.966 -3.522  1.00 33.15 ? 2010 HOH A O   1 
HETATM 696 O O   . HOH C 3 .  ? 12.230  -11.200 -4.198  1.00 30.38 ? 2011 HOH A O   1 
HETATM 697 O O   . HOH C 3 .  ? 8.680   3.590   4.915   1.00 54.66 ? 2012 HOH A O   1 
HETATM 698 O O   . HOH C 3 .  ? 7.064   -9.226  -5.992  1.00 46.78 ? 2013 HOH A O   1 
HETATM 699 O O   . HOH C 3 .  ? 5.796   -7.681  -5.015  1.00 41.84 ? 2014 HOH A O   1 
HETATM 700 O O   . HOH C 3 .  ? 10.212  -9.670  -5.515  1.00 24.96 ? 2015 HOH A O   1 
HETATM 701 O O   . HOH C 3 .  ? 9.500   -4.920  -6.974  1.00 35.13 ? 2016 HOH A O   1 
HETATM 702 O O   . HOH C 3 .  ? 0.392   -14.160 6.661   1.00 52.20 ? 2017 HOH A O   1 
HETATM 703 O O   . HOH C 3 .  ? 4.021   -1.232  -5.779  1.00 31.26 ? 2018 HOH A O   1 
HETATM 704 O O   . HOH C 3 .  ? 1.683   -4.584  5.252   1.00 39.71 ? 2019 HOH A O   1 
HETATM 705 O O   . HOH C 3 .  ? -0.502  -1.388  4.179   1.00 40.14 ? 2020 HOH A O   1 
HETATM 706 O O   . HOH C 3 .  ? 8.498   3.616   -0.487  1.00 38.82 ? 2021 HOH A O   1 
HETATM 707 O O   . HOH C 3 .  ? 8.387   3.363   2.427   1.00 57.85 ? 2022 HOH A O   1 
HETATM 708 O O   . HOH C 3 .  ? 1.735   -0.656  0.019   1.00 30.48 ? 2023 HOH A O   1 
HETATM 709 O O   . HOH C 3 .  ? 0.750   3.357   -0.236  1.00 36.97 ? 2024 HOH A O   1 
HETATM 710 O O   . HOH C 3 .  ? 7.537   -9.716  5.836   1.00 24.98 ? 2025 HOH A O   1 
HETATM 711 O O   . HOH C 3 .  ? 9.115   -7.581  6.062   1.00 34.19 ? 2026 HOH A O   1 
HETATM 712 O O   . HOH C 3 .  ? 5.349   -2.761  9.383   0.50 49.27 ? 2027 HOH A O   1 
HETATM 713 O O   . HOH C 3 .  ? 6.768   -18.521 3.888   1.00 39.00 ? 2028 HOH A O   1 
HETATM 714 O O   . HOH C 3 .  ? 4.116   -16.818 5.341   1.00 50.31 ? 2029 HOH A O   1 
HETATM 715 O O   . HOH C 3 .  ? 1.336   -17.811 -1.864  1.00 29.25 ? 2030 HOH A O   1 
HETATM 716 O O   . HOH C 3 .  ? -0.744  -15.612 5.227   1.00 46.22 ? 2031 HOH A O   1 
HETATM 717 O O   . HOH C 3 .  ? 1.527   -21.557 -0.742  1.00 48.08 ? 2032 HOH A O   1 
HETATM 718 O O   . HOH C 3 .  ? 5.800   -11.179 8.933   1.00 40.45 ? 2033 HOH A O   1 
HETATM 719 O O   . HOH C 3 .  ? 2.369   -11.072 7.539   1.00 42.98 ? 2034 HOH A O   1 
HETATM 720 O O   . HOH C 3 .  ? -0.045  -12.045 5.877   1.00 28.52 ? 2035 HOH A O   1 
HETATM 721 O O   . HOH C 3 .  ? -1.778  -7.814  6.565   1.00 47.29 ? 2036 HOH A O   1 
HETATM 722 O O   . HOH C 3 .  ? -0.689  -4.010  4.202   1.00 28.99 ? 2037 HOH A O   1 
HETATM 723 O O   . HOH C 3 .  ? 2.276   2.100   5.323   1.00 59.84 ? 2038 HOH A O   1 
HETATM 724 O O   . HOH C 3 .  ? -1.524  -2.350  -7.993  1.00 48.67 ? 2039 HOH A O   1 
HETATM 725 O O   . HOH C 3 .  ? -6.544  -10.608 -3.265  1.00 36.27 ? 2040 HOH A O   1 
HETATM 726 O O   . HOH C 3 .  ? -4.603  -11.369 -2.287  1.00 29.99 ? 2041 HOH A O   1 
HETATM 727 O O   . HOH C 3 .  ? -2.490  -5.448  5.567   1.00 42.50 ? 2042 HOH A O   1 
HETATM 728 O O   . HOH C 3 .  ? -2.671  -15.699 -3.872  1.00 36.31 ? 2043 HOH A O   1 
HETATM 729 O O   . HOH C 3 .  ? 7.307   -20.028 -4.775  1.00 55.99 ? 2044 HOH A O   1 
HETATM 730 O O   . HOH C 3 .  ? 6.537   -15.964 -8.413  1.00 34.71 ? 2045 HOH A O   1 
HETATM 731 O O   . HOH C 3 .  ? 6.082   -18.826 -7.757  1.00 51.46 ? 2046 HOH A O   1 
HETATM 732 O O   . HOH C 3 .  ? 5.446   -8.781  -7.429  1.00 46.69 ? 2047 HOH A O   1 
HETATM 733 O O   . HOH C 3 .  ? -1.003  -9.439  -9.723  1.00 48.91 ? 2048 HOH A O   1 
HETATM 734 O O   . HOH C 3 .  ? -3.790  -13.167 -4.208  1.00 37.15 ? 2049 HOH A O   1 
HETATM 735 O O   . HOH C 3 .  ? -14.992 -0.282  -0.382  1.00 46.12 ? 2050 HOH A O   1 
HETATM 736 O O   . HOH C 3 .  ? -11.491 5.410   -3.762  1.00 50.44 ? 2051 HOH A O   1 
HETATM 737 O O   . HOH C 3 .  ? -9.995  11.343  2.097   1.00 40.74 ? 2052 HOH A O   1 
HETATM 738 O O   . HOH C 3 .  ? -14.040 7.628   7.186   1.00 43.75 ? 2053 HOH A O   1 
HETATM 739 O O   . HOH C 3 .  ? -4.507  15.379  6.500   1.00 38.99 ? 2054 HOH A O   1 
HETATM 740 O O   . HOH C 3 .  ? -8.151  11.564  -0.319  1.00 34.83 ? 2055 HOH A O   1 
HETATM 741 O O   . HOH C 3 .  ? -4.427  15.238  0.727   1.00 38.26 ? 2056 HOH A O   1 
HETATM 742 O O   . HOH C 3 .  ? -2.611  16.441  2.927   1.00 42.71 ? 2057 HOH A O   1 
HETATM 743 O O   . HOH C 3 .  ? 3.505   16.818  -1.543  1.00 45.89 ? 2058 HOH A O   1 
HETATM 744 O O   . HOH C 3 .  ? 2.133   17.030  -3.820  1.00 59.37 ? 2059 HOH A O   1 
HETATM 745 O O   . HOH C 3 .  ? -1.490  10.449  -5.107  1.00 44.38 ? 2060 HOH A O   1 
HETATM 746 O O   . HOH C 3 .  ? -13.967 -3.418  2.656   1.00 54.12 ? 2061 HOH A O   1 
HETATM 747 O O   . HOH C 3 .  ? -1.022  4.215   4.410   1.00 37.13 ? 2062 HOH A O   1 
HETATM 748 O O   . HOH C 3 .  ? 1.916   5.531   -0.950  1.00 36.36 ? 2063 HOH A O   1 
HETATM 749 O O   . HOH C 3 .  ? 1.363   5.050   2.902   1.00 29.36 ? 2064 HOH A O   1 
HETATM 750 O O   . HOH C 3 .  ? 3.934   5.469   0.609   1.00 50.19 ? 2065 HOH A O   1 
HETATM 751 O O   . HOH C 3 .  ? 2.648   3.129   3.157   1.00 40.78 ? 2066 HOH A O   1 
HETATM 752 O O   . HOH C 3 .  ? 15.209  8.244   1.666   1.00 42.65 ? 2067 HOH A O   1 
# 
loop_
_atom_site_anisotrop.id 
_atom_site_anisotrop.type_symbol 
_atom_site_anisotrop.pdbx_label_atom_id 
_atom_site_anisotrop.pdbx_label_alt_id 
_atom_site_anisotrop.pdbx_label_comp_id 
_atom_site_anisotrop.pdbx_label_asym_id 
_atom_site_anisotrop.pdbx_label_seq_id 
_atom_site_anisotrop.pdbx_PDB_ins_code 
_atom_site_anisotrop.U[1][1] 
_atom_site_anisotrop.U[2][2] 
_atom_site_anisotrop.U[3][3] 
_atom_site_anisotrop.U[1][2] 
_atom_site_anisotrop.U[1][3] 
_atom_site_anisotrop.U[2][3] 
_atom_site_anisotrop.pdbx_auth_seq_id 
_atom_site_anisotrop.pdbx_auth_comp_id 
_atom_site_anisotrop.pdbx_auth_asym_id 
_atom_site_anisotrop.pdbx_auth_atom_id 
1   N N   . SER A 2  ? 0.7279 0.4950 0.7996 0.1262  0.1171  -0.1282 2  SER A N   
2   C CA  . SER A 2  ? 0.5146 0.3141 0.6119 0.1268  0.0985  -0.0918 2  SER A CA  
3   C C   . SER A 2  ? 0.5314 0.4058 0.6342 0.1258  0.1003  -0.0864 2  SER A C   
4   O O   . SER A 2  ? 0.5148 0.4265 0.6453 0.1315  0.0850  -0.0571 2  SER A O   
5   C CB  . SER A 2  ? 0.5538 0.3455 0.7011 0.1529  0.0840  -0.0594 2  SER A CB  
6   O OG  . SER A 2  ? 0.6112 0.4169 0.7923 0.1812  0.0961  -0.0682 2  SER A OG  
7   N N   . GLU A 3  ? 0.5258 0.4206 0.5976 0.1154  0.1159  -0.1116 3  GLU A N   
8   C CA  . GLU A 3  ? 0.4081 0.3677 0.4775 0.1080  0.1158  -0.1041 3  GLU A CA  
9   C C   . GLU A 3  ? 0.4134 0.3871 0.4695 0.0874  0.1003  -0.0901 3  GLU A C   
10  O O   . GLU A 3  ? 0.4010 0.3417 0.4278 0.0679  0.0886  -0.0910 3  GLU A O   
11  C CB  . GLU A 3  ? 0.4368 0.4053 0.4635 0.0943  0.1326  -0.1273 3  GLU A CB  
12  C CG  . GLU A 3  ? 0.5048 0.4672 0.5426 0.1151  0.1553  -0.1456 3  GLU A CG  
13  C CD  . GLU A 3  ? 0.6363 0.6158 0.6290 0.0995  0.1726  -0.1626 3  GLU A CD  
14  O OE1 . GLU A 3  ? 0.5831 0.6082 0.5697 0.0872  0.1689  -0.1458 3  GLU A OE1 
15  O OE2 . GLU A 3  ? 0.7576 0.7011 0.7189 0.0975  0.1891  -0.1914 3  GLU A OE2 
16  N N   . LYS A 4  ? 0.2465 0.2742 0.3204 0.0868  0.0919  -0.0718 4  LYS A N   
17  C CA  . LYS A 4  ? 0.2064 0.2501 0.2626 0.0667  0.0694  -0.0543 4  LYS A CA  
18  C C   . LYS A 4  ? 0.1780 0.2416 0.2027 0.0456  0.0720  -0.0631 4  LYS A C   
19  O O   . LYS A 4  ? 0.2705 0.3397 0.2818 0.0441  0.0886  -0.0766 4  LYS A O   
20  C CB  . LYS A 4  ? 0.1848 0.2660 0.2729 0.0748  0.0552  -0.0303 4  LYS A CB  
21  C CG  . LYS A 4  ? 0.2285 0.2953 0.3460 0.0930  0.0451  -0.0125 4  LYS A CG  
22  C CD  . LYS A 4  ? 0.2992 0.4038 0.4341 0.0917  0.0244  0.0114  4  LYS A CD  
23  C CE  . LYS A 4  ? 0.2528 0.3530 0.4217 0.1098  0.0099  0.0356  4  LYS A CE  
24  N NZ  . LYS A 4  ? 0.2976 0.4029 0.5069 0.1295  0.0202  0.0272  4  LYS A NZ  
25  N N   A CYS A 5  ? 0.1854 0.2574 0.1978 0.0288  0.0544  -0.0506 5  CYS A N   
26  N N   B CYS A 5  ? 0.1778 0.2491 0.1900 0.0288  0.0545  -0.0508 5  CYS A N   
27  C CA  A CYS A 5  ? 0.1691 0.2612 0.1614 0.0101  0.0498  -0.0490 5  CYS A CA  
28  C CA  B CYS A 5  ? 0.1680 0.2606 0.1613 0.0108  0.0500  -0.0488 5  CYS A CA  
29  C C   A CYS A 5  ? 0.1032 0.2258 0.1158 0.0105  0.0411  -0.0319 5  CYS A C   
30  C C   B CYS A 5  ? 0.1323 0.2574 0.1490 0.0144  0.0448  -0.0335 5  CYS A C   
31  O O   A CYS A 5  ? 0.1279 0.2500 0.1551 0.0146  0.0314  -0.0224 5  CYS A O   
32  O O   B CYS A 5  ? 0.0885 0.2175 0.1272 0.0248  0.0391  -0.0251 5  CYS A O   
33  C CB  A CYS A 5  ? 0.1829 0.2618 0.1585 -0.0079 0.0352  -0.0459 5  CYS A CB  
34  C CB  B CYS A 5  ? 0.1549 0.2392 0.1377 -0.0055 0.0337  -0.0417 5  CYS A CB  
35  S SG  A CYS A 5  ? 0.2619 0.2972 0.2083 -0.0191 0.0393  -0.0668 5  CYS A SG  
36  S SG  B CYS A 5  ? 0.2545 0.3618 0.2217 -0.0266 0.0211  -0.0320 5  CYS A SG  
37  N N   . PHE A 6  ? 0.1467 0.2884 0.1540 0.0019  0.0436  -0.0279 6  PHE A N   
38  C CA  . PHE A 6  ? 0.1148 0.2710 0.1395 -0.0016 0.0328  -0.0123 6  PHE A CA  
39  C C   . PHE A 6  ? 0.1100 0.2706 0.1281 -0.0154 0.0210  -0.0015 6  PHE A C   
40  O O   . PHE A 6  ? 0.1777 0.3406 0.1724 -0.0289 0.0189  0.0014  6  PHE A O   
41  C CB  . PHE A 6  ? 0.1198 0.2917 0.1501 -0.0049 0.0407  -0.0086 6  PHE A CB  
42  C CG  . PHE A 6  ? 0.1278 0.3101 0.1753 -0.0118 0.0299  0.0055  6  PHE A CG  
43  C CD1 . PHE A 6  ? 0.1509 0.3286 0.2166 -0.0055 0.0215  0.0067  6  PHE A CD1 
44  C CD2 . PHE A 6  ? 0.1851 0.3784 0.2261 -0.0281 0.0271  0.0183  6  PHE A CD2 
45  C CE1 . PHE A 6  ? 0.1437 0.3256 0.2210 -0.0156 0.0119  0.0148  6  PHE A CE1 
46  C CE2 . PHE A 6  ? 0.1250 0.3196 0.1835 -0.0363 0.0177  0.0303  6  PHE A CE2 
47  C CZ  . PHE A 6  ? 0.1254 0.3126 0.2017 -0.0303 0.0108  0.0255  6  PHE A CZ  
48  N N   . GLU A 7  ? 0.0938 0.2486 0.1311 -0.0120 0.0112  0.0054  7  GLU A N   
49  C CA  . GLU A 7  ? 0.1078 0.2588 0.1550 -0.0185 -0.0007 0.0184  7  GLU A CA  
50  C C   . GLU A 7  ? 0.1239 0.2749 0.1859 -0.0229 -0.0049 0.0287  7  GLU A C   
51  O O   . GLU A 7  ? 0.1088 0.2495 0.1830 -0.0178 -0.0043 0.0222  7  GLU A O   
52  C CB  . GLU A 7  ? 0.1191 0.2596 0.1825 -0.0099 -0.0021 0.0147  7  GLU A CB  
53  C CG  . GLU A 7  ? 0.1055 0.2444 0.1973 -0.0092 -0.0110 0.0279  7  GLU A CG  
54  C CD  . GLU A 7  ? 0.1370 0.2866 0.2258 -0.0209 -0.0257 0.0466  7  GLU A CD  
55  O OE1 . GLU A 7  ? 0.1578 0.3135 0.2344 -0.0278 -0.0305 0.0461  7  GLU A OE1 
56  O OE2 . GLU A 7  ? 0.1503 0.2998 0.2455 -0.0272 -0.0351 0.0641  7  GLU A OE2 
57  N N   . PRO A 8  ? 0.1138 0.2726 0.1699 -0.0366 -0.0104 0.0456  8  PRO A N   
58  C CA  . PRO A 8  ? 0.1167 0.2705 0.1880 -0.0451 -0.0150 0.0582  8  PRO A CA  
59  C C   . PRO A 8  ? 0.1115 0.2357 0.2102 -0.0379 -0.0236 0.0603  8  PRO A C   
60  O O   . PRO A 8  ? 0.1424 0.2508 0.2523 -0.0437 -0.0253 0.0596  8  PRO A O   
61  C CB  . PRO A 8  ? 0.1907 0.3562 0.2449 -0.0640 -0.0205 0.0820  8  PRO A CB  
62  C CG  . PRO A 8  ? 0.2230 0.4036 0.2436 -0.0667 -0.0150 0.0745  8  PRO A CG  
63  C CD  . PRO A 8  ? 0.1173 0.2893 0.1433 -0.0494 -0.0109 0.0524  8  PRO A CD  
64  N N   . GLN A 9  ? 0.1059 0.2229 0.2188 -0.0268 -0.0279 0.0620  9  GLN A N   
65  C CA  . GLN A 9  ? 0.1141 0.2032 0.2619 -0.0153 -0.0298 0.0617  9  GLN A CA  
66  C C   . GLN A 9  ? 0.1300 0.2020 0.2731 -0.0078 -0.0158 0.0329  9  GLN A C   
67  O O   . GLN A 9  ? 0.1474 0.1868 0.3070 -0.0031 -0.0122 0.0233  9  GLN A O   
68  C CB  . GLN A 9  ? 0.1634 0.2610 0.3400 -0.0031 -0.0344 0.0708  9  GLN A CB  
69  C CG  . GLN A 9  ? 0.2423 0.3484 0.4338 -0.0109 -0.0560 0.1053  9  GLN A CG  
70  C CD  . GLN A 9  ? 0.2501 0.3603 0.4779 0.0014  -0.0608 0.1142  9  GLN A CD  
71  O OE1 . GLN A 9  ? 0.2096 0.3240 0.4492 0.0145  -0.0458 0.0938  9  GLN A OE1 
72  N NE2 . GLN A 9  ? 0.2997 0.4085 0.5393 -0.0065 -0.0790 0.1438  9  GLN A NE2 
73  N N   . LEU A 10 ? 0.1226 0.2124 0.2400 -0.0075 -0.0085 0.0191  10 LEU A N   
74  C CA  . LEU A 10 ? 0.1226 0.2011 0.2253 -0.0041 0.0011  -0.0034 10 LEU A CA  
75  C C   . LEU A 10 ? 0.1477 0.2356 0.2304 -0.0160 -0.0043 -0.0068 10 LEU A C   
76  O O   . LEU A 10 ? 0.1858 0.2668 0.2503 -0.0190 -0.0033 -0.0209 10 LEU A O   
77  C CB  . LEU A 10 ? 0.1226 0.2140 0.2173 0.0046  0.0106  -0.0100 10 LEU A CB  
78  C CG  . LEU A 10 ? 0.1456 0.2385 0.2709 0.0154  0.0171  -0.0067 10 LEU A CG  
79  C CD1 . LEU A 10 ? 0.1697 0.2799 0.2869 0.0168  0.0250  -0.0093 10 LEU A CD1 
80  C CD2 . LEU A 10 ? 0.1687 0.2358 0.3109 0.0243  0.0305  -0.0222 10 LEU A CD2 
81  N N   . LEU A 11 ? 0.1201 0.2278 0.2080 -0.0246 -0.0101 0.0082  11 LEU A N   
82  C CA  . LEU A 11 ? 0.0984 0.2304 0.1841 -0.0333 -0.0132 0.0095  11 LEU A CA  
83  C C   . LEU A 11 ? 0.1176 0.2620 0.1921 -0.0233 -0.0111 0.0013  11 LEU A C   
84  O O   . LEU A 11 ? 0.1216 0.2764 0.1951 -0.0290 -0.0195 -0.0003 11 LEU A O   
85  C CB  . LEU A 11 ? 0.1689 0.2883 0.2599 -0.0506 -0.0233 0.0072  11 LEU A CB  
86  C CG  . LEU A 11 ? 0.2059 0.3102 0.3123 -0.0639 -0.0274 0.0218  11 LEU A CG  
87  C CD1 . LEU A 11 ? 0.2816 0.3624 0.3910 -0.0845 -0.0383 0.0150  11 LEU A CD1 
88  C CD2 . LEU A 11 ? 0.1953 0.3378 0.3094 -0.0712 -0.0234 0.0421  11 LEU A CD2 
89  N N   A ARG A 12 ? 0.1205 0.2639 0.1877 -0.0114 -0.0033 -0.0002 12 ARG A N   
90  N N   B ARG A 12 ? 0.1159 0.2585 0.1830 -0.0113 -0.0033 -0.0004 12 ARG A N   
91  C CA  A ARG A 12 ? 0.1235 0.2673 0.1793 -0.0029 -0.0022 -0.0043 12 ARG A CA  
92  C CA  B ARG A 12 ? 0.1220 0.2656 0.1780 -0.0025 -0.0016 -0.0042 12 ARG A CA  
93  C C   A ARG A 12 ? 0.0888 0.2333 0.1434 0.0062  0.0051  -0.0024 12 ARG A C   
94  C C   B ARG A 12 ? 0.0725 0.2186 0.1285 0.0060  0.0052  -0.0017 12 ARG A C   
95  O O   A ARG A 12 ? 0.0556 0.1936 0.1058 0.0044  0.0092  -0.0027 12 ARG A O   
96  O O   B ARG A 12 ? 0.1217 0.2649 0.1742 0.0037  0.0099  -0.0013 12 ARG A O   
97  C CB  A ARG A 12 ? 0.2003 0.3221 0.2404 -0.0022 0.0020  -0.0130 12 ARG A CB  
98  C CB  B ARG A 12 ? 0.1550 0.2781 0.1973 0.0002  0.0040  -0.0116 12 ARG A CB  
99  C CG  A ARG A 12 ? 0.1867 0.3054 0.2137 0.0036  0.0066  -0.0119 12 ARG A CG  
100 C CG  B ARG A 12 ? 0.2610 0.3774 0.2802 -0.0027 0.0017  -0.0159 12 ARG A CG  
101 C CD  A ARG A 12 ? 0.1992 0.3040 0.2080 0.0000  0.0150  -0.0209 12 ARG A CD  
102 C CD  B ARG A 12 ? 0.2541 0.3522 0.2602 -0.0048 0.0136  -0.0287 12 ARG A CD  
103 N NE  A ARG A 12 ? 0.2603 0.3631 0.2525 0.0001  0.0184  -0.0148 12 ARG A NE  
104 N NE  B ARG A 12 ? 0.3924 0.4766 0.4090 -0.0085 0.0137  -0.0379 12 ARG A NE  
105 C CZ  A ARG A 12 ? 0.1784 0.2760 0.1572 -0.0036 0.0325  -0.0191 12 ARG A CZ  
106 C CZ  B ARG A 12 ? 0.3555 0.4190 0.3727 -0.0061 0.0275  -0.0530 12 ARG A CZ  
107 N NH1 A ARG A 12 ? 0.1923 0.2864 0.1777 -0.0029 0.0465  -0.0334 12 ARG A NH1 
108 N NH1 B ARG A 12 ? 0.2933 0.3563 0.3006 -0.0014 0.0453  -0.0608 12 ARG A NH1 
109 N NH2 A ARG A 12 ? 0.2161 0.3111 0.1791 -0.0075 0.0342  -0.0082 12 ARG A NH2 
110 N NH2 B ARG A 12 ? 0.1566 0.1987 0.1880 -0.0085 0.0259  -0.0600 12 ARG A NH2 
111 N N   . PHE A 13 ? 0.1034 0.2551 0.1629 0.0149  0.0044  0.0000  13 PHE A N   
112 C CA  . PHE A 13 ? 0.0908 0.2357 0.1516 0.0253  0.0136  -0.0028 13 PHE A CA  
113 C C   . PHE A 13 ? 0.1804 0.3025 0.2256 0.0258  0.0123  -0.0023 13 PHE A C   
114 O O   . PHE A 13 ? 0.1680 0.2868 0.2038 0.0230  0.0052  0.0039  13 PHE A O   
115 C CB  . PHE A 13 ? 0.0762 0.2329 0.1613 0.0380  0.0147  0.0019  13 PHE A CB  
116 C CG  . PHE A 13 ? 0.0901 0.2601 0.1890 0.0343  0.0218  0.0005  13 PHE A CG  
117 C CD1 . PHE A 13 ? 0.1243 0.2908 0.2206 0.0375  0.0401  -0.0097 13 PHE A CD1 
118 C CD2 . PHE A 13 ? 0.1042 0.2928 0.2167 0.0258  0.0121  0.0086  13 PHE A CD2 
119 C CE1 . PHE A 13 ? 0.1130 0.2978 0.2210 0.0334  0.0510  -0.0098 13 PHE A CE1 
120 C CE2 . PHE A 13 ? 0.1341 0.3414 0.2641 0.0213  0.0206  0.0096  13 PHE A CE2 
121 C CZ  . PHE A 13 ? 0.1430 0.3505 0.2714 0.0258  0.0416  0.0011  13 PHE A CZ  
122 N N   . PHE A 14 ? 0.1244 0.2297 0.1619 0.0247  0.0193  -0.0085 14 PHE A N   
123 C CA  . PHE A 14 ? 0.1592 0.2422 0.1858 0.0204  0.0190  -0.0057 14 PHE A CA  
124 C C   . PHE A 14 ? 0.1678 0.2244 0.1958 0.0282  0.0226  -0.0077 14 PHE A C   
125 O O   . PHE A 14 ? 0.1686 0.2213 0.2005 0.0346  0.0308  -0.0196 14 PHE A O   
126 C CB  . PHE A 14 ? 0.1403 0.2252 0.1633 0.0075  0.0200  -0.0096 14 PHE A CB  
127 C CG  . PHE A 14 ? 0.1320 0.2338 0.1629 0.0047  0.0194  -0.0067 14 PHE A CG  
128 C CD1 . PHE A 14 ? 0.1537 0.2547 0.1822 0.0023  0.0246  -0.0039 14 PHE A CD1 
129 C CD2 . PHE A 14 ? 0.1297 0.2451 0.1701 0.0040  0.0160  -0.0071 14 PHE A CD2 
130 C CE1 . PHE A 14 ? 0.1529 0.2636 0.1902 0.0028  0.0302  -0.0078 14 PHE A CE1 
131 C CE2 . PHE A 14 ? 0.1264 0.2468 0.1797 0.0046  0.0169  -0.0062 14 PHE A CE2 
132 C CZ  . PHE A 14 ? 0.1329 0.2497 0.1859 0.0057  0.0257  -0.0097 14 PHE A CZ  
133 N N   . HIS A 15 ? 0.1766 0.2117 0.2001 0.0271  0.0187  0.0039  15 HIS A N   
134 C CA  . HIS A 15 ? 0.2238 0.2211 0.2518 0.0339  0.0210  0.0044  15 HIS A CA  
135 C C   . HIS A 15 ? 0.2105 0.1823 0.2238 0.0170  0.0255  -0.0085 15 HIS A C   
136 O O   . HIS A 15 ? 0.2263 0.2161 0.2322 -0.0002 0.0234  -0.0086 15 HIS A O   
137 C CB  . HIS A 15 ? 0.2297 0.2109 0.2560 0.0344  0.0110  0.0294  15 HIS A CB  
138 C CG  . HIS A 15 ? 0.2338 0.2395 0.2725 0.0470  -0.0007 0.0457  15 HIS A CG  
139 N ND1 . HIS A 15 ? 0.3083 0.3424 0.3281 0.0359  -0.0087 0.0534  15 HIS A ND1 
140 C CD2 . HIS A 15 ? 0.2321 0.2408 0.3037 0.0686  -0.0067 0.0549  15 HIS A CD2 
141 C CE1 . HIS A 15 ? 0.2700 0.3234 0.3044 0.0453  -0.0236 0.0679  15 HIS A CE1 
142 N NE2 . HIS A 15 ? 0.3364 0.3797 0.4088 0.0666  -0.0235 0.0720  15 HIS A NE2 
143 N N   . LYS A 16 ? 0.2640 0.1935 0.2771 0.0217  0.0312  -0.0199 16 LYS A N   
144 C CA  . LYS A 16 ? 0.2754 0.1727 0.2693 -0.0004 0.0319  -0.0343 16 LYS A CA  
145 C C   . LYS A 16 ? 0.3033 0.2043 0.2960 -0.0225 0.0230  -0.0149 16 LYS A C   
146 O O   . LYS A 16 ? 0.3126 0.2067 0.3113 -0.0191 0.0201  0.0075  16 LYS A O   
147 C CB  . LYS A 16 ? 0.3460 0.1814 0.3399 0.0084  0.0401  -0.0488 16 LYS A CB  
148 C CG  . LYS A 16 ? 0.3912 0.1837 0.3585 -0.0206 0.0385  -0.0678 16 LYS A CG  
149 C CD  . LYS A 16 ? 0.4922 0.2114 0.4574 -0.0098 0.0508  -0.0896 16 LYS A CD  
150 C CE  . LYS A 16 ? 0.6326 0.3040 0.5616 -0.0455 0.0473  -0.1148 16 LYS A CE  
151 N NZ  . LYS A 16 ? 0.7393 0.3418 0.6646 -0.0332 0.0584  -0.1397 16 LYS A NZ  
152 N N   . ASN A 17 ? 0.2936 0.2121 0.2798 -0.0461 0.0185  -0.0215 17 ASN A N   
153 C CA  . ASN A 17 ? 0.2648 0.1993 0.2609 -0.0698 0.0137  -0.0052 17 ASN A CA  
154 C C   . ASN A 17 ? 0.2639 0.2525 0.2765 -0.0648 0.0175  0.0089  17 ASN A C   
155 O O   . ASN A 17 ? 0.2589 0.2735 0.2888 -0.0819 0.0190  0.0196  17 ASN A O   
156 C CB  . ASN A 17 ? 0.3707 0.2617 0.3655 -0.0805 0.0138  0.0101  17 ASN A CB  
157 C CG  . ASN A 17 ? 0.4453 0.2704 0.4269 -0.0865 0.0116  -0.0071 17 ASN A CG  
158 O OD1 . ASN A 17 ? 0.4331 0.2494 0.4006 -0.1022 0.0077  -0.0304 17 ASN A OD1 
159 N ND2 . ASN A 17 ? 0.5156 0.2902 0.4996 -0.0751 0.0133  0.0044  17 ASN A ND2 
160 N N   . GLU A 18 ? 0.2222 0.2275 0.2332 -0.0429 0.0209  0.0074  18 GLU A N   
161 C CA  . GLU A 18 ? 0.1570 0.2027 0.1791 -0.0387 0.0265  0.0135  18 GLU A CA  
162 C C   . GLU A 18 ? 0.1814 0.2594 0.2256 -0.0449 0.0228  0.0089  18 GLU A C   
163 O O   . GLU A 18 ? 0.1863 0.2602 0.2259 -0.0501 0.0129  0.0008  18 GLU A O   
164 C CB  . GLU A 18 ? 0.2104 0.2616 0.2239 -0.0196 0.0270  0.0116  18 GLU A CB  
165 C CG  . GLU A 18 ? 0.2395 0.2735 0.2362 -0.0150 0.0257  0.0252  18 GLU A CG  
166 C CD  . GLU A 18 ? 0.3143 0.3665 0.3028 -0.0054 0.0230  0.0251  18 GLU A CD  
167 O OE1 . GLU A 18 ? 0.2776 0.3314 0.2744 0.0073  0.0156  0.0220  18 GLU A OE1 
168 O OE2 . GLU A 18 ? 0.3877 0.4531 0.3609 -0.0126 0.0297  0.0265  18 GLU A OE2 
169 N N   . ILE A 19 ? 0.2398 0.2608 0.2697 -0.0664 0.1019  -0.0322 19 ILE A N   
170 C CA  . ILE A 19 ? 0.2016 0.2688 0.3113 -0.0842 0.0737  -0.0097 19 ILE A CA  
171 C C   . ILE A 19 ? 0.1721 0.2506 0.3121 -0.0533 0.0686  -0.0077 19 ILE A C   
172 O O   . ILE A 19 ? 0.1772 0.2380 0.3074 -0.0137 0.0934  -0.0201 19 ILE A O   
173 C CB  . ILE A 19 ? 0.1960 0.2909 0.3796 -0.0957 0.0871  0.0076  19 ILE A CB  
174 C CG1 . ILE A 19 ? 0.2178 0.2914 0.3758 -0.1252 0.0783  0.0051  19 ILE A CG1 
175 C CG2 . ILE A 19 ? 0.1825 0.3275 0.4399 -0.1048 0.0516  0.0251  19 ILE A CG2 
176 C CD1 . ILE A 19 ? 0.2437 0.3373 0.4666 -0.1349 0.0897  0.0216  19 ILE A CD1 
177 N N   . TRP A 20 ? 0.1480 0.2482 0.3181 -0.0664 0.0344  0.0069  20 TRP A N   
178 C CA  . TRP A 20 ? 0.1392 0.2410 0.3419 -0.0405 0.0247  0.0101  20 TRP A CA  
179 C C   . TRP A 20 ? 0.1419 0.2737 0.3940 -0.0534 -0.0071 0.0356  20 TRP A C   
180 O O   . TRP A 20 ? 0.1518 0.3027 0.4060 -0.0797 -0.0260 0.0468  20 TRP A O   
181 C CB  . TRP A 20 ? 0.1382 0.2089 0.3011 -0.0345 0.0200  -0.0056 20 TRP A CB  
182 C CG  . TRP A 20 ? 0.1455 0.2169 0.2805 -0.0651 0.0024  0.0082  20 TRP A CG  
183 C CD1 . TRP A 20 ? 0.1556 0.2298 0.3125 -0.0728 -0.0172 0.0312  20 TRP A CD1 
184 C CD2 . TRP A 20 ? 0.1566 0.2196 0.2272 -0.0842 0.0069  0.0022  20 TRP A CD2 
185 N NE1 . TRP A 20 ? 0.1741 0.2455 0.2818 -0.0930 -0.0210 0.0435  20 TRP A NE1 
186 C CE2 . TRP A 20 ? 0.1734 0.2394 0.2267 -0.0992 -0.0091 0.0236  20 TRP A CE2 
187 C CE3 . TRP A 20 ? 0.1897 0.2377 0.2096 -0.0863 0.0242  -0.0172 20 TRP A CE3 
188 C CZ2 . TRP A 20 ? 0.2247 0.2830 0.2084 -0.1113 -0.0094 0.0238  20 TRP A CZ2 
189 C CZ3 . TRP A 20 ? 0.2126 0.2494 0.1664 -0.1025 0.0190  -0.0199 20 TRP A CZ3 
190 C CH2 . TRP A 20 ? 0.2123 0.2565 0.1468 -0.1127 0.0016  -0.0006 20 TRP A CH2 
191 N N   . TYR A 21 ? 0.1428 0.2733 0.4311 -0.0291 -0.0171 0.0418  21 TYR A N   
192 C CA  . TYR A 21 ? 0.1553 0.3055 0.4822 -0.0324 -0.0474 0.0664  21 TYR A CA  
193 C C   . TYR A 21 ? 0.1730 0.2912 0.4746 -0.0399 -0.0633 0.0777  21 TYR A C   
194 O O   . TYR A 21 ? 0.1909 0.2778 0.4825 -0.0320 -0.0540 0.0643  21 TYR A O   
195 C CB  . TYR A 21 ? 0.2007 0.3614 0.5812 0.0046  -0.0484 0.0691  21 TYR A CB  
196 C CG  . TYR A 21 ? 0.2048 0.4045 0.6256 0.0194  -0.0288 0.0695  21 TYR A CG  
197 C CD1 . TYR A 21 ? 0.2605 0.4980 0.7068 -0.0029 -0.0390 0.0800  21 TYR A CD1 
198 C CD2 . TYR A 21 ? 0.3491 0.5336 0.7589 0.0588  0.0000  0.0553  21 TYR A CD2 
199 C CE1 . TYR A 21 ? 0.2601 0.5298 0.7455 0.0073  -0.0170 0.0813  21 TYR A CE1 
200 C CE2 . TYR A 21 ? 0.3487 0.5617 0.7788 0.0723  0.0249  0.0604  21 TYR A CE2 
201 C CZ  . TYR A 21 ? 0.3169 0.5769 0.7977 0.0439  0.0185  0.0758  21 TYR A CZ  
202 O OH  . TYR A 21 ? 0.3737 0.6639 0.8891 0.0545  0.0455  0.0830  21 TYR A OH  
203 N N   . ARG A 22 ? 0.1991 0.3252 0.4959 -0.0515 -0.0874 0.1032  22 ARG A N   
204 C CA  . ARG A 22 ? 0.2316 0.3258 0.5057 -0.0559 -0.0951 0.1264  22 ARG A CA  
205 C C   . ARG A 22 ? 0.2647 0.3634 0.5667 -0.0396 -0.1217 0.1514  22 ARG A C   
206 O O   . ARG A 22 ? 0.2713 0.4045 0.5834 -0.0366 -0.1420 0.1542  22 ARG A O   
207 C CB  . ARG A 22 ? 0.3202 0.4118 0.5275 -0.0766 -0.0937 0.1354  22 ARG A CB  
208 C CG  . ARG A 22 ? 0.4655 0.5331 0.6384 -0.0756 -0.0993 0.1720  22 ARG A CG  
209 C CD  . ARG A 22 ? 0.4396 0.5091 0.5333 -0.0832 -0.1022 0.1772  22 ARG A CD  
210 N NE  . ARG A 22 ? 0.4196 0.4834 0.4823 -0.0962 -0.0745 0.1600  22 ARG A NE  
211 C CZ  . ARG A 22 ? 0.5335 0.5949 0.5209 -0.0994 -0.0726 0.1578  22 ARG A CZ  
212 N NH1 . ARG A 22 ? 0.6012 0.6616 0.5344 -0.0890 -0.1007 0.1696  22 ARG A NH1 
213 N NH2 . ARG A 22 ? 0.6121 0.6703 0.5739 -0.1070 -0.0471 0.1405  22 ARG A NH2 
214 N N   . THR A 23 ? 0.2904 0.3532 0.6119 -0.0274 -0.1248 0.1673  23 THR A N   
215 C CA  . THR A 23 ? 0.3310 0.3902 0.6705 -0.0060 -0.1504 0.1910  23 THR A CA  
216 C C   . THR A 23 ? 0.4291 0.4570 0.7206 -0.0092 -0.1567 0.2299  23 THR A C   
217 O O   . THR A 23 ? 0.4386 0.4394 0.6990 -0.0266 -0.1347 0.2440  23 THR A O   
218 C CB  . THR A 23 ? 0.3993 0.4280 0.7872 0.0190  -0.1553 0.1864  23 THR A CB  
219 O OG1 . THR A 23 ? 0.3575 0.3340 0.7496 0.0065  -0.1428 0.1915  23 THR A OG1 
220 C CG2 . THR A 23 ? 0.3787 0.4339 0.7949 0.0364  -0.1448 0.1491  23 THR A CG2 
221 N N   . GLU A 24 ? 0.5435 0.5773 0.8283 0.0133  -0.1850 0.2483  24 GLU A N   
222 C CA  . GLU A 24 ? 0.6646 0.6557 0.8994 0.0271  -0.1920 0.2904  24 GLU A CA  
223 C C   . GLU A 24 ? 0.6584 0.6297 0.9218 0.0535  -0.2034 0.2893  24 GLU A C   
224 O O   . GLU A 24 ? 0.5123 0.5094 0.8282 0.0616  -0.2087 0.2601  24 GLU A O   
225 C CB  . GLU A 24 ? 0.7555 0.7725 0.9292 0.0383  -0.2177 0.2936  24 GLU A CB  
226 C CG  . GLU A 24 ? 0.7301 0.7722 0.8689 0.0137  -0.2087 0.2739  24 GLU A CG  
227 C CD  . GLU A 24 ? 0.7399 0.8276 0.8676 0.0209  -0.2499 0.2511  24 GLU A CD  
228 O OE1 . GLU A 24 ? 0.7776 0.8786 0.9164 0.0471  -0.2801 0.2473  24 GLU A OE1 
229 O OE2 . GLU A 24 ? 0.7812 0.8874 0.8895 0.0001  -0.2478 0.2276  24 GLU A OE2 
230 N N   . GLN A 25 ? 0.7302 0.6528 0.9489 0.0710  -0.2023 0.3196  25 GLN A N   
231 C CA  . GLN A 25 ? 0.7345 0.6328 0.9652 0.1006  -0.2164 0.3193  25 GLN A CA  
232 C C   . GLN A 25 ? 0.7422 0.7029 0.9902 0.1247  -0.2481 0.2928  25 GLN A C   
233 O O   . GLN A 25 ? 0.6599 0.6322 0.9453 0.1434  -0.2546 0.2732  25 GLN A O   
234 C CB  . GLN A 25 ? 0.8807 0.7147 1.0431 0.1213  -0.2098 0.3593  25 GLN A CB  
235 C CG  . GLN A 25 ? 0.9518 0.7351 1.0977 0.0946  -0.1684 0.3875  25 GLN A CG  
236 C CD  . GLN A 25 ? 1.1215 0.8474 1.1772 0.1184  -0.1544 0.4292  25 GLN A CD  
237 O OE1 . GLN A 25 ? 1.1832 0.8828 1.1935 0.1584  -0.1768 0.4390  25 GLN A OE1 
238 N NE2 . GLN A 25 ? 1.1810 0.8862 1.2038 0.0987  -0.1161 0.4519  25 GLN A NE2 
239 N N   . ALA A 26 ? 0.7564 0.7587 0.9763 0.1249  -0.2662 0.2891  26 ALA A N   
240 C CA  . ALA A 26 ? 0.7332 0.8081 0.9879 0.1366  -0.2935 0.2580  26 ALA A CA  
241 C C   . ALA A 26 ? 0.7878 0.8976 1.0206 0.1174  -0.3063 0.2472  26 ALA A C   
242 O O   . ALA A 26 ? 0.8596 0.9486 1.0191 0.1347  -0.3240 0.2608  26 ALA A O   
243 C CB  . ALA A 26 ? 0.8700 0.9435 1.0998 0.1815  -0.3211 0.2632  26 ALA A CB  
244 N N   . ALA A 27 ? 0.6619 0.8179 0.9475 0.0869  -0.2956 0.2210  27 ALA A N   
245 C CA  . ALA A 27 ? 0.4802 0.6589 0.8364 0.0795  -0.2704 0.2030  27 ALA A CA  
246 C C   . ALA A 27 ? 0.4150 0.5899 0.7817 0.0472  -0.2408 0.1957  27 ALA A C   
247 O O   . ALA A 27 ? 0.4152 0.5438 0.7567 0.0388  -0.2260 0.2138  27 ALA A O   
248 C CB  . ALA A 27 ? 0.5350 0.7827 0.9507 0.0865  -0.2795 0.1755  27 ALA A CB  
249 N N   . VAL A 28 ? 0.2887 0.5401 0.5495 0.0282  -0.0892 0.1480  28 VAL A N   
250 C CA  . VAL A 28 ? 0.2800 0.5130 0.5551 0.0089  -0.0780 0.1302  28 VAL A CA  
251 C C   . VAL A 28 ? 0.2323 0.4853 0.4990 -0.0011 -0.0880 0.1059  28 VAL A C   
252 O O   . VAL A 28 ? 0.2653 0.5503 0.5349 0.0047  -0.1097 0.0941  28 VAL A O   
253 C CB  . VAL A 28 ? 0.3233 0.5314 0.6126 0.0063  -0.0684 0.1177  28 VAL A CB  
254 C CG1 . VAL A 28 ? 0.2811 0.4669 0.5713 -0.0023 -0.0559 0.1013  28 VAL A CG1 
255 C CG2 . VAL A 28 ? 0.3075 0.4920 0.5968 0.0180  -0.0622 0.1341  28 VAL A CG2 
256 N N   . ALA A 29 ? 0.1595 0.3940 0.4181 -0.0137 -0.0752 0.0948  29 ALA A N   
257 C CA  . ALA A 29 ? 0.1791 0.4247 0.4354 -0.0249 -0.0815 0.0691  29 ALA A CA  
258 C C   . ALA A 29 ? 0.1478 0.3700 0.4228 -0.0367 -0.0639 0.0569  29 ALA A C   
259 O O   . ALA A 29 ? 0.1277 0.3225 0.3972 -0.0332 -0.0494 0.0640  29 ALA A O   
260 C CB  . ALA A 29 ? 0.2452 0.4883 0.4531 -0.0202 -0.0800 0.0688  29 ALA A CB  
261 N N   A ARG A 30 ? 0.1324 0.3576 0.4208 -0.0449 -0.0633 0.0342  30 ARG A N   
262 N N   B ARG A 30 ? 0.1323 0.3573 0.4208 -0.0449 -0.0631 0.0342  30 ARG A N   
263 C CA  A ARG A 30 ? 0.1220 0.3193 0.4109 -0.0488 -0.0412 0.0252  30 ARG A CA  
264 C CA  B ARG A 30 ? 0.1217 0.3184 0.4099 -0.0486 -0.0410 0.0256  30 ARG A CA  
265 C C   A ARG A 30 ? 0.1247 0.3253 0.4008 -0.0602 -0.0428 0.0093  30 ARG A C   
266 C C   B ARG A 30 ? 0.1246 0.3247 0.4009 -0.0601 -0.0425 0.0092  30 ARG A C   
267 O O   A ARG A 30 ? 0.2329 0.4560 0.5180 -0.0671 -0.0603 -0.0073 30 ARG A O   
268 O O   B ARG A 30 ? 0.2208 0.4427 0.5072 -0.0673 -0.0592 -0.0079 30 ARG A O   
269 C CB  A ARG A 30 ? 0.1282 0.3231 0.4503 -0.0489 -0.0319 0.0196  30 ARG A CB  
270 C CB  B ARG A 30 ? 0.2184 0.4106 0.5387 -0.0476 -0.0303 0.0213  30 ARG A CB  
271 C CG  A ARG A 30 ? 0.2063 0.3698 0.5336 -0.0422 -0.0042 0.0228  30 ARG A CG  
272 C CG  B ARG A 30 ? 0.2093 0.3701 0.5321 -0.0400 -0.0032 0.0248  30 ARG A CG  
273 C CD  A ARG A 30 ? 0.2262 0.3705 0.5402 -0.0225 0.0061  0.0395  30 ARG A CD  
274 C CD  B ARG A 30 ? 0.3039 0.4571 0.6673 -0.0345 0.0138  0.0301  30 ARG A CD  
275 N NE  A ARG A 30 ? 0.2637 0.3834 0.5891 -0.0043 0.0353  0.0466  30 ARG A NE  
276 N NE  B ARG A 30 ? 0.2638 0.4375 0.6599 -0.0502 0.0012  0.0131  30 ARG A NE  
277 C CZ  A ARG A 30 ? 0.2955 0.3950 0.5990 0.0231  0.0470  0.0535  30 ARG A CZ  
278 C CZ  B ARG A 30 ? 0.2264 0.3922 0.6397 -0.0599 0.0079  -0.0028 30 ARG A CZ  
279 N NH1 A ARG A 30 ? 0.2769 0.3773 0.5598 0.0303  0.0276  0.0500  30 ARG A NH1 
280 N NH1 B ARG A 30 ? 0.1610 0.2989 0.5565 -0.0553 0.0301  -0.0010 30 ARG A NH1 
281 N NH2 A ARG A 30 ? 0.3724 0.4411 0.6584 0.0462  0.0754  0.0605  30 ARG A NH2 
282 N NH2 B ARG A 30 ? 0.3424 0.5280 0.7936 -0.0716 -0.0090 -0.0222 30 ARG A NH2 
283 N N   . CYS A 31 ? 0.1147 0.2937 0.3716 -0.0594 -0.0284 0.0107  31 CYS A N   
284 C CA  . CYS A 31 ? 0.1222 0.2991 0.3558 -0.0671 -0.0270 -0.0024 31 CYS A CA  
285 C C   . CYS A 31 ? 0.1355 0.2910 0.3746 -0.0684 -0.0077 -0.0143 31 CYS A C   
286 O O   . CYS A 31 ? 0.1238 0.2592 0.3649 -0.0554 0.0070  -0.0071 31 CYS A O   
287 C CB  . CYS A 31 ? 0.1243 0.2920 0.3291 -0.0620 -0.0218 0.0093  31 CYS A CB  
288 S SG  . CYS A 31 ? 0.2077 0.3910 0.3985 -0.0537 -0.0320 0.0324  31 CYS A SG  
289 N N   . GLN A 32 ? 0.1284 0.2843 0.3617 -0.0777 -0.0079 -0.0329 32 GLN A N   
290 C CA  . GLN A 32 ? 0.1349 0.2646 0.3635 -0.0756 0.0145  -0.0414 32 GLN A CA  
291 C C   . GLN A 32 ? 0.1440 0.2696 0.3324 -0.0780 0.0146  -0.0517 32 GLN A C   
292 O O   . GLN A 32 ? 0.1779 0.3185 0.3473 -0.0835 -0.0013 -0.0602 32 GLN A O   
293 C CB  . GLN A 32 ? 0.1481 0.2683 0.4076 -0.0800 0.0212  -0.0511 32 GLN A CB  
294 C CG  . GLN A 32 ? 0.1542 0.2439 0.4126 -0.0735 0.0515  -0.0550 32 GLN A CG  
295 C CD  . GLN A 32 ? 0.1772 0.2521 0.4800 -0.0751 0.0658  -0.0597 32 GLN A CD  
296 O OE1 . GLN A 32 ? 0.2530 0.2995 0.5696 -0.0600 0.0985  -0.0474 32 GLN A OE1 
297 N NE2 . GLN A 32 ? 0.1936 0.2860 0.5212 -0.0891 0.0425  -0.0777 32 GLN A NE2 
298 N N   . CYS A 33 ? 0.1333 0.2380 0.3033 -0.0676 0.0318  -0.0512 33 CYS A N   
299 C CA  . CYS A 33 ? 0.1416 0.2429 0.2776 -0.0679 0.0345  -0.0592 33 CYS A CA  
300 C C   . CYS A 33 ? 0.1613 0.2541 0.2883 -0.0752 0.0401  -0.0776 33 CYS A C   
301 O O   . CYS A 33 ? 0.2218 0.2945 0.3646 -0.0724 0.0577  -0.0833 33 CYS A O   
302 C CB  . CYS A 33 ? 0.1325 0.2186 0.2584 -0.0512 0.0458  -0.0587 33 CYS A CB  
303 S SG  . CYS A 33 ? 0.1848 0.2707 0.2819 -0.0509 0.0516  -0.0681 33 CYS A SG  
304 N N   . LYS A 34 ? 0.1812 0.2857 0.2822 -0.0802 0.0275  -0.0860 34 LYS A N   
305 C CA  . LYS A 34 ? 0.2247 0.3181 0.3098 -0.0835 0.0305  -0.1075 34 LYS A CA  
306 C C   . LYS A 34 ? 0.2800 0.3618 0.3280 -0.0743 0.0470  -0.1051 34 LYS A C   
307 O O   . LYS A 34 ? 0.3355 0.3961 0.3772 -0.0716 0.0629  -0.1160 34 LYS A O   
308 C CB  . LYS A 34 ? 0.2900 0.4014 0.3597 -0.0846 0.0041  -0.1237 34 LYS A CB  
309 C CG  . LYS A 34 ? 0.3899 0.5172 0.5090 -0.0926 -0.0170 -0.1343 34 LYS A CG  
310 C CD  . LYS A 34 ? 0.5285 0.6377 0.7088 -0.1052 -0.0020 -0.1482 34 LYS A CD  
311 C CE  . LYS A 34 ? 0.5432 0.6639 0.7800 -0.1078 -0.0186 -0.1511 34 LYS A CE  
312 N NZ  . LYS A 34 ? 0.6783 0.8157 0.9138 -0.1049 -0.0553 -0.1812 34 LYS A NZ  
313 N N   . GLY A 35 ? 0.2398 0.3352 0.2698 -0.0685 0.0457  -0.0897 35 GLY A N   
314 C CA  . GLY A 35 ? 0.2308 0.3215 0.2472 -0.0602 0.0614  -0.0858 35 GLY A CA  
315 C C   . GLY A 35 ? 0.2472 0.3418 0.2240 -0.0548 0.0661  -0.0867 35 GLY A C   
316 O O   . GLY A 35 ? 0.3225 0.4050 0.2725 -0.0539 0.0666  -0.1051 35 GLY A O   
317 N N   . PRO A 36 ? 0.2394 0.3479 0.2135 -0.0482 0.0730  -0.0654 36 PRO A N   
318 C CA  . PRO A 36 ? 0.2163 0.3354 0.2333 -0.0496 0.0760  -0.0444 36 PRO A CA  
319 C C   . PRO A 36 ? 0.2510 0.3795 0.2711 -0.0507 0.0627  -0.0307 36 PRO A C   
320 O O   . PRO A 36 ? 0.2436 0.3770 0.3019 -0.0522 0.0651  -0.0141 36 PRO A O   
321 C CB  . PRO A 36 ? 0.2417 0.3678 0.2609 -0.0404 0.0990  -0.0252 36 PRO A CB  
322 C CG  . PRO A 36 ? 0.3436 0.4665 0.2978 -0.0279 0.1027  -0.0268 36 PRO A CG  
323 C CD  . PRO A 36 ? 0.3115 0.4214 0.2439 -0.0349 0.0863  -0.0594 36 PRO A CD  
324 N N   . ASP A 37 ? 0.2591 0.3904 0.2450 -0.0480 0.0464  -0.0409 37 ASP A N   
325 C CA  . ASP A 37 ? 0.2699 0.4139 0.2547 -0.0433 0.0308  -0.0298 37 ASP A CA  
326 C C   . ASP A 37 ? 0.2296 0.3750 0.2546 -0.0572 0.0143  -0.0413 37 ASP A C   
327 O O   . ASP A 37 ? 0.2150 0.3501 0.2552 -0.0668 0.0131  -0.0617 37 ASP A O   
328 C CB  . ASP A 37 ? 0.3688 0.5200 0.2981 -0.0253 0.0142  -0.0408 37 ASP A CB  
329 C CG  . ASP A 37 ? 0.5762 0.7236 0.4526 -0.0015 0.0348  -0.0246 37 ASP A CG  
330 O OD1 . ASP A 37 ? 0.6254 0.7719 0.5158 0.0043  0.0631  0.0091  37 ASP A OD1 
331 O OD2 . ASP A 37 ? 0.6792 0.8232 0.5055 0.0132  0.0246  -0.0459 37 ASP A OD2 
332 N N   . ALA A 38 ? 0.2234 0.3792 0.2664 -0.0553 0.0066  -0.0245 38 ALA A N   
333 C CA  . ALA A 38 ? 0.2000 0.3599 0.2800 -0.0643 -0.0076 -0.0319 38 ALA A CA  
334 C C   . ALA A 38 ? 0.2433 0.4225 0.3141 -0.0587 -0.0334 -0.0431 38 ALA A C   
335 O O   . ALA A 38 ? 0.2786 0.4682 0.3083 -0.0407 -0.0412 -0.0351 38 ALA A O   
336 C CB  . ALA A 38 ? 0.2260 0.3848 0.3373 -0.0639 -0.0023 -0.0104 38 ALA A CB  
337 N N   . HIS A 39 ? 0.2197 0.4034 0.3321 -0.0699 -0.0457 -0.0622 39 HIS A N   
338 C CA  . HIS A 39 ? 0.2384 0.4464 0.3656 -0.0655 -0.0762 -0.0787 39 HIS A CA  
339 C C   . HIS A 39 ? 0.2484 0.4660 0.4176 -0.0684 -0.0770 -0.0607 39 HIS A C   
340 O O   . HIS A 39 ? 0.2161 0.4216 0.4278 -0.0795 -0.0604 -0.0560 39 HIS A O   
341 C CB  . HIS A 39 ? 0.3753 0.5834 0.5418 -0.0778 -0.0879 -0.1160 39 HIS A CB  
342 C CG  . HIS A 39 ? 0.4974 0.6979 0.6181 -0.0702 -0.0950 -0.1394 39 HIS A CG  
343 N ND1 . HIS A 39 ? 0.6085 0.8147 0.7561 -0.0733 -0.1198 -0.1818 39 HIS A ND1 
344 C CD2 . HIS A 39 ? 0.5758 0.7633 0.6308 -0.0579 -0.0803 -0.1275 39 HIS A CD2 
345 C CE1 . HIS A 39 ? 0.6407 0.8354 0.7300 -0.0609 -0.1218 -0.1957 39 HIS A CE1 
346 N NE2 . HIS A 39 ? 0.6746 0.8586 0.7058 -0.0511 -0.0957 -0.1607 39 HIS A NE2 
347 N N   . CYS A 40 ? 0.2595 0.4961 0.4100 -0.0527 -0.0936 -0.0483 40 CYS A N   
348 C CA  . CYS A 40 ? 0.2204 0.4642 0.4035 -0.0524 -0.0930 -0.0279 40 CYS A CA  
349 C C   . CYS A 40 ? 0.2457 0.5223 0.4561 -0.0448 -0.1258 -0.0442 40 CYS A C   
350 O O   . CYS A 40 ? 0.2752 0.5705 0.4588 -0.0293 -0.1538 -0.0666 40 CYS A O   
351 C CB  . CYS A 40 ? 0.2887 0.5225 0.4374 -0.0394 -0.0779 0.0069  40 CYS A CB  
352 S SG  . CYS A 40 ? 0.2746 0.4768 0.4136 -0.0471 -0.0448 0.0204  40 CYS A SG  
353 N N   . GLN A 41 ? 0.2580 0.5421 0.5228 -0.0514 -0.1238 -0.0355 41 GLN A N   
354 C CA  . GLN A 41 ? 0.2554 0.5687 0.5517 -0.0440 -0.1501 -0.0462 41 GLN A CA  
355 C C   . GLN A 41 ? 0.2371 0.5592 0.5345 -0.0315 -0.1490 -0.0158 41 GLN A C   
356 O O   . GLN A 41 ? 0.1869 0.4840 0.4947 -0.0383 -0.1202 0.0052  41 GLN A O   
357 C CB  . GLN A 41 ? 0.2180 0.5168 0.5662 -0.0609 -0.1340 -0.0574 41 GLN A CB  
358 C CG  . GLN A 41 ? 0.3056 0.6289 0.6925 -0.0551 -0.1534 -0.0671 41 GLN A CG  
359 C CD  . GLN A 41 ? 0.5178 0.8664 0.8822 -0.0381 -0.1962 -0.0939 41 GLN A CD  
360 O OE1 . GLN A 41 ? 0.5656 0.9081 0.9247 -0.0391 -0.2091 -0.1237 41 GLN A OE1 
361 N NE2 . GLN A 41 ? 0.5896 0.9629 0.9328 -0.0163 -0.2179 -0.0841 41 GLN A NE2 
362 N N   . ARG A 42 ? 0.2776 0.6238 0.5441 -0.0069 -0.1748 -0.0140 42 ARG A N   
363 C CA  . ARG A 42 ? 0.3194 0.6671 0.5752 0.0087  -0.1705 0.0182  42 ARG A CA  
364 C C   . ARG A 42 ? 0.2304 0.5921 0.5456 0.0024  -0.1708 0.0088  42 ARG A C   
365 O O   . ARG A 42 ? 0.2525 0.6349 0.5942 -0.0023 -0.1871 -0.0136 42 ARG A O   
366 C CB  . ARG A 42 ? 0.4386 0.8025 0.6282 0.0460  -0.1916 0.0241  42 ARG A CB  
367 C CG  . ARG A 42 ? 0.5263 0.8723 0.6794 0.0652  -0.1703 0.0691  42 ARG A CG  
368 C CD  . ARG A 42 ? 0.6482 1.0031 0.7228 0.1108  -0.1819 0.0802  42 ARG A CD  
369 N NE  . ARG A 42 ? 0.7366 1.0827 0.7555 0.1219  -0.1799 0.0685  42 ARG A NE  
370 C CZ  . ARG A 42 ? 0.8001 1.1144 0.7662 0.1348  -0.1435 0.1016  42 ARG A CZ  
371 N NH1 . ARG A 42 ? 0.8084 1.0963 0.7802 0.1355  -0.1074 0.1460  42 ARG A NH1 
372 N NH2 . ARG A 42 ? 0.8674 1.1759 0.7828 0.1479  -0.1416 0.0901  42 ARG A NH2 
373 N N   . LEU A 43 ? 0.2530 0.5884 0.5778 -0.0001 -0.1456 0.0331  43 LEU A N   
374 C CA  . LEU A 43 ? 0.2008 0.5383 0.5658 -0.0024 -0.1362 0.0307  43 LEU A CA  
375 C C   . LEU A 43 ? 0.2240 0.5662 0.5767 0.0178  -0.1430 0.0516  43 LEU A C   
376 O O   . LEU A 43 ? 0.2733 0.5944 0.5898 0.0267  -0.1354 0.0793  43 LEU A O   
377 C CB  . LEU A 43 ? 0.1737 0.4699 0.5510 -0.0147 -0.1014 0.0417  43 LEU A CB  
378 C CG  . LEU A 43 ? 0.1826 0.4623 0.5674 -0.0306 -0.0867 0.0268  43 LEU A CG  
379 C CD1 . LEU A 43 ? 0.1837 0.4230 0.5675 -0.0285 -0.0554 0.0431  43 LEU A CD1 
380 C CD2 . LEU A 43 ? 0.2594 0.5596 0.6890 -0.0406 -0.0951 0.0034  43 LEU A CD2 
381 N N   . ALA A 44 ? 0.3505 0.4788 0.9002 -0.1393 -0.0660 0.2185  44 ALA A N   
382 C CA  . ALA A 44 ? 0.3301 0.4961 0.9055 -0.1253 -0.0649 0.2318  44 ALA A CA  
383 C C   . ALA A 44 ? 0.3235 0.4757 0.9061 -0.1083 -0.0490 0.2426  44 ALA A C   
384 O O   . ALA A 44 ? 0.3502 0.4836 0.9247 -0.1198 -0.0317 0.2449  44 ALA A O   
385 C CB  . ALA A 44 ? 0.3458 0.5545 0.9499 -0.1424 -0.0627 0.2318  44 ALA A CB  
386 N N   . SER A 45 ? 0.2980 0.4538 0.8895 -0.0854 -0.0528 0.2489  45 SER A N   
387 C CA  . SER A 45 ? 0.2940 0.4401 0.8950 -0.0708 -0.0366 0.2568  45 SER A CA  
388 C C   . SER A 45 ? 0.3841 0.5658 1.0231 -0.0580 -0.0298 0.2630  45 SER A C   
389 O O   . SER A 45 ? 0.3724 0.5772 1.0245 -0.0589 -0.0444 0.2641  45 SER A O   
390 C CB  . SER A 45 ? 0.2770 0.3934 0.8642 -0.0544 -0.0463 0.2537  45 SER A CB  
391 O OG  . SER A 45 ? 0.2634 0.3898 0.8535 -0.0450 -0.0586 0.2524  45 SER A OG  
392 N N   . GLN A 46 ? 0.2862 0.4692 0.9423 -0.0482 -0.0078 0.2657  46 GLN A N   
393 C CA  . GLN A 46 ? 0.2824 0.4942 0.9791 -0.0321 -0.0003 0.2646  46 GLN A CA  
394 C C   . GLN A 46 ? 0.2716 0.4613 0.9652 -0.0110 0.0050  0.2650  46 GLN A C   
395 O O   . GLN A 46 ? 0.2665 0.4296 0.9396 -0.0101 0.0082  0.2672  46 GLN A O   
396 C CB  . GLN A 46 ? 0.3597 0.6077 1.0937 -0.0427 0.0300  0.2564  46 GLN A CB  
397 C CG  . GLN A 46 ? 0.4316 0.7122 1.1833 -0.0632 0.0231  0.2504  46 GLN A CG  
398 C CD  . GLN A 46 ? 0.5332 0.8533 1.3256 -0.0792 0.0587  0.2359  46 GLN A CD  
399 O OE1 . GLN A 46 ? 0.5917 0.9025 1.3777 -0.0842 0.0950  0.2322  46 GLN A OE1 
400 N NE2 . GLN A 46 ? 0.5619 0.9277 1.3954 -0.0909 0.0510  0.2253  46 GLN A NE2 
401 N N   . ALA A 47 ? 0.3361 0.5349 1.0513 0.0042  0.0038  0.2605  47 ALA A N   
402 C CA  . ALA A 47 ? 0.3390 0.5140 1.0441 0.0207  0.0110  0.2535  47 ALA A CA  
403 C C   . ALA A 47 ? 0.2823 0.4697 1.0125 0.0289  0.0452  0.2469  47 ALA A C   
404 O O   . ALA A 47 ? 0.2964 0.5187 1.0624 0.0215  0.0695  0.2415  47 ALA A O   
405 C CB  . ALA A 47 ? 0.3958 0.5729 1.1147 0.0311  -0.0001 0.2489  47 ALA A CB  
406 N N   . CYS A 48 ? 0.2844 0.4437 0.9920 0.0404  0.0500  0.2435  48 CYS A N   
407 C CA  . CYS A 48 ? 0.3476 0.4924 1.0331 0.0441  0.0835  0.2291  48 CYS A CA  
408 C C   . CYS A 48 ? 0.3486 0.5274 1.1030 0.0653  0.1037  0.2146  48 CYS A C   
409 O O   . CYS A 48 ? 0.3148 0.4778 1.0626 0.0752  0.0792  0.2095  48 CYS A O   
410 C CB  . CYS A 48 ? 0.3563 0.4396 0.9652 0.0516  0.0697  0.2211  48 CYS A CB  
411 S SG  . CYS A 48 ? 0.4374 0.4872 1.0024 0.0408  0.0314  0.2325  48 CYS A SG  
412 N N   . ARG A 49 ? 0.3823 0.5765 1.1442 0.0582  0.1463  0.1965  49 ARG A N   
413 C CA  . ARG A 49 ? 0.3618 0.5872 1.1950 0.0801  0.1698  0.1737  49 ARG A CA  
414 C C   . ARG A 49 ? 0.4014 0.5819 1.2036 0.1025  0.1641  0.1606  49 ARG A C   
415 O O   . ARG A 49 ? 0.3797 0.5502 1.1958 0.1168  0.1452  0.1507  49 ARG A O   
416 C CB  . ARG A 49 ? 0.4126 0.6643 1.2566 0.0623  0.2271  0.1488  49 ARG A CB  
417 C CG  . ARG A 49 ? 0.4306 0.7070 1.3393 0.0846  0.2514  0.1144  49 ARG A CG  
418 C CD  . ARG A 49 ? 0.4892 0.7801 1.3894 0.0640  0.3225  0.0818  49 ARG A CD  
419 N NE  . ARG A 49 ? 0.5199 0.8362 1.4829 0.0832  0.3436  0.0413  49 ARG A NE  
420 C CZ  . ARG A 49 ? 0.5718 0.8618 1.5219 0.0988  0.3688  0.0129  49 ARG A CZ  
421 N NH1 . ARG A 49 ? 0.5723 0.7978 1.4195 0.0949  0.3644  0.0198  49 ARG A NH1 
422 N NH2 . ARG A 49 ? 0.5889 0.9001 1.5956 0.1137  0.3829  -0.0247 49 ARG A NH2 
423 N N   . THR A 50 ? 0.4142 0.5395 1.1146 0.0909  0.1684  0.1542  50 THR A N   
424 C CA  . THR A 50 ? 0.4287 0.5098 1.0924 0.1076  0.1568  0.1396  50 THR A CA  
425 C C   . THR A 50 ? 0.4324 0.4792 1.0479 0.1047  0.1129  0.1573  50 THR A C   
426 O O   . THR A 50 ? 0.4135 0.4441 0.9767 0.0864  0.1016  0.1710  50 THR A O   
427 C CB  . THR A 50 ? 0.5682 0.6125 1.1523 0.0973  0.1896  0.1126  50 THR A CB  
428 O OG1 . THR A 50 ? 0.5847 0.6674 1.2181 0.0950  0.2402  0.0893  50 THR A OG1 
429 C CG2 . THR A 50 ? 0.5682 0.5718 1.1238 0.1144  0.1752  0.0928  50 THR A CG2 
430 N N   . ASN A 51 ? 0.3983 0.4329 1.0364 0.1213  0.0898  0.1546  51 ASN A N   
431 C CA  . ASN A 51 ? 0.3783 0.3903 0.9675 0.1093  0.0531  0.1582  51 ASN A CA  
432 C C   . ASN A 51 ? 0.3914 0.3585 0.9393 0.1197  0.0434  0.1397  51 ASN A C   
433 O O   . ASN A 51 ? 0.4028 0.3599 0.9554 0.1272  0.0458  0.1188  51 ASN A O   
434 C CB  . ASN A 51 ? 0.3389 0.3646 0.9321 0.0963  0.0355  0.1572  51 ASN A CB  
435 C CG  . ASN A 51 ? 0.3173 0.3363 0.8767 0.0796  0.0113  0.1572  51 ASN A CG  
436 O OD1 . ASN A 51 ? 0.3218 0.3235 0.8518 0.0800  0.0006  0.1501  51 ASN A OD1 
437 N ND2 . ASN A 51 ? 0.3017 0.3312 0.8697 0.0664  0.0024  0.1646  51 ASN A ND2 
438 N N   . PRO A 52 ? 0.4287 0.3672 0.9119 0.1102  0.0269  0.1411  52 PRO A N   
439 C CA  . PRO A 52 ? 0.5818 0.4778 1.0070 0.1142  0.0058  0.1200  52 PRO A CA  
440 C C   . PRO A 52 ? 0.6000 0.4975 1.0541 0.1187  -0.0277 0.1112  52 PRO A C   
441 O O   . PRO A 52 ? 0.6125 0.4839 1.0414 0.1246  -0.0509 0.0894  52 PRO A O   
442 C CB  . PRO A 52 ? 0.5153 0.3778 0.8616 0.1010  -0.0045 0.1317  52 PRO A CB  
443 C CG  . PRO A 52 ? 0.4711 0.3604 0.8524 0.0911  -0.0051 0.1572  52 PRO A CG  
444 C CD  . PRO A 52 ? 0.4192 0.3607 0.8801 0.0944  0.0225  0.1628  52 PRO A CD  
445 N N   . CYS A 53 ? 0.3758 0.3126 0.8496 0.1017  -0.0269 0.1162  53 CYS A N   
446 C CA  . CYS A 53 ? 0.3708 0.3171 0.8474 0.0905  -0.0458 0.1001  53 CYS A CA  
447 C C   . CYS A 53 ? 0.4012 0.3471 0.9002 0.0913  -0.0406 0.0819  53 CYS A C   
448 O O   . CYS A 53 ? 0.3513 0.3020 0.8672 0.0923  -0.0218 0.0883  53 CYS A O   
449 C CB  . CYS A 53 ? 0.3152 0.2896 0.8061 0.0711  -0.0431 0.1134  53 CYS A CB  
450 S SG  . CYS A 53 ? 0.3176 0.2939 0.7929 0.0664  -0.0453 0.1356  53 CYS A SG  
451 N N   . LEU A 54 ? 0.3603 0.2993 0.8660 0.0908  -0.0590 0.0579  54 LEU A N   
452 C CA  . LEU A 54 ? 0.4353 0.3712 0.9706 0.0883  -0.0538 0.0389  54 LEU A CA  
453 C C   . LEU A 54 ? 0.3263 0.2801 0.8975 0.0677  -0.0465 0.0429  54 LEU A C   
454 O O   . LEU A 54 ? 0.3416 0.3108 0.9171 0.0565  -0.0499 0.0520  54 LEU A O   
455 C CB  . LEU A 54 ? 0.4247 0.3458 0.9645 0.0976  -0.0784 0.0057  54 LEU A CB  
456 C CG  . LEU A 54 ? 0.5410 0.4275 1.0439 0.1198  -0.0906 0.0001  54 LEU A CG  
457 C CD1 . LEU A 54 ? 0.5862 0.4561 1.0956 0.1286  -0.1250 -0.0375 54 LEU A CD1 
458 C CD2 . LEU A 54 ? 0.5302 0.4016 1.0317 0.1281  -0.0592 0.0064  54 LEU A CD2 
459 N N   . HIS A 55 ? 0.3343 0.2792 0.9338 0.0631  -0.0352 0.0365  55 HIS A N   
460 C CA  . HIS A 55 ? 0.3203 0.2703 0.9644 0.0442  -0.0291 0.0339  55 HIS A CA  
461 C C   . HIS A 55 ? 0.3036 0.2635 0.9516 0.0314  -0.0212 0.0665  55 HIS A C   
462 O O   . HIS A 55 ? 0.3536 0.3149 1.0363 0.0153  -0.0160 0.0645  55 HIS A O   
463 C CB  . HIS A 55 ? 0.3096 0.2728 0.9885 0.0386  -0.0441 -0.0024 55 HIS A CB  
464 C CG  . HIS A 55 ? 0.3335 0.2882 1.0134 0.0508  -0.0597 -0.0360 55 HIS A CG  
465 N ND1 . HIS A 55 ? 0.3879 0.3489 1.0550 0.0625  -0.0892 -0.0566 55 HIS A ND1 
466 C CD2 . HIS A 55 ? 0.4734 0.4092 1.1646 0.0536  -0.0533 -0.0527 55 HIS A CD2 
467 C CE1 . HIS A 55 ? 0.4410 0.3899 1.1137 0.0730  -0.1035 -0.0848 55 HIS A CE1 
468 N NE2 . HIS A 55 ? 0.4575 0.3920 1.1454 0.0666  -0.0796 -0.0852 55 HIS A NE2 
469 N N   . GLY A 56 ? 0.3046 0.2696 0.9210 0.0379  -0.0192 0.0933  56 GLY A N   
470 C CA  . GLY A 56 ? 0.3028 0.2790 0.9215 0.0274  -0.0183 0.1236  56 GLY A CA  
471 C C   . GLY A 56 ? 0.2722 0.2696 0.8761 0.0233  -0.0255 0.1301  56 GLY A C   
472 O O   . GLY A 56 ? 0.2653 0.2754 0.8720 0.0138  -0.0280 0.1532  56 GLY A O   
473 N N   . GLY A 57 ? 0.2686 0.2654 0.8534 0.0310  -0.0320 0.1102  57 GLY A N   
474 C CA  . GLY A 57 ? 0.2570 0.2641 0.8234 0.0285  -0.0392 0.1155  57 GLY A CA  
475 C C   . GLY A 57 ? 0.2558 0.2751 0.8104 0.0275  -0.0331 0.1421  57 GLY A C   
476 O O   . GLY A 57 ? 0.2693 0.2871 0.8212 0.0374  -0.0246 0.1489  57 GLY A O   
477 N N   . ARG A 58 ? 0.2424 0.2742 0.7999 0.0159  -0.0377 0.1543  58 ARG A N   
478 C CA  . ARG A 58 ? 0.2419 0.2891 0.7978 0.0136  -0.0346 0.1764  58 ARG A CA  
479 C C   . ARG A 58 ? 0.2460 0.2906 0.7852 0.0201  -0.0347 0.1735  58 ARG A C   
480 O O   . ARG A 58 ? 0.2453 0.2803 0.7744 0.0184  -0.0449 0.1625  58 ARG A O   
481 C CB  . ARG A 58 ? 0.2994 0.3605 0.8715 -0.0036 -0.0426 0.1948  58 ARG A CB  
482 C CG  . ARG A 58 ? 0.3786 0.4423 0.9712 -0.0108 -0.0471 0.2062  58 ARG A CG  
483 C CD  . ARG A 58 ? 0.4512 0.5326 1.0501 -0.0238 -0.0617 0.2294  58 ARG A CD  
484 N NE  . ARG A 58 ? 0.5085 0.5850 1.1039 -0.0278 -0.0721 0.2515  58 ARG A NE  
485 C CZ  . ARG A 58 ? 0.6181 0.6630 1.1847 -0.0410 -0.0680 0.2490  58 ARG A CZ  
486 N NH1 . ARG A 58 ? 0.6546 0.6887 1.2140 -0.0506 -0.0514 0.2182  58 ARG A NH1 
487 N NH2 . ARG A 58 ? 0.6620 0.6843 1.2026 -0.0505 -0.0781 0.2716  58 ARG A NH2 
488 N N   . CYS A 59 ? 0.2564 0.3075 0.8009 0.0289  -0.0238 0.1848  59 CYS A N   
489 C CA  . CYS A 59 ? 0.2691 0.3145 0.8063 0.0350  -0.0210 0.1910  59 CYS A CA  
490 C C   . CYS A 59 ? 0.2587 0.3267 0.8209 0.0222  -0.0196 0.2128  59 CYS A C   
491 O O   . CYS A 59 ? 0.2536 0.3442 0.8457 0.0188  -0.0131 0.2258  59 CYS A O   
492 C CB  . CYS A 59 ? 0.3591 0.3966 0.9026 0.0532  -0.0040 0.1926  59 CYS A CB  
493 S SG  . CYS A 59 ? 0.3955 0.3994 0.9176 0.0601  0.0031  0.2101  59 CYS A SG  
494 N N   . LEU A 60 ? 0.2641 0.3203 0.8127 0.0156  -0.0296 0.2153  60 LEU A N   
495 C CA  . LEU A 60 ? 0.2569 0.3322 0.8328 0.0016  -0.0307 0.2358  60 LEU A CA  
496 C C   . LEU A 60 ? 0.2987 0.3398 0.8476 -0.0008 -0.0231 0.2484  60 LEU A C   
497 O O   . LEU A 60 ? 0.3347 0.3288 0.8291 0.0041  -0.0335 0.2375  60 LEU A O   
498 C CB  . LEU A 60 ? 0.3128 0.3887 0.8869 -0.0124 -0.0486 0.2271  60 LEU A CB  
499 C CG  . LEU A 60 ? 0.3132 0.3922 0.8877 -0.0184 -0.0518 0.2198  60 LEU A CG  
500 C CD1 . LEU A 60 ? 0.3763 0.4385 0.9463 -0.0221 -0.0639 0.2000  60 LEU A CD1 
501 C CD2 . LEU A 60 ? 0.4302 0.5211 1.0065 -0.0233 -0.0563 0.2383  60 LEU A CD2 
502 N N   . GLU A 61 ? 0.3073 0.3720 0.8787 -0.0166 -0.0031 0.2633  61 GLU A N   
503 C CA  . GLU A 61 ? 0.3941 0.4249 0.9171 -0.0335 0.0164  0.2681  61 GLU A CA  
504 C C   . GLU A 61 ? 0.3821 0.4072 0.8982 -0.0605 0.0124  0.2750  61 GLU A C   
505 O O   . GLU A 61 ? 0.3539 0.4315 0.9145 -0.0691 0.0134  0.2720  61 GLU A O   
506 C CB  . GLU A 61 ? 0.4107 0.4773 0.9595 -0.0366 0.0542  0.2662  61 GLU A CB  
507 C CG  . GLU A 61 ? 0.4567 0.4806 0.9379 -0.0574 0.0844  0.2675  61 GLU A CG  
508 C CD  . GLU A 61 ? 0.6108 0.6686 1.1160 -0.0565 0.1271  0.2542  61 GLU A CD  
509 O OE1 . GLU A 61 ? 0.5680 0.6246 1.0757 -0.0309 0.1266  0.2417  61 GLU A OE1 
510 O OE2 . GLU A 61 ? 0.6824 0.7699 1.2102 -0.0827 0.1636  0.2520  61 GLU A OE2 
511 N N   . VAL A 62 ? 0.4386 0.3969 0.8853 -0.0674 0.0011  0.2751  62 VAL A N   
512 C CA  . VAL A 62 ? 0.4714 0.4106 0.8961 -0.0907 -0.0029 0.2746  62 VAL A CA  
513 C C   . VAL A 62 ? 0.5801 0.4385 0.9184 -0.1065 0.0054  0.2862  62 VAL A C   
514 O O   . VAL A 62 ? 0.6091 0.4093 0.8910 -0.0898 -0.0116 0.2881  62 VAL A O   
515 C CB  . VAL A 62 ? 0.6063 0.5345 1.0360 -0.0815 -0.0365 0.2594  62 VAL A CB  
516 C CG1 . VAL A 62 ? 0.5969 0.5934 1.0902 -0.0813 -0.0411 0.2516  62 VAL A CG1 
517 C CG2 . VAL A 62 ? 0.6742 0.5651 1.0785 -0.0542 -0.0613 0.2472  62 VAL A CG2 
518 N N   . GLU A 63 ? 0.6656 0.5163 0.9868 -0.1397 0.0286  0.2919  63 GLU A N   
519 C CA  . GLU A 63 ? 0.8258 0.5960 1.0540 -0.1652 0.0466  0.3067  63 GLU A CA  
520 C C   . GLU A 63 ? 0.8657 0.6277 1.0655 -0.1637 0.0728  0.3175  63 GLU A C   
521 O O   . GLU A 63 ? 0.9898 0.6662 1.0912 -0.1687 0.0684  0.3318  63 GLU A O   
522 C CB  . GLU A 63 ? 0.9247 0.5998 1.0764 -0.1542 0.0076  0.3089  63 GLU A CB  
523 C CG  . GLU A 63 ? 0.8997 0.5875 1.0940 -0.1484 -0.0187 0.2933  63 GLU A CG  
524 C CD  . GLU A 63 ? 0.8359 0.4719 0.9895 -0.1810 -0.0075 0.2984  63 GLU A CD  
525 O OE1 . GLU A 63 ? 1.0301 0.6371 1.1346 -0.2137 0.0283  0.3120  63 GLU A OE1 
526 O OE2 . GLU A 63 ? 0.8303 0.4542 1.0036 -0.1762 -0.0306 0.2867  63 GLU A OE2 
527 N N   . GLY A 64 ? 0.8314 0.6801 1.1166 -0.1551 0.0980  0.3094  64 GLY A N   
528 C CA  . GLY A 64 ? 0.8163 0.6742 1.0807 -0.1441 0.1243  0.2991  64 GLY A CA  
529 C C   . GLY A 64 ? 0.8326 0.6457 1.0499 -0.1086 0.0880  0.2948  64 GLY A C   
530 O O   . GLY A 64 ? 0.8395 0.6480 1.0266 -0.0993 0.1050  0.2840  64 GLY A O   
531 N N   . HIS A 65 ? 0.8293 0.6135 1.0475 -0.0900 0.0395  0.2980  65 HIS A N   
532 C CA  . HIS A 65 ? 0.8219 0.5618 1.0026 -0.0588 -0.0008 0.2907  65 HIS A CA  
533 C C   . HIS A 65 ? 0.7299 0.5364 0.9993 -0.0292 -0.0149 0.2723  65 HIS A C   
534 O O   . HIS A 65 ? 0.6049 0.4570 0.9422 -0.0306 -0.0206 0.2708  65 HIS A O   
535 C CB  . HIS A 65 ? 0.9174 0.5820 1.0473 -0.0571 -0.0445 0.2983  65 HIS A CB  
536 C CG  . HIS A 65 ? 0.9586 0.5850 1.0550 -0.0241 -0.0896 0.2819  65 HIS A CG  
537 N ND1 . HIS A 65 ? 0.8746 0.5523 1.0387 0.0035  -0.1127 0.2511  65 HIS A ND1 
538 C CD2 . HIS A 65 ? 1.1008 0.6479 1.1032 -0.0177 -0.1148 0.2886  65 HIS A CD2 
539 C CE1 . HIS A 65 ? 0.9387 0.5803 1.0667 0.0261  -0.1472 0.2367  65 HIS A CE1 
540 N NE2 . HIS A 65 ? 1.1036 0.6660 1.1346 0.0168  -0.1537 0.2597  65 HIS A NE2 
541 N N   . ARG A 66 ? 0.7437 0.5502 1.0044 -0.0069 -0.0196 0.2581  66 ARG A N   
542 C CA  . ARG A 66 ? 0.6268 0.4884 0.9624 0.0160  -0.0255 0.2416  66 ARG A CA  
543 C C   . ARG A 66 ? 0.5697 0.4208 0.9118 0.0347  -0.0661 0.2216  66 ARG A C   
544 O O   . ARG A 66 ? 0.6498 0.4548 0.9437 0.0474  -0.0910 0.2116  66 ARG A O   
545 C CB  . ARG A 66 ? 0.5784 0.4526 0.9097 0.0270  -0.0021 0.2290  66 ARG A CB  
546 C CG  . ARG A 66 ? 0.5970 0.5027 0.9398 0.0107  0.0460  0.2321  66 ARG A CG  
547 C CD  . ARG A 66 ? 0.6473 0.5556 0.9818 0.0233  0.0683  0.2124  66 ARG A CD  
548 N NE  . ARG A 66 ? 0.7251 0.6864 1.1146 0.0165  0.1145  0.2056  66 ARG A NE  
549 C CZ  . ARG A 66 ? 0.7431 0.7239 1.1604 0.0307  0.1390  0.1839  66 ARG A CZ  
550 N NH1 . ARG A 66 ? 0.7098 0.6591 1.0971 0.0492  0.1221  0.1686  66 ARG A NH1 
551 N NH2 . ARG A 66 ? 0.7308 0.7649 1.2145 0.0270  0.1798  0.1734  66 ARG A NH2 
552 N N   . LEU A 67 ? 0.4086 0.3120 0.8030 0.0314  -0.0688 0.2067  67 LEU A N   
553 C CA  . LEU A 67 ? 0.4042 0.3153 0.8082 0.0381  -0.0916 0.1769  67 LEU A CA  
554 C C   . LEU A 67 ? 0.3373 0.2897 0.7792 0.0404  -0.0802 0.1623  67 LEU A C   
555 O O   . LEU A 67 ? 0.3102 0.2943 0.7805 0.0347  -0.0598 0.1753  67 LEU A O   
556 C CB  . LEU A 67 ? 0.3665 0.2906 0.7953 0.0244  -0.0989 0.1742  67 LEU A CB  
557 C CG  . LEU A 67 ? 0.4718 0.3501 0.8626 0.0173  -0.1085 0.1888  67 LEU A CG  
558 C CD1 . LEU A 67 ? 0.4574 0.3536 0.8853 0.0030  -0.1118 0.1855  67 LEU A CD1 
559 C CD2 . LEU A 67 ? 0.4852 0.3056 0.8236 0.0329  -0.1373 0.1775  67 LEU A CD2 
560 N N   . CYS A 68 ? 0.3338 0.2825 0.7781 0.0475  -0.0945 0.1358  68 CYS A N   
561 C CA  . CYS A 68 ? 0.3001 0.2756 0.7743 0.0440  -0.0832 0.1236  68 CYS A CA  
562 C C   . CYS A 68 ? 0.2740 0.2648 0.7832 0.0312  -0.0874 0.1089  68 CYS A C   
563 O O   . CYS A 68 ? 0.2888 0.2687 0.8058 0.0347  -0.1055 0.0872  68 CYS A O   
564 C CB  . CYS A 68 ? 0.3206 0.2796 0.7832 0.0592  -0.0914 0.1052  68 CYS A CB  
565 S SG  . CYS A 68 ? 0.3566 0.2926 0.7903 0.0751  -0.0808 0.1210  68 CYS A SG  
566 N N   . HIS A 69 ? 0.2518 0.2642 0.7862 0.0172  -0.0724 0.1212  69 HIS A N   
567 C CA  . HIS A 69 ? 0.2565 0.2756 0.8281 0.0058  -0.0724 0.1087  69 HIS A CA  
568 C C   . HIS A 69 ? 0.2305 0.2493 0.8202 0.0072  -0.0655 0.0955  69 HIS A C   
569 O O   . HIS A 69 ? 0.2287 0.2522 0.8215 0.0037  -0.0541 0.1142  69 HIS A O   
570 C CB  . HIS A 69 ? 0.2604 0.2916 0.8458 -0.0088 -0.0657 0.1334  69 HIS A CB  
571 C CG  . HIS A 69 ? 0.2802 0.3203 0.8848 -0.0159 -0.0627 0.1137  69 HIS A CG  
572 N ND1 . HIS A 69 ? 0.3078 0.3486 0.9254 -0.0180 -0.0677 0.0847  69 HIS A ND1 
573 C CD2 . HIS A 69 ? 0.3382 0.3924 0.9364 -0.0318 -0.0490 0.1093  69 HIS A CD2 
574 C CE1 . HIS A 69 ? 0.4541 0.5132 1.0708 -0.0365 -0.0517 0.0599  69 HIS A CE1 
575 N NE2 . HIS A 69 ? 0.4116 0.4767 1.0093 -0.0490 -0.0395 0.0756  69 HIS A NE2 
576 N N   . CYS A 70 ? 0.3526 0.3273 1.0793 0.0646  -0.0354 0.0392  70 CYS A N   
577 C CA  . CYS A 70 ? 0.3875 0.3630 1.1735 0.0590  -0.0346 0.0211  70 CYS A CA  
578 C C   . CYS A 70 ? 0.3738 0.3549 1.2076 0.0444  -0.0108 0.0287  70 CYS A C   
579 O O   . CYS A 70 ? 0.3608 0.3475 1.1888 0.0401  -0.0009 0.0413  70 CYS A O   
580 C CB  . CYS A 70 ? 0.3879 0.3694 1.1966 0.0643  -0.0585 -0.0065 70 CYS A CB  
581 S SG  . CYS A 70 ? 0.3876 0.3649 1.1501 0.0832  -0.0854 -0.0184 70 CYS A SG  
582 N N   . PRO A 71 ? 0.3595 0.3395 1.2410 0.0375  -0.0006 0.0214  71 PRO A N   
583 C CA  . PRO A 71 ? 0.4360 0.4226 1.3708 0.0240  0.0228  0.0271  71 PRO A CA  
584 C C   . PRO A 71 ? 0.4390 0.4320 1.4233 0.0191  0.0125  0.0046  71 PRO A C   
585 O O   . PRO A 71 ? 0.3665 0.3602 1.3466 0.0264  -0.0130 -0.0174 71 PRO A O   
586 C CB  . PRO A 71 ? 0.3996 0.3833 1.3662 0.0200  0.0344  0.0247  71 PRO A CB  
587 C CG  . PRO A 71 ? 0.4317 0.4086 1.3886 0.0297  0.0081  0.0016  71 PRO A CG  
588 C CD  . PRO A 71 ? 0.3738 0.3465 1.2621 0.0423  -0.0094 0.0079  71 PRO A CD  
589 N N   . VAL A 72 ? 0.4822 0.4792 1.5104 0.0074  0.0326  0.0106  72 VAL A N   
590 C CA  . VAL A 72 ? 0.4626 0.4620 1.5408 0.0013  0.0256  -0.0108 72 VAL A CA  
591 C C   . VAL A 72 ? 0.4030 0.4043 1.5269 0.0003  0.0107  -0.0406 72 VAL A C   
592 O O   . VAL A 72 ? 0.4390 0.4402 1.5772 -0.0008 0.0184  -0.0401 72 VAL A O   
593 C CB  . VAL A 72 ? 0.5265 0.5236 1.6182 -0.0021 0.0525  0.0027  72 VAL A CB  
594 C CG1 . VAL A 72 ? 0.5780 0.5749 1.7040 -0.0035 0.0447  -0.0177 72 VAL A CG1 
595 C CG2 . VAL A 72 ? 0.5438 0.5399 1.5897 -0.0001 0.0676  0.0318  72 VAL A CG2 
596 N N   . GLY A 73 ? 0.4802 0.4843 1.6223 0.0025  -0.0111 -0.0674 73 GLY A N   
597 C CA  . GLY A 73 ? 0.4333 0.4411 1.6190 0.0024  -0.0282 -0.1001 73 GLY A CA  
598 C C   . GLY A 73 ? 0.4059 0.4152 1.5494 0.0181  -0.0576 -0.1159 73 GLY A C   
599 O O   . GLY A 73 ? 0.4199 0.4340 1.5907 0.0214  -0.0780 -0.1470 73 GLY A O   
600 N N   . TYR A 74 ? 0.4676 0.4722 1.5429 0.0285  -0.0597 -0.0947 74 TYR A N   
601 C CA  . TYR A 74 ? 0.4066 0.4099 1.4351 0.0448  -0.0845 -0.1047 74 TYR A CA  
602 C C   . TYR A 74 ? 0.3984 0.4017 1.3637 0.0546  -0.0919 -0.0888 74 TYR A C   
603 O O   . TYR A 74 ? 0.3930 0.3950 1.3404 0.0495  -0.0755 -0.0650 74 TYR A O   
604 C CB  . TYR A 74 ? 0.4113 0.4053 1.4204 0.0490  -0.0792 -0.0960 74 TYR A CB  
605 C CG  . TYR A 74 ? 0.4198 0.4150 1.4925 0.0390  -0.0706 -0.1110 74 TYR A CG  
606 C CD1 . TYR A 74 ? 0.5101 0.5103 1.6138 0.0435  -0.0919 -0.1450 74 TYR A CD1 
607 C CD2 . TYR A 74 ? 0.4115 0.4053 1.5143 0.0256  -0.0408 -0.0916 74 TYR A CD2 
608 C CE1 . TYR A 74 ? 0.4450 0.4487 1.6112 0.0339  -0.0843 -0.1601 74 TYR A CE1 
609 C CE2 . TYR A 74 ? 0.4428 0.4408 1.6071 0.0165  -0.0311 -0.1042 74 TYR A CE2 
610 C CZ  . TYR A 74 ? 0.4355 0.4384 1.6326 0.0203  -0.0531 -0.1387 74 TYR A CZ  
611 O OH  . TYR A 74 ? 0.4598 0.4700 1.7219 0.0115  -0.0438 -0.1522 74 TYR A OH  
612 N N   . THR A 75 ? 0.4087 0.4147 1.3415 0.0693  -0.1165 -0.1026 75 THR A N   
613 C CA  . THR A 75 ? 0.4037 0.4105 1.2773 0.0796  -0.1244 -0.0888 75 THR A CA  
614 C C   . THR A 75 ? 0.4190 0.4258 1.2556 0.0968  -0.1463 -0.0997 75 THR A C   
615 O O   . THR A 75 ? 0.4317 0.4365 1.2848 0.1002  -0.1530 -0.1149 75 THR A O   
616 C CB  . THR A 75 ? 0.4599 0.4762 1.3479 0.0770  -0.1307 -0.0979 75 THR A CB  
617 O OG1 . THR A 75 ? 0.3948 0.4116 1.2266 0.0855  -0.1350 -0.0816 75 THR A OG1 
618 C CG2 . THR A 75 ? 0.4177 0.4428 1.3368 0.0823  -0.1528 -0.1324 75 THR A CG2 
619 N N   . GLY A 76 ? 0.4196 0.4288 1.2060 0.1081  -0.1565 -0.0916 76 GLY A N   
620 C CA  . GLY A 76 ? 0.4361 0.4462 1.1821 0.1258  -0.1744 -0.0976 76 GLY A CA  
621 C C   . GLY A 76 ? 0.4308 0.4302 1.1222 0.1314  -0.1641 -0.0699 76 GLY A C   
622 O O   . GLY A 76 ? 0.4168 0.4080 1.1067 0.1210  -0.1444 -0.0499 76 GLY A O   
623 N N   . PRO A 77 ? 0.4596 0.4599 1.1051 0.1481  -0.1766 -0.0683 77 PRO A N   
624 C CA  . PRO A 77 ? 0.4420 0.4331 1.0321 0.1550  -0.1674 -0.0426 77 PRO A CA  
625 C C   . PRO A 77 ? 0.4398 0.4193 1.0388 0.1492  -0.1548 -0.0359 77 PRO A C   
626 O O   . PRO A 77 ? 0.4306 0.4010 0.9948 0.1469  -0.1396 -0.0115 77 PRO A O   
627 C CB  . PRO A 77 ? 0.6238 0.6214 1.1799 0.1747  -0.1849 -0.0500 77 PRO A CB  
628 C CG  . PRO A 77 ? 0.5906 0.5993 1.1902 0.1777  -0.2042 -0.0840 77 PRO A CG  
629 C CD  . PRO A 77 ? 0.4948 0.5067 1.1386 0.1622  -0.1993 -0.0912 77 PRO A CD  
630 N N   . PHE A 78 ? 0.4491 0.4292 1.0944 0.1466  -0.1605 -0.0584 78 PHE A N   
631 C CA  . PHE A 78 ? 0.4499 0.4186 1.1056 0.1419  -0.1485 -0.0535 78 PHE A CA  
632 C C   . PHE A 78 ? 0.4436 0.4122 1.1657 0.1246  -0.1371 -0.0643 78 PHE A C   
633 O O   . PHE A 78 ? 0.4508 0.4134 1.1986 0.1214  -0.1326 -0.0719 78 PHE A O   
634 C CB  . PHE A 78 ? 0.4712 0.4395 1.1153 0.1574  -0.1643 -0.0692 78 PHE A CB  
635 C CG  . PHE A 78 ? 0.5545 0.5248 1.1342 0.1753  -0.1729 -0.0566 78 PHE A CG  
636 C CD1 . PHE A 78 ? 0.5680 0.5279 1.0984 0.1796  -0.1601 -0.0302 78 PHE A CD1 
637 C CD2 . PHE A 78 ? 0.5365 0.5204 1.1055 0.1876  -0.1919 -0.0706 78 PHE A CD2 
638 C CE1 . PHE A 78 ? 0.5693 0.5329 1.0437 0.1952  -0.1647 -0.0171 78 PHE A CE1 
639 C CE2 . PHE A 78 ? 0.5468 0.5342 1.0591 0.2035  -0.1961 -0.0563 78 PHE A CE2 
640 C CZ  . PHE A 78 ? 0.5504 0.5282 1.0171 0.2069  -0.1817 -0.0290 78 PHE A CZ  
641 N N   . CYS A 79 ? 0.4310 0.4065 1.1809 0.1132  -0.1311 -0.0640 79 CYS A N   
642 C CA  . CYS A 79 ? 0.4257 0.4038 1.2419 0.0965  -0.1188 -0.0735 79 CYS A CA  
643 C C   . CYS A 79 ? 0.4712 0.4546 1.3356 0.0985  -0.1344 -0.1079 79 CYS A C   
644 O O   . CYS A 79 ? 0.4451 0.4267 1.3596 0.0872  -0.1233 -0.1157 79 CYS A O   
645 C CB  . CYS A 79 ? 0.4157 0.3837 1.2346 0.0856  -0.0918 -0.0499 79 CYS A CB  
646 S SG  . CYS A 79 ? 0.3964 0.3599 1.1564 0.0835  -0.0735 -0.0119 79 CYS A SG  
647 N N   . ASP A 80 ? 0.4576 0.4487 1.3055 0.1131  -0.1598 -0.1283 80 ASP A N   
648 C CA  . ASP A 80 ? 0.4841 0.4817 1.3653 0.1191  -0.1788 -0.1629 80 ASP A CA  
649 C C   . ASP A 80 ? 0.4821 0.4939 1.4134 0.1138  -0.1913 -0.1918 80 ASP A C   
650 O O   . ASP A 80 ? 0.4971 0.5163 1.4727 0.1138  -0.2044 -0.2241 80 ASP A O   
651 C CB  . ASP A 80 ? 0.4946 0.4936 1.3214 0.1412  -0.1993 -0.1678 80 ASP A CB  
652 C CG  . ASP A 80 ? 0.7714 0.7715 1.6201 0.1482  -0.2125 -0.1949 80 ASP A CG  
653 O OD1 . ASP A 80 ? 0.8070 0.8134 1.7198 0.1384  -0.2158 -0.2223 80 ASP A OD1 
654 O OD2 . ASP A 80 ? 0.7531 0.7487 1.5557 0.1636  -0.2190 -0.1889 80 ASP A OD2 
655 N N   . VAL A 81 ? 0.4699 0.4857 1.3935 0.1096  -0.1875 -0.1813 81 VAL A N   
656 C CA  . VAL A 81 ? 0.4738 0.5016 1.4415 0.1044  -0.1973 -0.2065 81 VAL A CA  
657 C C   . VAL A 81 ? 0.4623 0.4887 1.4931 0.0831  -0.1762 -0.2049 81 VAL A C   
658 O O   . VAL A 81 ? 0.4449 0.4652 1.4677 0.0736  -0.1542 -0.1766 81 VAL A O   
659 C CB  . VAL A 81 ? 0.4693 0.5026 1.3973 0.1117  -0.2047 -0.1978 81 VAL A CB  
660 C CG1 . VAL A 81 ? 0.4734 0.5172 1.4469 0.1053  -0.2124 -0.2224 81 VAL A CG1 
661 C CG2 . VAL A 81 ? 0.4838 0.5205 1.3538 0.1331  -0.2244 -0.1999 81 VAL A CG2 
662 N N   . ASP A 82 ? 0.4738 0.5065 1.5676 0.0759  -0.1822 -0.2355 82 ASP A N   
663 C CA  . ASP A 82 ? 0.4873 0.5194 1.6462 0.0557  -0.1613 -0.2351 82 ASP A CA  
664 C C   . ASP A 82 ? 0.5239 0.5592 1.6867 0.0513  -0.1594 -0.2329 82 ASP A C   
665 O O   . ASP A 82 ? 0.5218 0.5647 1.6724 0.0612  -0.1807 -0.2529 82 ASP A O   
666 C CB  . ASP A 82 ? 0.4822 0.5211 1.7100 0.0493  -0.1700 -0.2710 82 ASP A CB  
667 C CG  . ASP A 82 ? 0.5245 0.5621 1.8185 0.0286  -0.1430 -0.2641 82 ASP A CG  
668 O OD1 . ASP A 82 ? 0.5013 0.5350 1.7950 0.0219  -0.1231 -0.2443 82 ASP A OD1 
669 O OD2 . ASP A 82 ? 0.5782 0.6198 1.9044 0.0266  -0.1373 -0.2728 82 ASP A OD2 
670 N N   . THR A 83 ? 0.4808 0.5104 1.6573 0.0380  -0.1335 -0.2084 83 THR A N   
671 C CA  . THR A 83 ? 0.5326 0.5635 1.7161 0.0339  -0.1299 -0.2071 83 THR A CA  
672 C C   . THR A 83 ? 0.5724 0.6016 1.8270 0.0220  -0.1230 -0.2289 83 THR A C   
673 O O   . THR A 83 ? 0.6360 0.6657 1.8981 0.0210  -0.1191 -0.2302 83 THR A O   
674 C CB  . THR A 83 ? 0.4390 0.4647 1.5896 0.0295  -0.1071 -0.1693 83 THR A CB  
675 O OG1 . THR A 83 ? 0.5067 0.5247 1.6930 0.0152  -0.0791 -0.1528 83 THR A OG1 
676 C CG2 . THR A 83 ? 0.4124 0.4369 1.4928 0.0416  -0.1123 -0.1482 83 THR A CG2 
677 N N   . ALA A 84 ? 0.5256 0.5579 1.8139 0.0203  -0.1186 -0.2409 84 ALA A N   
678 C CA  . ALA A 84 ? 0.5819 0.6173 1.9195 0.0171  -0.1095 -0.2577 84 ALA A CA  
679 C C   . ALA A 84 ? 0.6091 0.6538 1.9742 0.0232  -0.1307 -0.2941 84 ALA A C   
680 O O   . ALA A 84 ? 0.6395 0.6910 2.0019 0.0323  -0.1557 -0.3220 84 ALA A O   
681 C CB  . ALA A 84 ? 0.5636 0.5920 1.9226 0.0074  -0.0750 -0.2325 84 ALA A CB  
# 
